data_7PBR
#
_entry.id   7PBR
#
loop_
_entity.id
_entity.type
_entity.pdbx_description
1 polymer 'Holliday junction ATP-dependent DNA helicase RuvB'
2 polymer 'random DNA'
3 polymer 'random DNA'
4 non-polymer 'PHOSPHOTHIOPHOSPHORIC ACID-ADENYLATE ESTER'
5 non-polymer 'MAGNESIUM ION'
6 non-polymer "ADENOSINE-5'-DIPHOSPHATE"
#
loop_
_entity_poly.entity_id
_entity_poly.type
_entity_poly.pdbx_seq_one_letter_code
_entity_poly.pdbx_strand_id
1 'polypeptide(L)'
;TLRPQYFKEYIGQDKVKDQLKIFIEAAKLRDEALDHTLLFGPPGLGKTTMAFVIANEMGVNLKQTSGPAIEKAGDLVAIL
NDLEPGDILFIDEIHRMPMAVEEVLYSAMEDYYIDIMIGAGETSRSVHLDLPPFTLVGATTRAGMLSNPLRARFGINGHM
EYYELPDLTEIVERTSEIFEMTITPEAALELARRSRGTPRIANRLLKRVRDYAQIMGDGVIDDKIADQALTMLDVDHEGL
DYVDQKILRTMIEMYGGGPVGLGTLSVNIAEERETVEDMYEPYLIQKGFIMRTRTGRVATAKAYEHMGYDYTRDN
;
A,B,C,D,E,F
2 'polydeoxyribonucleotide' (DG)(DA)(DA)(DC)(DC)(DT)(DT)(DC)(DG)(DA)(DG)(DG)(DA)(DA)(DG) U
3 'polydeoxyribonucleotide' (DC)(DT)(DT)(DC)(DC)(DT)(DC)(DG)(DA)(DA)(DG)(DG)(DT)(DT)(DC) V
#
loop_
_chem_comp.id
_chem_comp.type
_chem_comp.name
_chem_comp.formula
ADP non-polymer ADENOSINE-5'-DIPHOSPHATE 'C10 H15 N5 O10 P2'
AGS non-polymer 'PHOSPHOTHIOPHOSPHORIC ACID-ADENYLATE ESTER' 'C10 H16 N5 O12 P3 S'
DA DNA linking 2'-DEOXYADENOSINE-5'-MONOPHOSPHATE 'C10 H14 N5 O6 P'
DC DNA linking 2'-DEOXYCYTIDINE-5'-MONOPHOSPHATE 'C9 H14 N3 O7 P'
DG DNA linking 2'-DEOXYGUANOSINE-5'-MONOPHOSPHATE 'C10 H14 N5 O7 P'
DT DNA linking THYMIDINE-5'-MONOPHOSPHATE 'C10 H15 N2 O8 P'
MG non-polymer 'MAGNESIUM ION' 'Mg 2'
#
# COMPACT_ATOMS: atom_id res chain seq x y z
N THR A 1 -23.27 28.18 -30.73
CA THR A 1 -22.33 27.40 -29.93
C THR A 1 -22.99 26.10 -29.45
N LEU A 2 -22.16 25.08 -29.23
CA LEU A 2 -22.67 23.77 -28.82
C LEU A 2 -23.33 23.81 -27.44
N ARG A 3 -22.67 24.40 -26.46
CA ARG A 3 -23.23 24.44 -25.11
C ARG A 3 -24.30 25.51 -24.97
N PRO A 4 -25.53 25.17 -24.62
CA PRO A 4 -26.55 26.18 -24.37
C PRO A 4 -26.08 27.20 -23.34
N GLN A 5 -26.48 28.46 -23.55
CA GLN A 5 -26.04 29.55 -22.67
C GLN A 5 -27.11 30.03 -21.70
N TYR A 6 -28.38 29.74 -21.91
CA TYR A 6 -29.44 30.26 -21.06
C TYR A 6 -30.53 29.22 -20.87
N PHE A 7 -31.37 29.43 -19.86
CA PHE A 7 -32.46 28.49 -19.58
C PHE A 7 -33.42 28.36 -20.76
N LYS A 8 -33.52 29.38 -21.61
CA LYS A 8 -34.38 29.24 -22.78
C LYS A 8 -33.83 28.22 -23.76
N GLU A 9 -32.50 28.08 -23.82
CA GLU A 9 -31.83 27.15 -24.71
C GLU A 9 -31.68 25.75 -24.14
N TYR A 10 -31.67 25.60 -22.82
CA TYR A 10 -31.45 24.31 -22.19
C TYR A 10 -32.70 23.44 -22.30
N ILE A 11 -32.68 22.52 -23.26
CA ILE A 11 -33.79 21.58 -23.48
C ILE A 11 -33.76 20.49 -22.42
N GLY A 12 -34.95 20.13 -21.92
CA GLY A 12 -35.08 19.07 -20.92
C GLY A 12 -34.76 19.47 -19.49
N GLN A 13 -34.63 18.46 -18.64
CA GLN A 13 -34.37 18.65 -17.21
C GLN A 13 -35.38 19.59 -16.57
N ASP A 14 -36.65 19.41 -16.93
CA ASP A 14 -37.71 20.28 -16.42
C ASP A 14 -37.72 20.35 -14.90
N LYS A 15 -37.59 19.21 -14.22
CA LYS A 15 -37.61 19.21 -12.76
C LYS A 15 -36.47 20.02 -12.16
N VAL A 16 -35.27 19.90 -12.72
CA VAL A 16 -34.13 20.67 -12.21
C VAL A 16 -34.29 22.15 -12.55
N LYS A 17 -34.65 22.46 -13.79
CA LYS A 17 -34.80 23.85 -14.20
C LYS A 17 -35.87 24.58 -13.39
N ASP A 18 -37.03 23.97 -13.22
CA ASP A 18 -38.11 24.62 -12.49
C ASP A 18 -37.68 25.10 -11.10
N GLN A 19 -37.00 24.25 -10.35
CA GLN A 19 -36.54 24.65 -9.02
C GLN A 19 -35.49 25.75 -9.09
N LEU A 20 -34.47 25.58 -9.94
CA LEU A 20 -33.42 26.58 -10.04
C LEU A 20 -33.96 27.96 -10.41
N LYS A 21 -34.96 28.02 -11.28
CA LYS A 21 -35.55 29.31 -11.64
C LYS A 21 -36.13 30.03 -10.42
N ILE A 22 -36.93 29.33 -9.62
CA ILE A 22 -37.54 29.94 -8.45
C ILE A 22 -36.49 30.42 -7.45
N PHE A 23 -35.48 29.60 -7.19
CA PHE A 23 -34.45 29.99 -6.22
C PHE A 23 -33.59 31.14 -6.71
N ILE A 24 -33.28 31.18 -8.01
CA ILE A 24 -32.48 32.29 -8.53
C ILE A 24 -33.24 33.61 -8.44
N GLU A 25 -34.53 33.62 -8.79
CA GLU A 25 -35.31 34.85 -8.71
C GLU A 25 -35.43 35.36 -7.27
N ALA A 26 -35.68 34.45 -6.33
CA ALA A 26 -35.83 34.88 -4.94
C ALA A 26 -34.55 35.53 -4.41
N ALA A 27 -33.39 34.98 -4.78
CA ALA A 27 -32.12 35.57 -4.35
C ALA A 27 -31.93 36.97 -4.89
N LYS A 28 -32.29 37.20 -6.16
CA LYS A 28 -32.16 38.53 -6.73
C LYS A 28 -33.06 39.54 -6.04
N LEU A 29 -34.31 39.16 -5.74
CA LEU A 29 -35.19 40.10 -5.06
C LEU A 29 -34.60 40.53 -3.72
N ARG A 30 -34.00 39.59 -2.98
CA ARG A 30 -33.35 39.93 -1.72
C ARG A 30 -31.97 40.52 -1.94
N ASP A 31 -31.42 40.44 -3.14
CA ASP A 31 -30.07 40.89 -3.45
C ASP A 31 -29.05 40.16 -2.57
N GLU A 32 -29.09 38.84 -2.65
CA GLU A 32 -28.21 37.97 -1.88
C GLU A 32 -27.58 36.94 -2.81
N ALA A 33 -26.51 36.31 -2.34
CA ALA A 33 -25.88 35.26 -3.10
C ALA A 33 -26.70 33.99 -3.01
N LEU A 34 -26.69 33.20 -4.09
CA LEU A 34 -27.42 31.95 -4.11
C LEU A 34 -26.78 30.93 -3.18
N ASP A 35 -27.61 30.10 -2.56
CA ASP A 35 -27.10 29.05 -1.69
C ASP A 35 -26.23 28.06 -2.45
N HIS A 36 -25.32 27.42 -1.72
CA HIS A 36 -24.44 26.41 -2.30
C HIS A 36 -25.25 25.31 -2.95
N THR A 37 -24.82 24.85 -4.13
CA THR A 37 -25.57 23.86 -4.89
C THR A 37 -24.66 22.75 -5.40
N LEU A 38 -25.14 21.50 -5.29
CA LEU A 38 -24.41 20.32 -5.73
C LEU A 38 -25.16 19.64 -6.87
N LEU A 39 -24.51 19.46 -8.01
CA LEU A 39 -25.07 18.78 -9.17
C LEU A 39 -24.42 17.41 -9.29
N PHE A 40 -25.22 16.35 -9.44
CA PHE A 40 -24.67 15.01 -9.52
C PHE A 40 -25.56 14.13 -10.38
N GLY A 41 -24.98 13.02 -10.87
CA GLY A 41 -25.68 12.08 -11.71
C GLY A 41 -24.82 11.40 -12.76
N PRO A 42 -25.46 10.61 -13.63
CA PRO A 42 -24.71 9.85 -14.65
C PRO A 42 -23.86 10.71 -15.56
N PRO A 43 -22.86 10.11 -16.20
CA PRO A 43 -21.97 10.85 -17.11
C PRO A 43 -22.65 11.42 -18.36
N GLY A 44 -22.30 12.66 -18.68
CA GLY A 44 -22.73 13.29 -19.91
C GLY A 44 -24.15 13.79 -20.00
N LEU A 45 -24.87 13.91 -18.88
CA LEU A 45 -26.25 14.37 -18.95
C LEU A 45 -26.40 15.89 -18.96
N GLY A 46 -25.35 16.64 -18.65
CA GLY A 46 -25.45 18.10 -18.69
C GLY A 46 -25.04 18.81 -17.42
N LYS A 47 -24.24 18.16 -16.58
CA LYS A 47 -23.85 18.76 -15.30
C LYS A 47 -22.93 19.98 -15.51
N THR A 48 -21.85 19.82 -16.26
CA THR A 48 -20.96 20.95 -16.52
C THR A 48 -21.68 22.09 -17.21
N THR A 49 -22.50 21.78 -18.22
CA THR A 49 -23.22 22.80 -18.96
C THR A 49 -24.11 23.65 -18.05
N MET A 50 -24.85 23.00 -17.15
CA MET A 50 -25.74 23.72 -16.25
C MET A 50 -24.99 24.71 -15.35
N ALA A 51 -23.76 24.41 -14.96
CA ALA A 51 -23.03 25.33 -14.09
C ALA A 51 -22.80 26.68 -14.75
N PHE A 52 -22.46 26.70 -16.04
CA PHE A 52 -22.27 27.96 -16.74
C PHE A 52 -23.58 28.71 -16.92
N VAL A 53 -24.68 27.99 -17.15
CA VAL A 53 -26.00 28.63 -17.28
C VAL A 53 -26.37 29.35 -16.00
N ILE A 54 -26.17 28.72 -14.84
CA ILE A 54 -26.49 29.35 -13.57
C ILE A 54 -25.71 30.66 -13.42
N ALA A 55 -24.44 30.66 -13.81
CA ALA A 55 -23.66 31.90 -13.70
C ALA A 55 -24.22 33.01 -14.58
N ASN A 56 -24.64 32.68 -15.80
CA ASN A 56 -25.22 33.69 -16.67
C ASN A 56 -26.54 34.22 -16.12
N GLU A 57 -27.37 33.36 -15.54
CA GLU A 57 -28.64 33.84 -15.00
C GLU A 57 -28.44 34.73 -13.79
N MET A 58 -27.47 34.41 -12.92
CA MET A 58 -27.17 35.29 -11.80
C MET A 58 -26.48 36.57 -12.26
N GLY A 59 -25.79 36.51 -13.39
CA GLY A 59 -25.10 37.67 -13.92
C GLY A 59 -23.84 38.05 -13.17
N VAL A 60 -22.97 37.06 -12.92
CA VAL A 60 -21.74 37.26 -12.18
C VAL A 60 -20.61 36.50 -12.86
N ASN A 61 -19.38 36.85 -12.49
CA ASN A 61 -18.21 36.19 -13.03
C ASN A 61 -18.07 34.78 -12.45
N LEU A 62 -17.57 33.86 -13.28
CA LEU A 62 -17.38 32.48 -12.90
C LEU A 62 -15.89 32.17 -12.75
N LYS A 63 -15.51 31.65 -11.59
CA LYS A 63 -14.14 31.21 -11.32
C LYS A 63 -14.13 29.69 -11.37
N GLN A 64 -13.24 29.13 -12.18
CA GLN A 64 -13.23 27.69 -12.44
C GLN A 64 -11.92 27.04 -12.02
N THR A 65 -12.04 25.84 -11.48
CA THR A 65 -10.90 25.01 -11.09
C THR A 65 -11.39 23.55 -11.07
N SER A 66 -10.54 22.64 -10.60
CA SER A 66 -10.91 21.24 -10.54
C SER A 66 -10.32 20.56 -9.31
N GLY A 67 -10.99 19.52 -8.85
CA GLY A 67 -10.56 18.74 -7.71
C GLY A 67 -9.13 18.25 -7.76
N PRO A 68 -8.73 17.61 -8.86
CA PRO A 68 -7.34 17.14 -8.95
C PRO A 68 -6.30 18.25 -8.98
N ALA A 69 -6.67 19.47 -9.32
CA ALA A 69 -5.71 20.56 -9.34
C ALA A 69 -5.39 21.10 -7.95
N ILE A 70 -6.25 20.85 -6.97
CA ILE A 70 -6.02 21.30 -5.59
C ILE A 70 -5.30 20.17 -4.88
N GLU A 71 -3.98 20.32 -4.74
CA GLU A 71 -3.14 19.30 -4.15
C GLU A 71 -2.97 19.43 -2.64
N LYS A 72 -3.03 20.64 -2.10
CA LYS A 72 -2.76 20.86 -0.70
C LYS A 72 -3.49 22.10 -0.21
N ALA A 73 -3.57 22.22 1.12
CA ALA A 73 -4.31 23.31 1.75
C ALA A 73 -3.86 24.69 1.29
N GLY A 74 -2.57 24.86 1.02
CA GLY A 74 -2.10 26.15 0.53
C GLY A 74 -2.67 26.54 -0.81
N ASP A 75 -3.03 25.54 -1.64
CA ASP A 75 -3.63 25.85 -2.93
C ASP A 75 -5.04 26.40 -2.76
N LEU A 76 -5.86 25.71 -1.97
CA LEU A 76 -7.23 26.17 -1.72
C LEU A 76 -7.26 27.53 -1.06
N VAL A 77 -6.39 27.76 -0.07
CA VAL A 77 -6.36 29.06 0.62
C VAL A 77 -6.03 30.19 -0.36
N ALA A 78 -5.15 29.94 -1.32
CA ALA A 78 -4.85 30.96 -2.31
C ALA A 78 -6.07 31.30 -3.16
N ILE A 79 -6.80 30.28 -3.61
CA ILE A 79 -7.99 30.49 -4.43
C ILE A 79 -9.03 31.32 -3.68
N LEU A 80 -9.27 31.00 -2.41
CA LEU A 80 -10.28 31.73 -1.64
C LEU A 80 -9.92 33.19 -1.43
N ASN A 81 -8.64 33.53 -1.31
CA ASN A 81 -8.25 34.92 -1.19
C ASN A 81 -8.57 35.74 -2.43
N ASP A 82 -8.75 35.11 -3.58
CA ASP A 82 -9.05 35.79 -4.82
C ASP A 82 -10.53 36.03 -5.05
N LEU A 83 -11.40 35.53 -4.17
CA LEU A 83 -12.83 35.75 -4.32
C LEU A 83 -13.23 37.19 -4.03
N GLU A 84 -14.26 37.66 -4.74
CA GLU A 84 -14.88 38.96 -4.57
C GLU A 84 -16.34 38.77 -4.17
N PRO A 85 -16.93 39.75 -3.47
CA PRO A 85 -18.33 39.60 -3.06
C PRO A 85 -19.28 39.22 -4.19
N GLY A 86 -19.96 38.10 -4.03
CA GLY A 86 -20.91 37.58 -5.00
C GLY A 86 -20.32 36.66 -6.04
N ASP A 87 -19.01 36.43 -6.04
CA ASP A 87 -18.39 35.53 -7.01
C ASP A 87 -18.95 34.12 -6.89
N ILE A 88 -18.93 33.40 -8.00
CA ILE A 88 -19.30 31.99 -8.05
C ILE A 88 -18.03 31.18 -8.25
N LEU A 89 -17.81 30.19 -7.38
CA LEU A 89 -16.68 29.28 -7.49
C LEU A 89 -17.20 27.91 -7.91
N PHE A 90 -16.68 27.38 -9.02
CA PHE A 90 -17.08 26.09 -9.54
C PHE A 90 -15.92 25.12 -9.46
N ILE A 91 -16.12 24.01 -8.74
CA ILE A 91 -15.10 22.97 -8.59
C ILE A 91 -15.63 21.70 -9.25
N ASP A 92 -15.05 21.35 -10.40
CA ASP A 92 -15.45 20.13 -11.09
C ASP A 92 -14.73 18.92 -10.52
N GLU A 93 -15.36 17.76 -10.61
CA GLU A 93 -14.84 16.51 -10.03
C GLU A 93 -14.43 16.71 -8.57
N ILE A 94 -15.32 17.37 -7.82
CA ILE A 94 -15.06 17.69 -6.42
C ILE A 94 -14.78 16.45 -5.56
N HIS A 95 -15.16 15.25 -6.02
CA HIS A 95 -14.89 14.04 -5.25
C HIS A 95 -13.42 13.65 -5.19
N ARG A 96 -12.56 14.23 -6.01
CA ARG A 96 -11.14 13.88 -6.01
C ARG A 96 -10.31 14.64 -4.98
N MET A 97 -10.81 15.71 -4.39
CA MET A 97 -10.04 16.44 -3.40
C MET A 97 -9.65 15.54 -2.22
N PRO A 98 -8.47 15.71 -1.64
CA PRO A 98 -8.10 14.92 -0.47
C PRO A 98 -8.84 15.35 0.79
N MET A 99 -9.08 14.38 1.67
CA MET A 99 -9.83 14.63 2.90
C MET A 99 -9.21 15.74 3.75
N ALA A 100 -7.89 15.82 3.79
CA ALA A 100 -7.24 16.87 4.58
C ALA A 100 -7.55 18.26 4.08
N VAL A 101 -7.96 18.40 2.82
CA VAL A 101 -8.33 19.69 2.26
C VAL A 101 -9.84 19.90 2.29
N GLU A 102 -10.60 18.83 2.08
CA GLU A 102 -12.05 18.91 2.18
C GLU A 102 -12.49 19.46 3.54
N GLU A 103 -11.83 19.05 4.61
CA GLU A 103 -12.19 19.53 5.94
C GLU A 103 -11.86 21.00 6.16
N VAL A 104 -11.26 21.68 5.20
CA VAL A 104 -11.05 23.11 5.34
C VAL A 104 -12.32 23.86 4.92
N LEU A 105 -13.05 23.31 3.95
CA LEU A 105 -14.29 23.91 3.47
C LEU A 105 -15.38 23.93 4.53
N TYR A 106 -15.30 23.07 5.55
CA TYR A 106 -16.36 22.99 6.54
C TYR A 106 -16.68 24.35 7.16
N SER A 107 -15.66 25.07 7.60
CA SER A 107 -15.88 26.37 8.24
C SER A 107 -16.14 27.48 7.22
N ALA A 108 -15.48 27.41 6.06
CA ALA A 108 -15.69 28.43 5.03
C ALA A 108 -17.14 28.49 4.57
N MET A 109 -17.74 27.33 4.29
CA MET A 109 -19.12 27.30 3.80
C MET A 109 -20.13 27.79 4.84
N GLU A 110 -19.95 27.43 6.12
CA GLU A 110 -20.92 27.87 7.12
C GLU A 110 -20.69 29.27 7.65
N ASP A 111 -19.45 29.65 7.97
CA ASP A 111 -19.20 30.92 8.62
C ASP A 111 -18.26 31.85 7.88
N TYR A 112 -17.80 31.48 6.69
CA TYR A 112 -16.98 32.35 5.86
C TYR A 112 -15.67 32.78 6.53
N TYR A 113 -15.05 31.89 7.31
CA TYR A 113 -13.74 32.19 7.86
C TYR A 113 -12.87 30.94 7.82
N ILE A 114 -11.56 31.15 7.95
CA ILE A 114 -10.58 30.06 7.96
C ILE A 114 -9.53 30.33 9.02
N ASP A 115 -9.11 29.28 9.73
CA ASP A 115 -8.01 29.36 10.67
C ASP A 115 -6.70 29.10 9.93
N ILE A 116 -5.72 29.98 10.13
CA ILE A 116 -4.43 29.88 9.47
C ILE A 116 -3.32 30.23 10.45
N MET A 117 -2.15 29.62 10.25
CA MET A 117 -0.96 29.92 11.04
C MET A 117 -0.10 30.93 10.29
N ILE A 118 0.31 31.99 10.99
CA ILE A 118 1.14 33.05 10.43
C ILE A 118 2.29 33.35 11.38
N GLY A 119 3.33 33.98 10.83
CA GLY A 119 4.50 34.37 11.59
C GLY A 119 5.79 33.85 10.98
N ALA A 120 6.89 34.32 11.57
CA ALA A 120 8.26 34.02 11.14
C ALA A 120 8.69 32.58 11.44
N GLY A 121 7.91 31.85 12.22
CA GLY A 121 8.25 30.49 12.62
C GLY A 121 8.94 30.45 13.96
N GLU A 122 9.65 31.52 14.32
CA GLU A 122 10.14 31.65 15.69
C GLU A 122 8.97 32.05 16.57
N THR A 123 8.25 33.08 16.15
CA THR A 123 7.01 33.52 16.74
C THR A 123 5.93 33.30 15.68
N SER A 124 4.79 32.76 16.09
CA SER A 124 3.68 32.58 15.17
C SER A 124 2.38 32.51 15.95
N ARG A 125 1.29 32.80 15.25
CA ARG A 125 -0.03 32.76 15.86
C ARG A 125 -1.08 32.37 14.83
N SER A 126 -2.18 31.83 15.33
CA SER A 126 -3.34 31.51 14.52
C SER A 126 -4.16 32.77 14.30
N VAL A 127 -4.73 32.89 13.10
CA VAL A 127 -5.54 34.06 12.77
C VAL A 127 -6.71 33.66 11.88
N HIS A 128 -7.81 34.40 12.01
CA HIS A 128 -8.97 34.24 11.16
C HIS A 128 -8.85 35.04 9.87
N LEU A 129 -9.16 34.39 8.76
CA LEU A 129 -9.34 35.06 7.47
C LEU A 129 -10.85 35.19 7.28
N ASP A 130 -11.31 36.38 6.93
CA ASP A 130 -12.74 36.62 6.76
C ASP A 130 -13.04 36.70 5.28
N LEU A 131 -14.01 35.87 4.82
CA LEU A 131 -14.33 35.74 3.41
C LEU A 131 -15.57 36.55 3.03
N PRO A 132 -15.60 37.11 1.83
CA PRO A 132 -16.80 37.77 1.33
C PRO A 132 -17.86 36.75 0.96
N PRO A 133 -19.11 37.17 0.81
CA PRO A 133 -20.17 36.22 0.42
C PRO A 133 -19.89 35.62 -0.95
N PHE A 134 -20.03 34.29 -1.06
CA PHE A 134 -19.76 33.59 -2.30
C PHE A 134 -20.62 32.34 -2.37
N THR A 135 -20.82 31.84 -3.59
CA THR A 135 -21.57 30.62 -3.84
C THR A 135 -20.65 29.55 -4.41
N LEU A 136 -20.48 28.46 -3.68
CA LEU A 136 -19.72 27.30 -4.14
C LEU A 136 -20.63 26.37 -4.93
N VAL A 137 -20.23 26.02 -6.15
CA VAL A 137 -20.93 25.05 -6.98
C VAL A 137 -20.05 23.83 -7.17
N GLY A 138 -20.59 22.64 -6.90
CA GLY A 138 -19.87 21.39 -7.08
C GLY A 138 -20.58 20.49 -8.06
N ALA A 139 -19.80 19.75 -8.83
CA ALA A 139 -20.32 18.75 -9.76
C ALA A 139 -19.55 17.45 -9.55
N THR A 140 -20.28 16.34 -9.49
CA THR A 140 -19.64 15.06 -9.27
C THR A 140 -20.47 13.94 -9.90
N THR A 141 -19.78 12.90 -10.36
CA THR A 141 -20.43 11.73 -10.91
C THR A 141 -20.81 10.71 -9.84
N ARG A 142 -20.22 10.80 -8.66
CA ARG A 142 -20.50 9.87 -7.56
C ARG A 142 -20.44 10.62 -6.25
N ALA A 143 -21.61 11.01 -5.75
CA ALA A 143 -21.72 11.75 -4.50
C ALA A 143 -21.34 10.92 -3.29
N GLY A 144 -21.42 9.59 -3.39
CA GLY A 144 -21.11 8.72 -2.26
C GLY A 144 -19.68 8.83 -1.76
N MET A 145 -18.78 9.41 -2.54
CA MET A 145 -17.41 9.58 -2.08
C MET A 145 -17.23 10.82 -1.19
N LEU A 146 -18.18 11.75 -1.20
CA LEU A 146 -18.11 12.92 -0.34
C LEU A 146 -18.50 12.55 1.09
N SER A 147 -17.73 13.06 2.05
CA SER A 147 -18.04 12.79 3.45
C SER A 147 -19.39 13.39 3.84
N ASN A 148 -20.03 12.78 4.83
CA ASN A 148 -21.33 13.24 5.28
C ASN A 148 -21.36 14.69 5.73
N PRO A 149 -20.38 15.20 6.48
CA PRO A 149 -20.45 16.61 6.91
C PRO A 149 -20.35 17.60 5.77
N LEU A 150 -19.75 17.22 4.65
CA LEU A 150 -19.70 18.14 3.50
C LEU A 150 -21.03 18.17 2.75
N ARG A 151 -21.55 17.00 2.38
CA ARG A 151 -22.82 16.97 1.67
C ARG A 151 -23.93 17.69 2.43
N ALA A 152 -23.91 17.63 3.75
CA ALA A 152 -24.93 18.31 4.55
C ALA A 152 -24.88 19.82 4.44
N ARG A 153 -23.78 20.38 3.96
CA ARG A 153 -23.65 21.84 3.85
C ARG A 153 -24.17 22.39 2.53
N PHE A 154 -24.42 21.55 1.52
CA PHE A 154 -25.00 22.02 0.27
C PHE A 154 -26.50 22.22 0.44
N GLY A 155 -26.97 23.44 0.18
CA GLY A 155 -28.38 23.75 0.36
C GLY A 155 -29.30 23.36 -0.78
N ILE A 156 -28.78 23.30 -2.01
CA ILE A 156 -29.57 22.94 -3.18
C ILE A 156 -28.94 21.73 -3.84
N ASN A 157 -29.70 20.65 -3.97
CA ASN A 157 -29.24 19.41 -4.59
C ASN A 157 -29.96 19.17 -5.91
N GLY A 158 -29.20 18.94 -6.97
CA GLY A 158 -29.76 18.67 -8.28
C GLY A 158 -29.36 17.32 -8.84
N HIS A 159 -30.32 16.40 -8.97
CA HIS A 159 -30.09 15.07 -9.52
C HIS A 159 -30.56 15.04 -10.97
N MET A 160 -29.64 14.74 -11.90
CA MET A 160 -29.94 14.71 -13.32
C MET A 160 -30.55 13.38 -13.75
N GLU A 161 -31.38 13.42 -14.79
CA GLU A 161 -32.06 12.24 -15.32
C GLU A 161 -31.86 12.12 -16.82
N TYR A 162 -32.09 10.90 -17.33
CA TYR A 162 -32.01 10.62 -18.76
C TYR A 162 -33.12 11.32 -19.55
N TYR A 163 -32.82 11.64 -20.80
CA TYR A 163 -33.74 12.33 -21.70
C TYR A 163 -34.65 11.37 -22.46
N GLU A 164 -35.87 11.83 -22.71
CA GLU A 164 -36.87 11.08 -23.48
C GLU A 164 -36.74 11.36 -24.97
N LEU A 165 -37.34 10.48 -25.78
CA LEU A 165 -37.26 10.63 -27.23
C LEU A 165 -37.78 11.97 -27.73
N PRO A 166 -38.89 12.53 -27.23
CA PRO A 166 -39.34 13.83 -27.72
C PRO A 166 -38.31 14.93 -27.51
N ASP A 167 -37.69 14.98 -26.33
CA ASP A 167 -36.70 16.00 -26.03
C ASP A 167 -35.37 15.72 -26.72
N LEU A 168 -34.95 14.46 -26.78
CA LEU A 168 -33.68 14.12 -27.41
C LEU A 168 -33.71 14.41 -28.91
N THR A 169 -34.87 14.29 -29.55
CA THR A 169 -34.98 14.60 -30.97
C THR A 169 -34.68 16.05 -31.26
N GLU A 170 -35.14 16.97 -30.40
CA GLU A 170 -34.88 18.39 -30.61
C GLU A 170 -33.41 18.74 -30.50
N ILE A 171 -32.66 18.05 -29.64
CA ILE A 171 -31.23 18.31 -29.51
C ILE A 171 -30.50 17.95 -30.80
N VAL A 172 -30.90 16.86 -31.45
CA VAL A 172 -30.29 16.46 -32.72
C VAL A 172 -30.51 17.52 -33.78
N GLU A 173 -31.74 18.02 -33.90
CA GLU A 173 -32.05 19.06 -34.88
C GLU A 173 -31.26 20.34 -34.61
N ARG A 174 -31.24 20.79 -33.36
CA ARG A 174 -30.46 21.98 -33.01
C ARG A 174 -29.02 21.86 -33.47
N THR A 175 -28.39 20.72 -33.24
CA THR A 175 -27.00 20.54 -33.63
C THR A 175 -26.82 20.58 -35.14
N SER A 176 -27.80 20.10 -35.91
CA SER A 176 -27.70 20.15 -37.36
C SER A 176 -27.65 21.58 -37.88
N GLU A 177 -28.24 22.53 -37.15
CA GLU A 177 -28.13 23.92 -37.56
C GLU A 177 -26.71 24.43 -37.43
N ILE A 178 -26.02 24.08 -36.34
CA ILE A 178 -24.66 24.55 -36.15
C ILE A 178 -23.74 23.98 -37.23
N PHE A 179 -23.91 22.70 -37.56
CA PHE A 179 -23.13 22.11 -38.64
C PHE A 179 -23.66 22.47 -40.02
N GLU A 180 -24.74 23.25 -40.09
CA GLU A 180 -25.34 23.67 -41.36
C GLU A 180 -25.72 22.48 -42.24
N MET A 181 -26.23 21.42 -41.64
CA MET A 181 -26.65 20.23 -42.37
C MET A 181 -28.16 20.13 -42.41
N THR A 182 -28.71 19.94 -43.61
CA THR A 182 -30.13 19.69 -43.77
C THR A 182 -30.43 18.27 -43.29
N ILE A 183 -31.38 18.12 -42.37
CA ILE A 183 -31.74 16.82 -41.85
C ILE A 183 -33.26 16.66 -41.89
N THR A 184 -33.71 15.55 -42.47
CA THR A 184 -35.13 15.25 -42.51
C THR A 184 -35.63 14.92 -41.10
N PRO A 185 -36.84 15.35 -40.74
CA PRO A 185 -37.35 15.04 -39.39
C PRO A 185 -37.38 13.54 -39.08
N GLU A 186 -37.54 12.69 -40.10
CA GLU A 186 -37.51 11.25 -39.89
C GLU A 186 -36.12 10.77 -39.51
N ALA A 187 -35.09 11.33 -40.13
CA ALA A 187 -33.71 10.94 -39.82
C ALA A 187 -33.33 11.37 -38.41
N ALA A 188 -33.82 12.52 -37.95
CA ALA A 188 -33.53 12.96 -36.60
C ALA A 188 -34.06 11.99 -35.55
N LEU A 189 -35.22 11.38 -35.81
CA LEU A 189 -35.78 10.42 -34.88
C LEU A 189 -35.00 9.12 -34.86
N GLU A 190 -34.47 8.68 -36.00
CA GLU A 190 -33.68 7.46 -36.04
C GLU A 190 -32.42 7.57 -35.19
N LEU A 191 -31.68 8.67 -35.32
CA LEU A 191 -30.48 8.86 -34.50
C LEU A 191 -30.82 8.97 -33.02
N ALA A 192 -31.92 9.64 -32.69
CA ALA A 192 -32.31 9.78 -31.29
C ALA A 192 -32.62 8.44 -30.63
N ARG A 193 -33.34 7.55 -31.32
CA ARG A 193 -33.67 6.25 -30.74
C ARG A 193 -32.44 5.38 -30.50
N ARG A 194 -31.31 5.67 -31.12
CA ARG A 194 -30.09 4.89 -30.95
C ARG A 194 -29.07 5.54 -30.02
N SER A 195 -29.42 6.62 -29.34
CA SER A 195 -28.48 7.38 -28.53
C SER A 195 -28.56 7.09 -27.03
N ARG A 196 -29.22 6.00 -26.64
CA ARG A 196 -29.31 5.59 -25.23
C ARG A 196 -29.70 6.74 -24.30
N GLY A 197 -30.57 7.63 -24.76
CA GLY A 197 -30.99 8.73 -23.91
C GLY A 197 -29.91 9.69 -23.46
N THR A 198 -28.76 9.72 -24.13
CA THR A 198 -27.64 10.55 -23.69
C THR A 198 -27.28 11.56 -24.77
N PRO A 199 -27.23 12.86 -24.45
CA PRO A 199 -26.91 13.84 -25.50
C PRO A 199 -25.53 13.69 -26.12
N ARG A 200 -24.50 13.36 -25.33
CA ARG A 200 -23.16 13.22 -25.89
C ARG A 200 -23.09 12.12 -26.94
N ILE A 201 -23.79 11.01 -26.73
CA ILE A 201 -23.79 9.94 -27.72
C ILE A 201 -24.49 10.39 -29.00
N ALA A 202 -25.61 11.11 -28.87
CA ALA A 202 -26.31 11.62 -30.05
C ALA A 202 -25.44 12.55 -30.88
N ASN A 203 -24.72 13.47 -30.23
CA ASN A 203 -23.84 14.36 -30.99
C ASN A 203 -22.70 13.60 -31.66
N ARG A 204 -22.19 12.55 -31.02
CA ARG A 204 -21.13 11.76 -31.63
C ARG A 204 -21.60 11.06 -32.90
N LEU A 205 -22.78 10.42 -32.85
CA LEU A 205 -23.32 9.76 -34.02
C LEU A 205 -23.62 10.74 -35.15
N LEU A 206 -24.13 11.92 -34.82
CA LEU A 206 -24.42 12.90 -35.86
C LEU A 206 -23.16 13.33 -36.60
N LYS A 207 -22.04 13.49 -35.90
CA LYS A 207 -20.80 13.88 -36.57
C LYS A 207 -20.32 12.80 -37.53
N ARG A 208 -20.43 11.53 -37.15
CA ARG A 208 -20.04 10.46 -38.06
C ARG A 208 -20.94 10.39 -39.29
N VAL A 209 -22.25 10.51 -39.09
CA VAL A 209 -23.18 10.47 -40.21
C VAL A 209 -22.98 11.66 -41.13
N ARG A 210 -22.68 12.82 -40.58
CA ARG A 210 -22.41 14.01 -41.38
C ARG A 210 -21.19 13.81 -42.29
N ASP A 211 -20.10 13.25 -41.77
CA ASP A 211 -18.92 13.03 -42.59
C ASP A 211 -19.20 12.06 -43.75
N TYR A 212 -19.93 10.99 -43.48
CA TYR A 212 -20.25 10.01 -44.52
C TYR A 212 -21.08 10.62 -45.64
N ALA A 213 -22.16 11.32 -45.30
CA ALA A 213 -23.04 11.89 -46.32
C ALA A 213 -22.37 12.93 -47.21
N GLN A 214 -21.34 13.61 -46.73
CA GLN A 214 -20.65 14.60 -47.55
C GLN A 214 -19.50 14.03 -48.39
N ILE A 215 -19.06 12.81 -48.14
CA ILE A 215 -17.99 12.19 -48.91
C ILE A 215 -18.53 11.27 -50.01
N MET A 216 -19.63 10.59 -49.75
CA MET A 216 -20.26 9.71 -50.72
C MET A 216 -21.77 9.91 -50.62
N GLY A 217 -22.18 11.07 -51.11
CA GLY A 217 -23.56 11.51 -51.08
C GLY A 217 -23.61 12.90 -51.66
N ASP A 218 -24.74 13.59 -51.44
CA ASP A 218 -24.89 14.95 -51.96
C ASP A 218 -25.01 15.98 -50.85
N GLY A 219 -24.53 15.66 -49.65
CA GLY A 219 -24.57 16.61 -48.55
C GLY A 219 -25.93 16.76 -47.89
N VAL A 220 -26.76 15.73 -47.88
CA VAL A 220 -28.04 15.75 -47.20
C VAL A 220 -28.20 14.45 -46.43
N ILE A 221 -28.61 14.54 -45.17
CA ILE A 221 -28.88 13.37 -44.35
C ILE A 221 -30.36 13.04 -44.53
N ASP A 222 -30.64 12.05 -45.37
CA ASP A 222 -31.99 11.56 -45.59
C ASP A 222 -32.15 10.21 -44.89
N ASP A 223 -33.38 9.70 -44.89
CA ASP A 223 -33.64 8.43 -44.23
C ASP A 223 -32.93 7.26 -44.89
N LYS A 224 -32.51 7.38 -46.15
CA LYS A 224 -31.78 6.31 -46.81
C LYS A 224 -30.27 6.36 -46.53
N ILE A 225 -29.69 7.55 -46.52
CA ILE A 225 -28.27 7.69 -46.22
C ILE A 225 -27.99 7.28 -44.78
N ALA A 226 -28.83 7.71 -43.84
CA ALA A 226 -28.62 7.36 -42.44
C ALA A 226 -28.56 5.86 -42.23
N ASP A 227 -29.44 5.10 -42.91
CA ASP A 227 -29.41 3.65 -42.77
C ASP A 227 -28.08 3.06 -43.21
N GLN A 228 -27.51 3.56 -44.31
CA GLN A 228 -26.23 3.04 -44.75
C GLN A 228 -25.10 3.42 -43.80
N ALA A 229 -25.09 4.67 -43.35
CA ALA A 229 -24.05 5.13 -42.44
C ALA A 229 -24.09 4.37 -41.11
N LEU A 230 -25.29 4.20 -40.55
CA LEU A 230 -25.43 3.49 -39.29
C LEU A 230 -25.06 2.01 -39.42
N THR A 231 -25.29 1.41 -40.58
CA THR A 231 -24.89 0.03 -40.79
C THR A 231 -23.37 -0.12 -40.77
N MET A 232 -22.66 0.87 -41.32
CA MET A 232 -21.20 0.83 -41.31
C MET A 232 -20.66 0.94 -39.89
N LEU A 233 -21.25 1.81 -39.08
CA LEU A 233 -20.84 1.94 -37.68
C LEU A 233 -21.26 0.75 -36.83
N ASP A 234 -22.14 -0.11 -37.36
CA ASP A 234 -22.62 -1.29 -36.66
C ASP A 234 -23.35 -0.96 -35.35
N VAL A 235 -24.36 -0.10 -35.46
CA VAL A 235 -25.20 0.28 -34.34
C VAL A 235 -26.61 -0.19 -34.68
N ASP A 236 -27.15 -1.09 -33.86
CA ASP A 236 -28.47 -1.65 -34.12
C ASP A 236 -29.54 -0.57 -34.02
N HIS A 237 -30.74 -0.90 -34.52
CA HIS A 237 -31.84 0.05 -34.46
C HIS A 237 -32.36 0.23 -33.04
N GLU A 238 -31.86 -0.58 -32.10
CA GLU A 238 -32.15 -0.43 -30.67
C GLU A 238 -30.91 0.04 -29.92
N GLY A 239 -29.83 0.35 -30.63
CA GLY A 239 -28.59 0.81 -30.07
C GLY A 239 -27.68 -0.29 -29.55
N LEU A 240 -28.00 -1.54 -29.81
CA LEU A 240 -27.16 -2.65 -29.38
C LEU A 240 -25.93 -2.80 -30.27
N ASP A 241 -24.84 -3.24 -29.67
CA ASP A 241 -23.62 -3.54 -30.39
C ASP A 241 -23.57 -5.03 -30.76
N TYR A 242 -22.62 -5.37 -31.63
CA TYR A 242 -22.43 -6.77 -31.99
C TYR A 242 -22.22 -7.65 -30.76
N VAL A 243 -21.54 -7.13 -29.74
CA VAL A 243 -21.37 -7.89 -28.51
C VAL A 243 -22.71 -8.11 -27.83
N ASP A 244 -23.52 -7.07 -27.73
CA ASP A 244 -24.85 -7.22 -27.13
C ASP A 244 -25.71 -8.19 -27.93
N GLN A 245 -25.61 -8.14 -29.25
CA GLN A 245 -26.35 -9.07 -30.10
C GLN A 245 -25.87 -10.49 -29.89
N LYS A 246 -24.55 -10.67 -29.76
CA LYS A 246 -23.99 -12.00 -29.50
C LYS A 246 -24.49 -12.57 -28.19
N ILE A 247 -24.58 -11.75 -27.14
CA ILE A 247 -25.08 -12.21 -25.84
C ILE A 247 -26.51 -12.71 -25.96
N LEU A 248 -27.42 -11.88 -26.45
CA LEU A 248 -28.83 -12.26 -26.52
C LEU A 248 -29.03 -13.51 -27.36
N ARG A 249 -28.35 -13.60 -28.51
CA ARG A 249 -28.49 -14.79 -29.35
C ARG A 249 -28.02 -16.05 -28.63
N THR A 250 -26.89 -15.99 -27.94
CA THR A 250 -26.37 -17.16 -27.23
C THR A 250 -27.34 -17.66 -26.17
N MET A 251 -27.92 -16.75 -25.39
CA MET A 251 -28.88 -17.17 -24.36
C MET A 251 -30.09 -17.84 -24.97
N ILE A 252 -30.55 -17.35 -26.12
CA ILE A 252 -31.75 -17.90 -26.75
C ILE A 252 -31.46 -19.22 -27.48
N GLU A 253 -30.34 -19.29 -28.21
CA GLU A 253 -30.06 -20.48 -28.99
C GLU A 253 -29.47 -21.65 -28.19
N MET A 254 -28.66 -21.40 -27.17
CA MET A 254 -28.03 -22.50 -26.46
C MET A 254 -28.64 -22.82 -25.10
N TYR A 255 -29.52 -21.97 -24.57
CA TYR A 255 -30.10 -22.22 -23.25
C TYR A 255 -31.62 -22.04 -23.23
N GLY A 256 -32.25 -21.81 -24.38
CA GLY A 256 -33.69 -21.65 -24.41
C GLY A 256 -34.20 -20.53 -23.55
N GLY A 257 -33.41 -19.46 -23.38
CA GLY A 257 -33.81 -18.34 -22.56
C GLY A 257 -33.31 -18.35 -21.13
N GLY A 258 -32.55 -19.37 -20.72
CA GLY A 258 -32.08 -19.43 -19.36
C GLY A 258 -33.04 -20.18 -18.46
N PRO A 259 -32.80 -20.13 -17.14
CA PRO A 259 -31.74 -19.40 -16.44
C PRO A 259 -30.33 -19.93 -16.68
N VAL A 260 -29.37 -19.01 -16.73
CA VAL A 260 -27.97 -19.35 -16.87
C VAL A 260 -27.15 -18.45 -15.95
N GLY A 261 -26.06 -19.00 -15.42
CA GLY A 261 -25.17 -18.22 -14.58
C GLY A 261 -24.23 -17.35 -15.36
N LEU A 262 -23.74 -16.30 -14.69
CA LEU A 262 -22.84 -15.34 -15.35
C LEU A 262 -21.53 -16.01 -15.75
N GLY A 263 -21.02 -16.93 -14.94
CA GLY A 263 -19.79 -17.61 -15.28
C GLY A 263 -19.91 -18.51 -16.49
N THR A 264 -20.99 -19.28 -16.57
CA THR A 264 -21.23 -20.13 -17.73
C THR A 264 -21.43 -19.31 -19.00
N LEU A 265 -22.20 -18.23 -18.91
CA LEU A 265 -22.45 -17.38 -20.09
C LEU A 265 -21.17 -16.74 -20.60
N SER A 266 -20.32 -16.24 -19.70
CA SER A 266 -19.10 -15.56 -20.14
C SER A 266 -18.22 -16.44 -21.03
N VAL A 267 -18.07 -17.72 -20.68
CA VAL A 267 -17.25 -18.63 -21.48
C VAL A 267 -17.83 -18.79 -22.88
N ASN A 268 -19.14 -18.98 -22.97
CA ASN A 268 -19.79 -19.17 -24.26
C ASN A 268 -19.72 -17.96 -25.18
N ILE A 269 -19.24 -16.81 -24.70
CA ILE A 269 -19.12 -15.61 -25.52
C ILE A 269 -17.69 -15.09 -25.61
N ALA A 270 -16.72 -15.76 -24.99
CA ALA A 270 -15.33 -15.33 -25.03
C ALA A 270 -15.13 -13.92 -24.50
N GLU A 271 -15.79 -13.62 -23.39
CA GLU A 271 -15.71 -12.31 -22.75
C GLU A 271 -15.24 -12.49 -21.31
N GLU A 272 -14.68 -11.42 -20.75
CA GLU A 272 -14.22 -11.45 -19.37
C GLU A 272 -15.40 -11.36 -18.40
N ARG A 273 -15.34 -12.18 -17.35
CA ARG A 273 -16.38 -12.25 -16.33
C ARG A 273 -16.84 -10.89 -15.83
N GLU A 274 -15.92 -10.11 -15.26
CA GLU A 274 -16.27 -8.82 -14.68
C GLU A 274 -16.62 -7.76 -15.73
N THR A 275 -16.01 -7.81 -16.91
CA THR A 275 -16.34 -6.84 -17.95
C THR A 275 -17.82 -6.91 -18.32
N VAL A 276 -18.33 -8.11 -18.56
CA VAL A 276 -19.73 -8.27 -18.94
C VAL A 276 -20.67 -7.69 -17.89
N GLU A 277 -20.37 -7.92 -16.61
CA GLU A 277 -21.25 -7.41 -15.56
C GLU A 277 -21.20 -5.89 -15.44
N ASP A 278 -20.04 -5.28 -15.66
CA ASP A 278 -19.92 -3.83 -15.51
C ASP A 278 -20.18 -3.04 -16.79
N MET A 279 -19.84 -3.60 -17.94
CA MET A 279 -19.95 -2.88 -19.20
C MET A 279 -21.29 -3.05 -19.92
N TYR A 280 -21.63 -4.28 -20.30
CA TYR A 280 -22.77 -4.53 -21.18
C TYR A 280 -24.08 -4.84 -20.47
N GLU A 281 -24.05 -5.64 -19.41
CA GLU A 281 -25.30 -6.04 -18.76
C GLU A 281 -26.14 -4.88 -18.22
N PRO A 282 -25.59 -3.78 -17.72
CA PRO A 282 -26.45 -2.71 -17.20
C PRO A 282 -27.52 -2.18 -18.15
N TYR A 283 -27.16 -1.84 -19.39
CA TYR A 283 -28.16 -1.33 -20.33
C TYR A 283 -29.16 -2.39 -20.76
N LEU A 284 -28.73 -3.65 -20.83
CA LEU A 284 -29.66 -4.73 -21.19
C LEU A 284 -30.73 -4.93 -20.12
N ILE A 285 -30.37 -4.76 -18.85
CA ILE A 285 -31.36 -4.89 -17.78
C ILE A 285 -32.32 -3.71 -17.78
N GLN A 286 -31.81 -2.49 -17.88
CA GLN A 286 -32.68 -1.32 -17.83
C GLN A 286 -33.69 -1.29 -18.97
N LYS A 287 -33.31 -1.77 -20.15
CA LYS A 287 -34.24 -1.82 -21.27
C LYS A 287 -35.21 -3.00 -21.20
N GLY A 288 -34.97 -3.96 -20.32
CA GLY A 288 -35.83 -5.11 -20.19
C GLY A 288 -35.54 -6.29 -21.08
N PHE A 289 -34.34 -6.37 -21.66
CA PHE A 289 -34.01 -7.53 -22.47
C PHE A 289 -33.63 -8.72 -21.60
N ILE A 290 -32.97 -8.46 -20.47
CA ILE A 290 -32.58 -9.49 -19.51
C ILE A 290 -33.21 -9.20 -18.17
N MET A 291 -33.58 -10.26 -17.46
CA MET A 291 -34.13 -10.18 -16.11
C MET A 291 -33.31 -11.08 -15.20
N ARG A 292 -32.85 -10.53 -14.07
CA ARG A 292 -32.14 -11.33 -13.08
C ARG A 292 -33.12 -12.07 -12.17
N THR A 293 -32.71 -13.26 -11.72
CA THR A 293 -33.52 -14.07 -10.83
C THR A 293 -32.58 -14.80 -9.87
N ARG A 294 -33.17 -15.34 -8.80
CA ARG A 294 -32.37 -16.06 -7.81
C ARG A 294 -31.61 -17.23 -8.41
N THR A 295 -32.07 -17.79 -9.53
CA THR A 295 -31.43 -18.94 -10.14
C THR A 295 -30.64 -18.58 -11.39
N GLY A 296 -30.61 -17.32 -11.80
CA GLY A 296 -29.91 -16.89 -12.98
C GLY A 296 -30.72 -15.83 -13.68
N ARG A 297 -30.26 -15.44 -14.87
CA ARG A 297 -30.94 -14.42 -15.67
C ARG A 297 -31.62 -15.04 -16.88
N VAL A 298 -32.73 -14.42 -17.28
CA VAL A 298 -33.64 -14.94 -18.29
C VAL A 298 -33.94 -13.86 -19.32
N ALA A 299 -34.01 -14.25 -20.59
CA ALA A 299 -34.34 -13.32 -21.66
C ALA A 299 -35.85 -13.13 -21.74
N THR A 300 -36.30 -11.88 -21.73
CA THR A 300 -37.72 -11.58 -21.75
C THR A 300 -38.29 -11.66 -23.17
N ALA A 301 -39.62 -11.63 -23.24
CA ALA A 301 -40.31 -11.64 -24.53
C ALA A 301 -39.84 -10.53 -25.45
N LYS A 302 -39.52 -9.36 -24.88
CA LYS A 302 -39.01 -8.25 -25.68
C LYS A 302 -37.73 -8.64 -26.43
N ALA A 303 -36.86 -9.42 -25.79
CA ALA A 303 -35.64 -9.86 -26.45
C ALA A 303 -35.92 -10.87 -27.56
N TYR A 304 -37.00 -11.64 -27.44
CA TYR A 304 -37.34 -12.60 -28.49
C TYR A 304 -37.76 -11.91 -29.78
N GLU A 305 -38.71 -10.99 -29.70
CA GLU A 305 -39.20 -10.31 -30.89
C GLU A 305 -38.10 -9.49 -31.55
N HIS A 306 -37.21 -8.89 -30.77
CA HIS A 306 -36.13 -8.11 -31.38
C HIS A 306 -35.19 -8.98 -32.18
N MET A 307 -34.95 -10.22 -31.76
CA MET A 307 -34.05 -11.12 -32.47
C MET A 307 -34.77 -11.96 -33.52
N GLY A 308 -36.10 -11.90 -33.58
CA GLY A 308 -36.89 -12.59 -34.58
C GLY A 308 -37.28 -14.02 -34.27
N TYR A 309 -36.92 -14.54 -33.11
CA TYR A 309 -37.31 -15.90 -32.77
C TYR A 309 -38.76 -15.94 -32.27
N ASP A 310 -39.27 -17.16 -32.11
CA ASP A 310 -40.63 -17.39 -31.61
C ASP A 310 -40.61 -17.67 -30.12
N TYR A 311 -41.33 -16.86 -29.36
CA TYR A 311 -41.43 -17.06 -27.91
C TYR A 311 -42.49 -18.10 -27.58
N THR A 312 -42.22 -18.88 -26.54
CA THR A 312 -43.13 -19.94 -26.11
C THR A 312 -43.14 -20.08 -24.60
N THR B 1 -29.14 36.21 16.83
CA THR B 1 -28.12 35.39 16.19
C THR B 1 -28.63 33.97 16.00
N LEU B 2 -28.19 33.33 14.92
CA LEU B 2 -28.69 32.00 14.57
C LEU B 2 -28.22 30.93 15.55
N ARG B 3 -27.02 31.09 16.15
CA ARG B 3 -26.53 30.10 17.12
C ARG B 3 -26.89 30.51 18.55
N PRO B 4 -27.55 29.63 19.31
CA PRO B 4 -27.84 29.95 20.72
C PRO B 4 -26.57 30.33 21.48
N GLN B 5 -26.73 31.24 22.45
CA GLN B 5 -25.59 31.75 23.21
C GLN B 5 -25.57 31.31 24.67
N TYR B 6 -26.69 30.83 25.21
CA TYR B 6 -26.77 30.44 26.61
C TYR B 6 -27.68 29.22 26.75
N PHE B 7 -27.54 28.50 27.87
CA PHE B 7 -28.36 27.32 28.09
C PHE B 7 -29.85 27.62 28.07
N LYS B 8 -30.24 28.87 28.32
CA LYS B 8 -31.65 29.23 28.26
C LYS B 8 -32.20 29.06 26.85
N GLU B 9 -31.35 29.27 25.84
CA GLU B 9 -31.75 29.19 24.44
C GLU B 9 -31.48 27.84 23.80
N TYR B 10 -30.68 26.98 24.41
CA TYR B 10 -30.33 25.69 23.81
C TYR B 10 -31.41 24.67 24.09
N ILE B 11 -32.22 24.41 23.06
CA ILE B 11 -33.32 23.45 23.13
C ILE B 11 -32.80 22.02 22.98
N GLY B 12 -33.40 21.10 23.74
CA GLY B 12 -33.04 19.68 23.70
C GLY B 12 -31.75 19.30 24.42
N GLN B 13 -31.24 18.13 24.04
CA GLN B 13 -30.00 17.57 24.60
C GLN B 13 -30.05 17.53 26.13
N ASP B 14 -31.20 17.13 26.66
CA ASP B 14 -31.41 17.12 28.11
C ASP B 14 -30.29 16.42 28.88
N LYS B 15 -29.87 15.24 28.42
CA LYS B 15 -28.83 14.51 29.15
C LYS B 15 -27.51 15.27 29.19
N VAL B 16 -27.03 15.73 28.04
CA VAL B 16 -25.76 16.45 28.02
C VAL B 16 -25.89 17.80 28.70
N LYS B 17 -27.02 18.48 28.48
CA LYS B 17 -27.23 19.80 29.07
C LYS B 17 -27.35 19.74 30.58
N ASP B 18 -28.02 18.72 31.12
CA ASP B 18 -28.14 18.59 32.57
C ASP B 18 -26.81 18.30 33.23
N GLN B 19 -25.98 17.44 32.62
CA GLN B 19 -24.67 17.13 33.20
C GLN B 19 -23.75 18.35 33.22
N LEU B 20 -23.62 19.05 32.10
CA LEU B 20 -22.72 20.19 32.03
C LEU B 20 -23.09 21.27 33.04
N LYS B 21 -24.38 21.47 33.30
CA LYS B 21 -24.79 22.45 34.31
C LYS B 21 -24.20 22.13 35.67
N ILE B 22 -24.30 20.89 36.11
CA ILE B 22 -23.81 20.49 37.42
C ILE B 22 -22.29 20.63 37.52
N PHE B 23 -21.57 20.21 36.48
CA PHE B 23 -20.11 20.28 36.52
C PHE B 23 -19.60 21.72 36.47
N ILE B 24 -20.28 22.61 35.74
CA ILE B 24 -19.88 24.01 35.71
C ILE B 24 -20.10 24.68 37.08
N GLU B 25 -21.26 24.44 37.69
CA GLU B 25 -21.53 25.04 38.99
C GLU B 25 -20.53 24.61 40.05
N ALA B 26 -20.14 23.34 40.06
CA ALA B 26 -19.18 22.88 41.06
C ALA B 26 -17.81 23.52 40.86
N ALA B 27 -17.37 23.67 39.62
CA ALA B 27 -16.08 24.30 39.36
C ALA B 27 -16.06 25.75 39.80
N LYS B 28 -17.18 26.45 39.69
CA LYS B 28 -17.24 27.84 40.16
C LYS B 28 -17.18 27.93 41.67
N LEU B 29 -17.88 27.05 42.39
CA LEU B 29 -17.81 27.09 43.85
C LEU B 29 -16.40 26.83 44.34
N ARG B 30 -15.67 25.94 43.66
CA ARG B 30 -14.29 25.67 44.01
C ARG B 30 -13.34 26.69 43.40
N ASP B 31 -13.85 27.55 42.54
CA ASP B 31 -13.06 28.58 41.85
C ASP B 31 -11.83 27.98 41.18
N GLU B 32 -12.08 27.08 40.23
CA GLU B 32 -11.00 26.41 39.51
C GLU B 32 -11.42 26.20 38.06
N ALA B 33 -10.45 25.86 37.22
CA ALA B 33 -10.71 25.60 35.82
C ALA B 33 -11.52 24.31 35.63
N LEU B 34 -12.38 24.32 34.62
CA LEU B 34 -13.18 23.17 34.29
C LEU B 34 -12.32 22.03 33.73
N ASP B 35 -12.76 20.81 34.01
CA ASP B 35 -12.11 19.61 33.49
C ASP B 35 -12.21 19.54 31.96
N HIS B 36 -11.32 18.76 31.35
CA HIS B 36 -11.27 18.65 29.90
C HIS B 36 -12.50 17.91 29.38
N THR B 37 -13.06 18.38 28.25
CA THR B 37 -14.31 17.85 27.72
C THR B 37 -14.18 17.44 26.25
N LEU B 38 -14.74 16.28 25.91
CA LEU B 38 -14.82 15.80 24.53
C LEU B 38 -16.28 15.67 24.10
N LEU B 39 -16.64 16.34 23.00
CA LEU B 39 -17.98 16.27 22.43
C LEU B 39 -17.90 15.46 21.14
N PHE B 40 -18.76 14.45 21.01
CA PHE B 40 -18.71 13.62 19.81
C PHE B 40 -20.10 13.08 19.47
N GLY B 41 -20.27 12.69 18.20
CA GLY B 41 -21.53 12.18 17.71
C GLY B 41 -21.84 12.53 16.26
N PRO B 42 -23.03 12.16 15.80
CA PRO B 42 -23.40 12.36 14.39
C PRO B 42 -23.33 13.81 13.93
N PRO B 43 -23.21 14.03 12.62
CA PRO B 43 -23.07 15.39 12.08
C PRO B 43 -24.31 16.27 12.19
N GLY B 44 -24.10 17.52 12.60
CA GLY B 44 -25.14 18.53 12.62
C GLY B 44 -26.05 18.56 13.82
N LEU B 45 -25.71 17.89 14.92
CA LEU B 45 -26.56 17.86 16.09
C LEU B 45 -26.28 18.96 17.10
N GLY B 46 -25.23 19.76 16.92
CA GLY B 46 -24.98 20.85 17.85
C GLY B 46 -23.67 20.79 18.63
N LYS B 47 -22.68 20.07 18.12
CA LYS B 47 -21.40 19.96 18.82
C LYS B 47 -20.66 21.29 18.84
N THR B 48 -20.48 21.92 17.68
CA THR B 48 -19.80 23.21 17.64
C THR B 48 -20.55 24.28 18.42
N THR B 49 -21.88 24.28 18.34
CA THR B 49 -22.68 25.27 19.07
C THR B 49 -22.48 25.15 20.57
N MET B 50 -22.46 23.92 21.09
CA MET B 50 -22.28 23.70 22.52
C MET B 50 -20.94 24.20 23.04
N ALA B 51 -19.89 24.16 22.21
CA ALA B 51 -18.58 24.63 22.65
C ALA B 51 -18.60 26.11 23.02
N PHE B 52 -19.31 26.94 22.25
CA PHE B 52 -19.39 28.36 22.58
C PHE B 52 -20.27 28.64 23.79
N VAL B 53 -21.32 27.86 23.98
CA VAL B 53 -22.17 28.01 25.17
C VAL B 53 -21.34 27.79 26.43
N ILE B 54 -20.51 26.75 26.45
CA ILE B 54 -19.68 26.46 27.62
C ILE B 54 -18.80 27.66 27.97
N ALA B 55 -18.25 28.34 26.97
CA ALA B 55 -17.40 29.50 27.24
C ALA B 55 -18.19 30.66 27.85
N ASN B 56 -19.40 30.93 27.34
CA ASN B 56 -20.21 32.00 27.92
C ASN B 56 -20.65 31.69 29.34
N GLU B 57 -21.00 30.43 29.61
CA GLU B 57 -21.40 30.07 30.96
C GLU B 57 -20.24 30.14 31.93
N MET B 58 -19.04 29.78 31.49
CA MET B 58 -17.87 29.89 32.35
C MET B 58 -17.39 31.32 32.49
N GLY B 59 -17.73 32.19 31.55
CA GLY B 59 -17.31 33.58 31.60
C GLY B 59 -15.84 33.79 31.32
N VAL B 60 -15.32 33.19 30.25
CA VAL B 60 -13.91 33.28 29.91
C VAL B 60 -13.77 33.50 28.41
N ASN B 61 -12.56 33.90 28.00
CA ASN B 61 -12.24 34.11 26.60
C ASN B 61 -11.96 32.77 25.93
N LEU B 62 -12.40 32.64 24.69
CA LEU B 62 -12.23 31.41 23.93
C LEU B 62 -11.23 31.58 22.79
N LYS B 63 -10.23 30.70 22.77
CA LYS B 63 -9.25 30.64 21.70
C LYS B 63 -9.61 29.46 20.81
N GLN B 64 -9.64 29.69 19.50
CA GLN B 64 -10.12 28.70 18.55
C GLN B 64 -9.10 28.37 17.47
N THR B 65 -9.02 27.09 17.15
CA THR B 65 -8.13 26.56 16.11
C THR B 65 -8.74 25.25 15.62
N SER B 66 -8.02 24.54 14.75
CA SER B 66 -8.53 23.29 14.22
C SER B 66 -7.39 22.34 13.90
N GLY B 67 -7.71 21.06 13.85
CA GLY B 67 -6.74 20.02 13.58
C GLY B 67 -5.97 20.18 12.28
N PRO B 68 -6.66 20.50 11.19
CA PRO B 68 -5.97 20.66 9.91
C PRO B 68 -4.95 21.80 9.90
N ALA B 69 -5.06 22.77 10.79
CA ALA B 69 -4.11 23.88 10.80
C ALA B 69 -2.83 23.55 11.56
N ILE B 70 -2.88 22.62 12.52
CA ILE B 70 -1.72 22.25 13.31
C ILE B 70 -1.04 21.08 12.60
N GLU B 71 0.04 21.38 11.87
CA GLU B 71 0.74 20.39 11.08
C GLU B 71 2.07 19.96 11.66
N LYS B 72 2.63 20.69 12.61
CA LYS B 72 3.91 20.32 13.21
C LYS B 72 3.94 20.76 14.66
N ALA B 73 4.80 20.10 15.44
CA ALA B 73 4.90 20.40 16.86
C ALA B 73 5.23 21.86 17.12
N GLY B 74 6.01 22.50 16.26
CA GLY B 74 6.30 23.90 16.44
C GLY B 74 5.06 24.77 16.47
N ASP B 75 4.03 24.39 15.71
CA ASP B 75 2.77 25.14 15.73
C ASP B 75 2.07 25.00 17.07
N LEU B 76 1.90 23.77 17.55
CA LEU B 76 1.23 23.54 18.81
C LEU B 76 1.99 24.17 19.98
N VAL B 77 3.31 24.07 19.97
CA VAL B 77 4.10 24.69 21.02
C VAL B 77 3.94 26.20 21.01
N ALA B 78 3.58 26.77 19.86
CA ALA B 78 3.34 28.20 19.78
C ALA B 78 1.92 28.58 20.16
N ILE B 79 0.97 27.65 20.04
CA ILE B 79 -0.38 27.91 20.51
C ILE B 79 -0.43 27.82 22.02
N LEU B 80 0.12 26.75 22.57
CA LEU B 80 0.37 26.67 23.99
C LEU B 80 1.37 27.77 24.35
N ASN B 81 1.62 27.95 25.64
CA ASN B 81 2.52 29.00 26.09
C ASN B 81 1.95 30.39 25.86
N ASP B 82 0.91 30.51 25.05
CA ASP B 82 0.19 31.76 24.84
C ASP B 82 -1.15 31.74 25.57
N LEU B 83 -1.36 30.75 26.42
CA LEU B 83 -2.56 30.60 27.22
C LEU B 83 -2.41 31.32 28.56
N GLU B 84 -3.46 31.99 28.97
CA GLU B 84 -3.49 32.67 30.25
C GLU B 84 -4.30 31.86 31.25
N PRO B 85 -4.17 32.14 32.54
CA PRO B 85 -4.92 31.37 33.53
C PRO B 85 -6.40 31.34 33.26
N GLY B 86 -6.96 30.13 33.22
CA GLY B 86 -8.37 29.89 33.00
C GLY B 86 -8.84 29.95 31.57
N ASP B 87 -7.94 30.11 30.61
CA ASP B 87 -8.35 30.14 29.21
C ASP B 87 -8.92 28.79 28.78
N ILE B 88 -9.74 28.83 27.73
CA ILE B 88 -10.32 27.65 27.11
C ILE B 88 -9.78 27.54 25.70
N LEU B 89 -9.18 26.41 25.38
CA LEU B 89 -8.66 26.13 24.05
C LEU B 89 -9.59 25.14 23.39
N PHE B 90 -10.17 25.53 22.25
CA PHE B 90 -11.08 24.68 21.50
C PHE B 90 -10.43 24.28 20.18
N ILE B 91 -10.31 22.97 19.96
CA ILE B 91 -9.76 22.41 18.73
C ILE B 91 -10.85 21.64 18.01
N ASP B 92 -11.22 22.11 16.82
CA ASP B 92 -12.25 21.45 16.03
C ASP B 92 -11.61 20.44 15.06
N GLU B 93 -12.32 19.35 14.81
CA GLU B 93 -11.80 18.24 13.99
C GLU B 93 -10.47 17.74 14.55
N ILE B 94 -10.43 17.55 15.86
CA ILE B 94 -9.21 17.15 16.56
C ILE B 94 -8.65 15.82 16.06
N HIS B 95 -9.46 14.98 15.41
CA HIS B 95 -8.96 13.71 14.89
C HIS B 95 -7.96 13.84 13.76
N ARG B 96 -7.80 15.01 13.14
CA ARG B 96 -6.83 15.17 12.06
C ARG B 96 -5.39 15.40 12.54
N MET B 97 -5.18 15.81 13.78
CA MET B 97 -3.83 16.09 14.23
C MET B 97 -2.93 14.88 14.02
N PRO B 98 -1.69 15.08 13.54
CA PRO B 98 -0.78 13.94 13.36
C PRO B 98 -0.51 13.25 14.69
N MET B 99 -0.36 11.93 14.62
CA MET B 99 -0.18 11.15 15.84
C MET B 99 1.09 11.56 16.59
N ALA B 100 2.11 12.02 15.88
CA ALA B 100 3.32 12.51 16.55
C ALA B 100 3.07 13.80 17.32
N VAL B 101 2.03 14.54 16.99
CA VAL B 101 1.66 15.76 17.71
C VAL B 101 0.78 15.45 18.91
N GLU B 102 -0.15 14.51 18.76
CA GLU B 102 -0.99 14.10 19.88
C GLU B 102 -0.17 13.73 21.10
N GLU B 103 0.94 13.02 20.89
CA GLU B 103 1.78 12.57 21.99
C GLU B 103 2.47 13.71 22.74
N VAL B 104 2.35 14.95 22.28
CA VAL B 104 2.87 16.07 23.04
C VAL B 104 1.83 16.56 24.05
N LEU B 105 0.54 16.36 23.77
CA LEU B 105 -0.52 16.73 24.69
C LEU B 105 -0.56 15.84 25.94
N TYR B 106 0.10 14.68 25.90
CA TYR B 106 0.00 13.73 27.01
C TYR B 106 0.44 14.35 28.34
N SER B 107 1.61 15.00 28.36
CA SER B 107 2.06 15.62 29.60
C SER B 107 1.42 16.98 29.85
N ALA B 108 1.01 17.70 28.81
CA ALA B 108 0.35 18.97 28.99
C ALA B 108 -0.98 18.80 29.71
N MET B 109 -1.79 17.85 29.25
CA MET B 109 -3.11 17.62 29.85
C MET B 109 -3.02 17.05 31.26
N GLU B 110 -2.10 16.12 31.52
CA GLU B 110 -2.01 15.53 32.85
C GLU B 110 -1.20 16.37 33.83
N ASP B 111 -0.07 16.95 33.41
CA ASP B 111 0.83 17.61 34.34
C ASP B 111 1.07 19.08 34.05
N TYR B 112 0.48 19.62 32.99
CA TYR B 112 0.62 21.03 32.65
C TYR B 112 2.05 21.43 32.34
N TYR B 113 2.84 20.55 31.74
CA TYR B 113 4.18 20.94 31.32
C TYR B 113 4.54 20.20 30.04
N ILE B 114 5.51 20.76 29.31
CA ILE B 114 6.10 20.14 28.14
C ILE B 114 7.61 20.29 28.23
N ASP B 115 8.32 19.38 27.56
CA ASP B 115 9.78 19.39 27.54
C ASP B 115 10.25 19.87 26.18
N ILE B 116 11.05 20.95 26.18
CA ILE B 116 11.49 21.63 24.98
C ILE B 116 13.02 21.66 24.94
N MET B 117 13.57 21.63 23.74
CA MET B 117 15.00 21.73 23.53
C MET B 117 15.40 23.19 23.34
N ILE B 118 16.48 23.60 24.01
CA ILE B 118 16.96 24.97 23.98
C ILE B 118 18.47 24.97 23.80
N GLY B 119 19.00 26.09 23.32
CA GLY B 119 20.40 26.23 22.99
C GLY B 119 20.74 25.66 21.64
N ALA B 120 22.04 25.55 21.37
CA ALA B 120 22.51 25.01 20.10
C ALA B 120 23.83 24.26 20.27
N GLY B 121 24.01 23.23 19.45
CA GLY B 121 25.22 22.44 19.49
C GLY B 121 25.59 22.00 20.89
N GLU B 122 26.83 22.27 21.28
CA GLU B 122 27.30 21.90 22.61
C GLU B 122 26.60 22.68 23.72
N THR B 123 25.83 23.71 23.38
CA THR B 123 25.07 24.47 24.36
C THR B 123 23.62 24.01 24.49
N SER B 124 23.21 23.03 23.70
CA SER B 124 21.82 22.59 23.70
C SER B 124 21.43 22.03 25.06
N ARG B 125 20.21 22.34 25.49
CA ARG B 125 19.68 21.87 26.75
C ARG B 125 18.20 21.58 26.60
N SER B 126 17.69 20.68 27.45
CA SER B 126 16.27 20.41 27.55
C SER B 126 15.74 21.07 28.82
N VAL B 127 14.64 21.80 28.70
CA VAL B 127 14.04 22.50 29.83
C VAL B 127 12.54 22.25 29.86
N HIS B 128 11.99 22.23 31.07
CA HIS B 128 10.55 22.16 31.25
C HIS B 128 9.91 23.52 30.99
N LEU B 129 8.81 23.50 30.26
CA LEU B 129 8.00 24.69 30.02
C LEU B 129 6.68 24.46 30.75
N ASP B 130 6.38 25.32 31.72
CA ASP B 130 5.23 25.12 32.59
C ASP B 130 4.08 26.02 32.17
N LEU B 131 2.90 25.41 32.00
CA LEU B 131 1.67 26.01 31.50
C LEU B 131 0.72 26.37 32.63
N PRO B 132 -0.03 27.46 32.52
CA PRO B 132 -1.04 27.79 33.52
C PRO B 132 -2.24 26.87 33.38
N PRO B 133 -3.13 26.84 34.38
CA PRO B 133 -4.32 26.00 34.28
C PRO B 133 -5.20 26.40 33.09
N PHE B 134 -5.66 25.40 32.34
CA PHE B 134 -6.49 25.63 31.17
C PHE B 134 -7.42 24.45 30.95
N THR B 135 -8.45 24.67 30.13
CA THR B 135 -9.43 23.65 29.77
C THR B 135 -9.41 23.42 28.27
N LEU B 136 -9.13 22.19 27.86
CA LEU B 136 -9.17 21.80 26.45
C LEU B 136 -10.56 21.27 26.08
N VAL B 137 -11.09 21.74 24.96
CA VAL B 137 -12.36 21.26 24.43
C VAL B 137 -12.13 20.73 23.03
N GLY B 138 -12.58 19.51 22.77
CA GLY B 138 -12.44 18.90 21.46
C GLY B 138 -13.79 18.43 20.94
N ALA B 139 -13.94 18.51 19.62
CA ALA B 139 -15.14 18.03 18.95
C ALA B 139 -14.74 17.17 17.77
N THR B 140 -15.36 16.00 17.64
CA THR B 140 -15.03 15.09 16.56
C THR B 140 -16.23 14.22 16.21
N THR B 141 -16.30 13.85 14.94
CA THR B 141 -17.28 12.89 14.44
C THR B 141 -16.73 11.48 14.40
N ARG B 142 -15.41 11.31 14.56
CA ARG B 142 -14.72 10.02 14.40
C ARG B 142 -13.87 9.79 15.66
N ALA B 143 -14.54 9.61 16.79
CA ALA B 143 -13.86 9.44 18.07
C ALA B 143 -12.95 8.22 18.09
N GLY B 144 -13.31 7.16 17.37
CA GLY B 144 -12.49 5.96 17.34
C GLY B 144 -11.13 6.15 16.71
N MET B 145 -10.91 7.29 16.04
CA MET B 145 -9.62 7.56 15.42
C MET B 145 -8.60 8.13 16.40
N LEU B 146 -9.04 8.64 17.55
CA LEU B 146 -8.12 9.15 18.55
C LEU B 146 -7.40 8.01 19.28
N SER B 147 -6.15 8.27 19.66
CA SER B 147 -5.36 7.28 20.38
C SER B 147 -5.97 6.94 21.73
N ASN B 148 -5.80 5.69 22.16
CA ASN B 148 -6.32 5.28 23.46
C ASN B 148 -5.79 6.11 24.61
N PRO B 149 -4.48 6.44 24.68
CA PRO B 149 -4.00 7.27 25.78
C PRO B 149 -4.56 8.69 25.76
N LEU B 150 -4.97 9.19 24.61
CA LEU B 150 -5.54 10.54 24.55
C LEU B 150 -7.00 10.54 25.01
N ARG B 151 -7.80 9.59 24.51
CA ARG B 151 -9.19 9.52 24.94
C ARG B 151 -9.31 9.31 26.45
N ALA B 152 -8.36 8.61 27.05
CA ALA B 152 -8.39 8.36 28.49
C ALA B 152 -8.10 9.60 29.32
N ARG B 153 -7.55 10.66 28.74
CA ARG B 153 -7.27 11.87 29.49
C ARG B 153 -8.44 12.85 29.56
N PHE B 154 -9.43 12.72 28.69
CA PHE B 154 -10.60 13.59 28.77
C PHE B 154 -11.48 13.20 29.95
N GLY B 155 -11.80 14.18 30.79
CA GLY B 155 -12.57 13.94 31.99
C GLY B 155 -14.08 13.97 31.84
N ILE B 156 -14.60 14.58 30.78
CA ILE B 156 -16.03 14.64 30.52
C ILE B 156 -16.26 14.21 29.07
N ASN B 157 -17.25 13.34 28.86
CA ASN B 157 -17.59 12.84 27.54
C ASN B 157 -19.05 13.13 27.23
N GLY B 158 -19.30 13.87 26.15
CA GLY B 158 -20.65 14.18 25.73
C GLY B 158 -21.02 13.55 24.39
N HIS B 159 -21.95 12.60 24.40
CA HIS B 159 -22.41 11.95 23.18
C HIS B 159 -23.78 12.51 22.81
N MET B 160 -23.89 13.11 21.62
CA MET B 160 -25.11 13.76 21.17
C MET B 160 -26.12 12.77 20.60
N GLU B 161 -27.41 13.06 20.82
CA GLU B 161 -28.53 12.25 20.34
C GLU B 161 -29.44 13.04 19.41
N TYR B 162 -30.20 12.31 18.59
CA TYR B 162 -31.19 12.92 17.71
C TYR B 162 -32.34 13.55 18.49
N TYR B 163 -32.90 14.62 17.93
CA TYR B 163 -33.99 15.37 18.54
C TYR B 163 -35.34 14.69 18.29
N GLU B 164 -36.39 15.28 18.89
CA GLU B 164 -37.75 14.77 18.80
C GLU B 164 -38.68 15.85 18.22
N LEU B 165 -39.84 15.41 17.72
CA LEU B 165 -40.77 16.34 17.07
C LEU B 165 -41.15 17.55 17.91
N PRO B 166 -41.39 17.45 19.22
CA PRO B 166 -41.71 18.67 19.98
C PRO B 166 -40.59 19.69 19.97
N ASP B 167 -39.34 19.24 20.08
CA ASP B 167 -38.20 20.14 20.07
C ASP B 167 -37.95 20.73 18.69
N LEU B 168 -38.03 19.91 17.64
CA LEU B 168 -37.81 20.43 16.30
C LEU B 168 -38.87 21.44 15.89
N THR B 169 -40.11 21.26 16.36
CA THR B 169 -41.14 22.24 16.06
C THR B 169 -40.79 23.60 16.65
N GLU B 170 -40.29 23.61 17.88
CA GLU B 170 -39.92 24.87 18.52
C GLU B 170 -38.71 25.51 17.83
N ILE B 171 -37.76 24.71 17.35
CA ILE B 171 -36.61 25.27 16.65
C ILE B 171 -37.03 25.95 15.36
N VAL B 172 -37.92 25.32 14.59
CA VAL B 172 -38.41 25.94 13.35
C VAL B 172 -39.05 27.29 13.64
N GLU B 173 -39.89 27.36 14.67
CA GLU B 173 -40.55 28.61 15.01
C GLU B 173 -39.55 29.68 15.44
N ARG B 174 -38.52 29.31 16.20
CA ARG B 174 -37.50 30.28 16.56
C ARG B 174 -36.80 30.84 15.33
N THR B 175 -36.35 29.96 14.44
CA THR B 175 -35.66 30.40 13.23
C THR B 175 -36.58 31.26 12.37
N SER B 176 -37.86 30.93 12.33
CA SER B 176 -38.84 31.69 11.56
C SER B 176 -39.00 33.12 12.04
N GLU B 177 -38.47 33.47 13.21
CA GLU B 177 -38.52 34.84 13.69
C GLU B 177 -37.23 35.59 13.44
N ILE B 178 -36.15 34.91 13.10
CA ILE B 178 -34.92 35.60 12.71
C ILE B 178 -35.16 36.23 11.35
N PHE B 179 -35.68 35.44 10.43
CA PHE B 179 -36.17 35.96 9.17
C PHE B 179 -37.52 36.60 9.46
N GLU B 180 -37.95 37.50 8.57
CA GLU B 180 -39.29 38.07 8.73
C GLU B 180 -40.27 37.15 8.00
N MET B 181 -40.78 36.17 8.73
CA MET B 181 -41.72 35.21 8.17
C MET B 181 -42.74 34.80 9.22
N THR B 182 -44.02 34.88 8.86
CA THR B 182 -45.09 34.36 9.70
C THR B 182 -45.33 32.90 9.34
N ILE B 183 -45.39 32.02 10.33
CA ILE B 183 -45.68 30.62 10.09
C ILE B 183 -46.67 30.12 11.12
N THR B 184 -47.67 29.37 10.65
CA THR B 184 -48.71 28.76 11.47
C THR B 184 -48.17 27.51 12.19
N PRO B 185 -48.59 27.26 13.43
CA PRO B 185 -48.09 26.07 14.14
C PRO B 185 -48.32 24.76 13.40
N GLU B 186 -49.44 24.64 12.67
CA GLU B 186 -49.69 23.43 11.90
C GLU B 186 -48.65 23.23 10.81
N ALA B 187 -48.22 24.31 10.16
CA ALA B 187 -47.19 24.21 9.14
C ALA B 187 -45.82 23.91 9.74
N ALA B 188 -45.53 24.45 10.93
CA ALA B 188 -44.25 24.17 11.57
C ALA B 188 -44.09 22.69 11.85
N LEU B 189 -45.13 22.03 12.34
CA LEU B 189 -45.06 20.58 12.56
C LEU B 189 -44.93 19.82 11.25
N GLU B 190 -45.50 20.34 10.17
CA GLU B 190 -45.41 19.66 8.88
C GLU B 190 -43.97 19.59 8.39
N LEU B 191 -43.19 20.65 8.61
CA LEU B 191 -41.78 20.60 8.25
C LEU B 191 -40.95 19.77 9.24
N ALA B 192 -41.21 19.92 10.54
CA ALA B 192 -40.44 19.20 11.55
C ALA B 192 -40.47 17.69 11.31
N ARG B 193 -41.65 17.14 11.02
CA ARG B 193 -41.77 15.71 10.79
C ARG B 193 -40.98 15.23 9.58
N ARG B 194 -40.58 16.12 8.68
CA ARG B 194 -39.80 15.75 7.50
C ARG B 194 -38.31 16.03 7.62
N SER B 195 -37.82 16.48 8.78
CA SER B 195 -36.44 16.90 8.94
C SER B 195 -35.49 15.79 9.41
N ARG B 196 -35.93 14.54 9.45
CA ARG B 196 -35.09 13.40 9.86
C ARG B 196 -34.44 13.58 11.23
N GLY B 197 -34.98 14.42 12.10
CA GLY B 197 -34.38 14.57 13.41
C GLY B 197 -33.17 15.48 13.50
N THR B 198 -32.80 16.19 12.44
CA THR B 198 -31.60 17.01 12.46
C THR B 198 -31.94 18.48 12.35
N PRO B 199 -31.47 19.31 13.28
CA PRO B 199 -31.77 20.76 13.20
C PRO B 199 -31.33 21.42 11.90
N ARG B 200 -30.15 21.10 11.39
CA ARG B 200 -29.70 21.71 10.13
C ARG B 200 -30.64 21.41 8.97
N ILE B 201 -31.23 20.23 8.93
CA ILE B 201 -32.14 19.91 7.86
C ILE B 201 -33.42 20.72 7.98
N ALA B 202 -33.91 20.92 9.20
CA ALA B 202 -35.11 21.74 9.42
C ALA B 202 -34.89 23.17 8.95
N ASN B 203 -33.74 23.76 9.29
CA ASN B 203 -33.44 25.11 8.81
C ASN B 203 -33.34 25.16 7.29
N ARG B 204 -32.80 24.12 6.67
CA ARG B 204 -32.68 24.10 5.21
C ARG B 204 -34.05 24.05 4.54
N LEU B 205 -34.97 23.22 5.03
CA LEU B 205 -36.30 23.17 4.47
C LEU B 205 -37.01 24.52 4.58
N LEU B 206 -36.91 25.18 5.73
CA LEU B 206 -37.56 26.47 5.90
C LEU B 206 -37.05 27.49 4.89
N LYS B 207 -35.74 27.55 4.65
CA LYS B 207 -35.20 28.47 3.67
C LYS B 207 -35.74 28.19 2.26
N ARG B 208 -35.85 26.92 1.89
CA ARG B 208 -36.38 26.59 0.57
C ARG B 208 -37.85 26.94 0.42
N VAL B 209 -38.66 26.63 1.44
CA VAL B 209 -40.08 26.96 1.40
C VAL B 209 -40.30 28.46 1.39
N ARG B 210 -39.46 29.21 2.10
CA ARG B 210 -39.56 30.66 2.09
C ARG B 210 -39.40 31.23 0.69
N ASP B 211 -38.44 30.74 -0.09
CA ASP B 211 -38.27 31.22 -1.45
C ASP B 211 -39.55 31.06 -2.27
N TYR B 212 -40.18 29.89 -2.18
CA TYR B 212 -41.43 29.66 -2.89
C TYR B 212 -42.55 30.57 -2.37
N ALA B 213 -42.70 30.65 -1.05
CA ALA B 213 -43.77 31.44 -0.46
C ALA B 213 -43.74 32.91 -0.85
N GLN B 214 -42.58 33.46 -1.18
CA GLN B 214 -42.50 34.87 -1.57
C GLN B 214 -42.42 35.09 -3.08
N ILE B 215 -42.35 34.03 -3.87
CA ILE B 215 -42.35 34.12 -5.32
C ILE B 215 -43.66 33.63 -5.91
N MET B 216 -44.19 32.52 -5.39
CA MET B 216 -45.43 31.93 -5.85
C MET B 216 -46.60 32.21 -4.92
N GLY B 217 -46.38 32.96 -3.85
CA GLY B 217 -47.43 33.25 -2.89
C GLY B 217 -47.43 34.69 -2.43
N ASP B 218 -48.14 34.98 -1.34
CA ASP B 218 -48.26 36.32 -0.80
C ASP B 218 -47.19 36.66 0.24
N GLY B 219 -46.18 35.81 0.41
CA GLY B 219 -45.14 36.08 1.38
C GLY B 219 -45.41 35.53 2.76
N VAL B 220 -46.42 34.67 2.92
CA VAL B 220 -46.76 34.07 4.20
C VAL B 220 -46.80 32.56 4.00
N ILE B 221 -46.34 31.82 5.01
CA ILE B 221 -46.32 30.37 4.97
C ILE B 221 -47.54 29.87 5.72
N ASP B 222 -48.42 29.17 5.01
CA ASP B 222 -49.63 28.60 5.59
C ASP B 222 -49.79 27.18 5.04
N ASP B 223 -50.69 26.43 5.67
CA ASP B 223 -50.91 25.04 5.29
C ASP B 223 -51.10 24.86 3.79
N LYS B 224 -51.75 25.82 3.12
CA LYS B 224 -51.95 25.69 1.68
C LYS B 224 -50.66 25.88 0.91
N ILE B 225 -49.85 26.87 1.29
CA ILE B 225 -48.56 27.09 0.63
C ILE B 225 -47.57 25.99 0.98
N ALA B 226 -47.54 25.57 2.24
CA ALA B 226 -46.59 24.54 2.66
C ALA B 226 -46.80 23.23 1.90
N ASP B 227 -48.06 22.81 1.74
CA ASP B 227 -48.32 21.58 1.00
C ASP B 227 -47.85 21.67 -0.44
N GLN B 228 -48.06 22.81 -1.09
CA GLN B 228 -47.62 22.96 -2.48
C GLN B 228 -46.10 22.98 -2.58
N ALA B 229 -45.43 23.73 -1.70
CA ALA B 229 -43.98 23.78 -1.73
C ALA B 229 -43.36 22.40 -1.51
N LEU B 230 -43.87 21.66 -0.53
CA LEU B 230 -43.37 20.31 -0.27
C LEU B 230 -43.68 19.35 -1.42
N THR B 231 -44.67 19.66 -2.24
CA THR B 231 -44.94 18.83 -3.41
C THR B 231 -43.92 19.10 -4.51
N MET B 232 -43.49 20.36 -4.65
CA MET B 232 -42.46 20.68 -5.62
C MET B 232 -41.13 20.02 -5.23
N LEU B 233 -40.77 20.11 -3.94
CA LEU B 233 -39.55 19.47 -3.47
C LEU B 233 -39.64 17.96 -3.53
N ASP B 234 -40.84 17.40 -3.61
CA ASP B 234 -41.06 15.96 -3.66
C ASP B 234 -40.53 15.23 -2.43
N VAL B 235 -40.93 15.69 -1.25
CA VAL B 235 -40.53 15.08 0.01
C VAL B 235 -41.77 14.42 0.61
N ASP B 236 -41.70 13.10 0.78
CA ASP B 236 -42.80 12.34 1.37
C ASP B 236 -43.07 12.80 2.80
N HIS B 237 -44.29 12.54 3.26
CA HIS B 237 -44.66 12.91 4.63
C HIS B 237 -43.85 12.17 5.69
N GLU B 238 -43.11 11.13 5.31
CA GLU B 238 -42.16 10.47 6.18
C GLU B 238 -40.74 10.95 5.97
N GLY B 239 -40.52 11.91 5.08
CA GLY B 239 -39.20 12.42 4.79
C GLY B 239 -38.46 11.68 3.71
N LEU B 240 -39.11 10.76 2.99
CA LEU B 240 -38.46 9.99 1.94
C LEU B 240 -38.34 10.81 0.67
N ASP B 241 -37.13 10.86 0.12
CA ASP B 241 -36.86 11.56 -1.12
C ASP B 241 -37.39 10.78 -2.31
N TYR B 242 -37.27 11.37 -3.50
CA TYR B 242 -37.72 10.72 -4.72
C TYR B 242 -37.00 9.40 -4.98
N VAL B 243 -35.69 9.35 -4.75
CA VAL B 243 -34.94 8.10 -4.95
C VAL B 243 -35.32 7.06 -3.90
N ASP B 244 -35.56 7.49 -2.65
CA ASP B 244 -35.96 6.56 -1.61
C ASP B 244 -37.26 5.85 -1.97
N GLN B 245 -38.25 6.58 -2.48
CA GLN B 245 -39.52 5.97 -2.85
C GLN B 245 -39.33 4.98 -3.99
N LYS B 246 -38.47 5.29 -4.94
CA LYS B 246 -38.21 4.40 -6.06
C LYS B 246 -37.60 3.08 -5.60
N ILE B 247 -36.71 3.12 -4.61
CA ILE B 247 -36.09 1.89 -4.09
C ILE B 247 -37.15 0.96 -3.50
N LEU B 248 -37.97 1.47 -2.58
CA LEU B 248 -38.99 0.64 -1.95
C LEU B 248 -39.96 0.05 -2.96
N ARG B 249 -40.43 0.88 -3.90
CA ARG B 249 -41.36 0.40 -4.92
C ARG B 249 -40.79 -0.76 -5.72
N THR B 250 -39.53 -0.66 -6.14
CA THR B 250 -38.90 -1.72 -6.91
C THR B 250 -38.82 -3.03 -6.13
N MET B 251 -38.51 -2.95 -4.84
CA MET B 251 -38.44 -4.15 -4.01
C MET B 251 -39.79 -4.83 -3.84
N ILE B 252 -40.87 -4.06 -3.77
CA ILE B 252 -42.19 -4.65 -3.55
C ILE B 252 -42.81 -5.19 -4.82
N GLU B 253 -42.62 -4.51 -5.95
CA GLU B 253 -43.28 -4.94 -7.19
C GLU B 253 -42.51 -5.97 -8.00
N MET B 254 -41.19 -5.98 -7.99
CA MET B 254 -40.45 -6.93 -8.81
C MET B 254 -39.98 -8.15 -8.05
N TYR B 255 -39.52 -7.98 -6.80
CA TYR B 255 -38.95 -9.07 -6.03
C TYR B 255 -39.88 -9.60 -4.95
N GLY B 256 -41.12 -9.13 -4.91
CA GLY B 256 -42.05 -9.60 -3.91
C GLY B 256 -41.60 -9.35 -2.49
N GLY B 257 -40.82 -8.29 -2.27
CA GLY B 257 -40.31 -7.97 -0.96
C GLY B 257 -38.91 -8.47 -0.64
N GLY B 258 -38.29 -9.21 -1.55
CA GLY B 258 -36.96 -9.73 -1.32
C GLY B 258 -37.01 -11.19 -0.89
N PRO B 259 -35.87 -11.74 -0.48
CA PRO B 259 -34.53 -11.15 -0.38
C PRO B 259 -33.91 -10.78 -1.73
N VAL B 260 -33.14 -9.70 -1.75
CA VAL B 260 -32.45 -9.25 -2.96
C VAL B 260 -31.10 -8.67 -2.57
N GLY B 261 -30.13 -8.82 -3.46
CA GLY B 261 -28.82 -8.28 -3.20
C GLY B 261 -28.68 -6.82 -3.59
N LEU B 262 -27.70 -6.16 -2.98
CA LEU B 262 -27.49 -4.74 -3.22
C LEU B 262 -27.13 -4.47 -4.68
N GLY B 263 -26.32 -5.34 -5.28
CA GLY B 263 -25.95 -5.14 -6.67
C GLY B 263 -27.14 -5.22 -7.60
N THR B 264 -27.96 -6.27 -7.45
CA THR B 264 -29.16 -6.40 -8.28
C THR B 264 -30.10 -5.22 -8.11
N LEU B 265 -30.28 -4.74 -6.89
CA LEU B 265 -31.16 -3.60 -6.66
C LEU B 265 -30.60 -2.31 -7.25
N SER B 266 -29.30 -2.08 -7.13
CA SER B 266 -28.68 -0.87 -7.67
C SER B 266 -28.82 -0.79 -9.18
N VAL B 267 -28.60 -1.89 -9.89
CA VAL B 267 -28.66 -1.89 -11.34
C VAL B 267 -30.06 -1.58 -11.87
N ASN B 268 -31.11 -1.99 -11.17
CA ASN B 268 -32.46 -1.74 -11.67
C ASN B 268 -32.86 -0.28 -11.60
N ILE B 269 -32.26 0.53 -10.73
CA ILE B 269 -32.59 1.95 -10.63
C ILE B 269 -31.55 2.82 -11.32
N ALA B 270 -30.57 2.23 -12.00
CA ALA B 270 -29.50 2.96 -12.69
C ALA B 270 -28.61 3.75 -11.75
N GLU B 271 -28.60 3.42 -10.46
CA GLU B 271 -27.72 4.06 -9.50
C GLU B 271 -26.41 3.27 -9.44
N GLU B 272 -25.50 3.69 -8.56
CA GLU B 272 -24.28 2.94 -8.34
C GLU B 272 -24.19 2.45 -6.90
N ARG B 273 -23.57 1.29 -6.75
CA ARG B 273 -23.51 0.58 -5.48
C ARG B 273 -23.03 1.43 -4.31
N GLU B 274 -22.08 2.34 -4.55
CA GLU B 274 -21.57 3.16 -3.44
C GLU B 274 -22.53 4.25 -2.99
N THR B 275 -23.30 4.83 -3.90
CA THR B 275 -24.25 5.87 -3.48
C THR B 275 -25.43 5.27 -2.72
N VAL B 276 -25.93 4.12 -3.18
CA VAL B 276 -27.08 3.50 -2.52
C VAL B 276 -26.73 3.08 -1.09
N GLU B 277 -25.56 2.49 -0.89
CA GLU B 277 -25.17 2.06 0.45
C GLU B 277 -24.80 3.22 1.38
N ASP B 278 -24.25 4.31 0.86
CA ASP B 278 -23.83 5.40 1.73
C ASP B 278 -24.82 6.55 1.88
N MET B 279 -25.60 6.87 0.85
CA MET B 279 -26.57 7.96 0.98
C MET B 279 -27.97 7.55 1.44
N TYR B 280 -28.58 6.59 0.76
CA TYR B 280 -29.99 6.28 0.99
C TYR B 280 -30.26 5.15 1.98
N GLU B 281 -29.62 4.00 1.79
CA GLU B 281 -29.90 2.84 2.66
C GLU B 281 -29.76 3.12 4.16
N PRO B 282 -28.81 3.91 4.64
CA PRO B 282 -28.68 4.10 6.09
C PRO B 282 -29.95 4.57 6.80
N TYR B 283 -30.63 5.58 6.27
CA TYR B 283 -31.85 6.08 6.91
C TYR B 283 -33.01 5.10 6.77
N LEU B 284 -33.10 4.37 5.65
CA LEU B 284 -34.18 3.41 5.50
C LEU B 284 -34.11 2.29 6.52
N ILE B 285 -32.91 1.89 6.92
CA ILE B 285 -32.76 0.87 7.94
C ILE B 285 -33.06 1.41 9.33
N GLN B 286 -32.48 2.56 9.67
CA GLN B 286 -32.67 3.13 11.00
C GLN B 286 -34.13 3.43 11.29
N LYS B 287 -34.95 3.64 10.26
CA LYS B 287 -36.36 3.93 10.45
C LYS B 287 -37.25 2.70 10.29
N GLY B 288 -36.68 1.53 10.04
CA GLY B 288 -37.44 0.30 9.96
C GLY B 288 -38.13 -0.02 8.64
N PHE B 289 -37.75 0.61 7.54
CA PHE B 289 -38.36 0.27 6.26
C PHE B 289 -37.67 -0.91 5.58
N ILE B 290 -36.38 -1.12 5.83
CA ILE B 290 -35.62 -2.21 5.25
C ILE B 290 -34.92 -2.97 6.37
N MET B 291 -34.77 -4.28 6.19
CA MET B 291 -34.09 -5.14 7.15
C MET B 291 -33.02 -5.93 6.42
N ARG B 292 -31.81 -5.97 6.98
CA ARG B 292 -30.69 -6.68 6.38
C ARG B 292 -30.59 -8.09 6.96
N THR B 293 -30.50 -9.09 6.08
CA THR B 293 -30.44 -10.49 6.47
C THR B 293 -29.36 -11.19 5.68
N ARG B 294 -29.00 -12.39 6.11
CA ARG B 294 -27.96 -13.16 5.44
C ARG B 294 -28.28 -13.41 3.96
N THR B 295 -29.56 -13.40 3.59
CA THR B 295 -29.94 -13.67 2.21
C THR B 295 -30.05 -12.41 1.37
N GLY B 296 -30.21 -11.24 1.99
CA GLY B 296 -30.35 -10.00 1.26
C GLY B 296 -31.26 -9.04 2.00
N ARG B 297 -31.58 -7.95 1.33
CA ARG B 297 -32.49 -6.95 1.89
C ARG B 297 -33.93 -7.41 1.80
N VAL B 298 -34.73 -7.06 2.81
CA VAL B 298 -36.13 -7.42 2.87
C VAL B 298 -36.94 -6.20 3.29
N ALA B 299 -38.10 -6.01 2.67
CA ALA B 299 -39.00 -4.92 3.03
C ALA B 299 -39.93 -5.36 4.16
N THR B 300 -40.06 -4.51 5.17
CA THR B 300 -40.87 -4.82 6.33
C THR B 300 -42.34 -4.45 6.10
N ALA B 301 -43.19 -4.95 6.99
CA ALA B 301 -44.62 -4.64 6.92
C ALA B 301 -44.85 -3.14 6.98
N LYS B 302 -44.03 -2.41 7.74
CA LYS B 302 -44.16 -0.96 7.82
C LYS B 302 -44.00 -0.31 6.45
N ALA B 303 -43.19 -0.88 5.57
CA ALA B 303 -43.03 -0.33 4.23
C ALA B 303 -44.26 -0.59 3.37
N TYR B 304 -44.87 -1.76 3.51
CA TYR B 304 -46.06 -2.09 2.73
C TYR B 304 -47.20 -1.12 3.00
N GLU B 305 -47.49 -0.87 4.28
CA GLU B 305 -48.58 0.03 4.62
C GLU B 305 -48.28 1.49 4.32
N HIS B 306 -47.00 1.85 4.14
CA HIS B 306 -46.68 3.22 3.78
C HIS B 306 -46.87 3.48 2.28
N MET B 307 -46.47 2.52 1.45
CA MET B 307 -46.61 2.66 0.01
C MET B 307 -48.01 2.31 -0.49
N GLY B 308 -48.87 1.77 0.37
CA GLY B 308 -50.24 1.47 -0.01
C GLY B 308 -50.51 0.10 -0.58
N TYR B 309 -49.60 -0.85 -0.42
CA TYR B 309 -49.79 -2.20 -0.91
C TYR B 309 -50.37 -3.08 0.21
N ASP B 310 -50.63 -4.34 -0.12
CA ASP B 310 -51.14 -5.32 0.84
C ASP B 310 -50.06 -6.33 1.19
N TYR B 311 -49.84 -6.53 2.48
CA TYR B 311 -48.79 -7.42 2.99
C TYR B 311 -49.26 -8.87 2.90
N THR B 312 -49.44 -9.33 1.67
CA THR B 312 -49.91 -10.70 1.43
C THR B 312 -48.80 -11.70 1.70
N THR C 1 -0.25 13.82 47.74
CA THR C 1 -0.23 13.89 46.28
C THR C 1 -0.82 12.62 45.68
N LEU C 2 -1.33 12.73 44.45
CA LEU C 2 -1.94 11.58 43.79
C LEU C 2 -0.94 10.48 43.45
N ARG C 3 0.28 10.85 43.08
CA ARG C 3 1.27 9.82 42.73
C ARG C 3 2.00 9.28 43.95
N PRO C 4 1.90 7.98 44.25
CA PRO C 4 2.65 7.42 45.38
C PRO C 4 4.14 7.61 45.20
N GLN C 5 4.85 7.73 46.32
CA GLN C 5 6.29 8.01 46.30
C GLN C 5 7.17 6.81 46.63
N TYR C 6 6.68 5.81 47.35
CA TYR C 6 7.50 4.68 47.77
C TYR C 6 6.70 3.38 47.66
N PHE C 7 7.44 2.28 47.58
CA PHE C 7 6.81 0.97 47.41
C PHE C 7 5.74 0.68 48.46
N LYS C 8 5.92 1.16 49.69
CA LYS C 8 4.90 0.91 50.70
C LYS C 8 3.58 1.57 50.35
N GLU C 9 3.61 2.66 49.57
CA GLU C 9 2.41 3.35 49.15
C GLU C 9 1.85 2.84 47.82
N TYR C 10 2.63 2.06 47.07
CA TYR C 10 2.23 1.58 45.75
C TYR C 10 1.43 0.29 45.90
N ILE C 11 0.11 0.39 45.79
CA ILE C 11 -0.80 -0.73 45.91
C ILE C 11 -0.84 -1.54 44.61
N GLY C 12 -0.91 -2.87 44.74
CA GLY C 12 -0.99 -3.77 43.60
C GLY C 12 0.32 -4.06 42.90
N GLN C 13 0.19 -4.57 41.66
CA GLN C 13 1.34 -4.98 40.84
C GLN C 13 2.30 -5.87 41.62
N ASP C 14 1.73 -6.80 42.39
CA ASP C 14 2.53 -7.65 43.26
C ASP C 14 3.68 -8.35 42.53
N LYS C 15 3.45 -8.82 41.30
CA LYS C 15 4.52 -9.50 40.57
C LYS C 15 5.66 -8.56 40.23
N VAL C 16 5.36 -7.45 39.55
CA VAL C 16 6.41 -6.51 39.16
C VAL C 16 7.04 -5.87 40.39
N LYS C 17 6.22 -5.50 41.36
CA LYS C 17 6.72 -4.84 42.56
C LYS C 17 7.66 -5.74 43.36
N ASP C 18 7.32 -7.02 43.48
CA ASP C 18 8.18 -7.95 44.21
C ASP C 18 9.54 -8.13 43.53
N GLN C 19 9.56 -8.29 42.21
CA GLN C 19 10.83 -8.43 41.49
C GLN C 19 11.73 -7.22 41.64
N LEU C 20 11.18 -6.02 41.48
CA LEU C 20 12.00 -4.81 41.60
C LEU C 20 12.61 -4.66 42.99
N LYS C 21 11.89 -5.03 44.05
CA LYS C 21 12.46 -4.95 45.38
C LYS C 21 13.70 -5.84 45.52
N ILE C 22 13.66 -7.04 44.96
CA ILE C 22 14.82 -7.93 45.03
C ILE C 22 16.01 -7.33 44.28
N PHE C 23 15.78 -6.88 43.05
CA PHE C 23 16.88 -6.37 42.23
C PHE C 23 17.45 -5.05 42.77
N ILE C 24 16.59 -4.19 43.31
CA ILE C 24 17.07 -2.93 43.87
C ILE C 24 17.88 -3.16 45.14
N GLU C 25 17.41 -4.04 46.03
CA GLU C 25 18.16 -4.31 47.25
C GLU C 25 19.49 -5.01 46.94
N ALA C 26 19.50 -5.94 45.99
CA ALA C 26 20.73 -6.62 45.64
C ALA C 26 21.75 -5.67 45.01
N ALA C 27 21.30 -4.78 44.13
CA ALA C 27 22.21 -3.83 43.51
C ALA C 27 22.85 -2.91 44.53
N LYS C 28 22.10 -2.47 45.53
CA LYS C 28 22.67 -1.63 46.58
C LYS C 28 23.76 -2.37 47.34
N LEU C 29 23.52 -3.63 47.68
CA LEU C 29 24.51 -4.40 48.42
C LEU C 29 25.84 -4.47 47.69
N ARG C 30 25.85 -4.41 46.36
CA ARG C 30 27.08 -4.43 45.59
C ARG C 30 27.59 -3.05 45.24
N ASP C 31 26.86 -1.99 45.58
CA ASP C 31 27.21 -0.62 45.22
C ASP C 31 27.31 -0.44 43.71
N GLU C 32 26.50 -1.16 42.95
CA GLU C 32 26.49 -1.07 41.50
C GLU C 32 25.24 -0.33 41.02
N ALA C 33 25.26 0.08 39.76
CA ALA C 33 24.09 0.68 39.16
C ALA C 33 23.07 -0.40 38.82
N LEU C 34 21.79 -0.02 38.84
CA LEU C 34 20.74 -0.96 38.46
C LEU C 34 20.76 -1.20 36.94
N ASP C 35 20.43 -2.44 36.56
CA ASP C 35 20.35 -2.77 35.14
C ASP C 35 19.29 -1.95 34.44
N HIS C 36 19.40 -1.86 33.11
CA HIS C 36 18.45 -1.08 32.33
C HIS C 36 17.08 -1.73 32.38
N THR C 37 16.04 -0.93 32.60
CA THR C 37 14.68 -1.42 32.80
C THR C 37 13.73 -0.89 31.75
N LEU C 38 12.92 -1.77 31.17
CA LEU C 38 11.86 -1.40 30.24
C LEU C 38 10.50 -1.71 30.85
N LEU C 39 9.64 -0.70 30.96
CA LEU C 39 8.28 -0.84 31.45
C LEU C 39 7.30 -0.73 30.30
N PHE C 40 6.39 -1.69 30.18
CA PHE C 40 5.45 -1.67 29.07
C PHE C 40 4.13 -2.33 29.46
N GLY C 41 3.06 -1.97 28.74
CA GLY C 41 1.73 -2.46 29.02
C GLY C 41 0.63 -1.46 28.73
N PRO C 42 -0.62 -1.84 29.03
CA PRO C 42 -1.79 -1.00 28.70
C PRO C 42 -1.74 0.38 29.33
N PRO C 43 -2.53 1.32 28.78
CA PRO C 43 -2.56 2.69 29.31
C PRO C 43 -3.19 2.84 30.69
N GLY C 44 -2.56 3.69 31.52
CA GLY C 44 -3.11 4.05 32.81
C GLY C 44 -2.87 3.11 33.95
N LEU C 45 -1.94 2.15 33.82
CA LEU C 45 -1.72 1.17 34.88
C LEU C 45 -0.64 1.57 35.87
N GLY C 46 0.19 2.57 35.59
CA GLY C 46 1.20 2.98 36.55
C GLY C 46 2.64 3.00 36.06
N LYS C 47 2.83 2.92 34.74
CA LYS C 47 4.18 2.88 34.19
C LYS C 47 4.97 4.13 34.54
N THR C 48 4.43 5.31 34.25
CA THR C 48 5.13 6.55 34.58
C THR C 48 5.36 6.69 36.08
N THR C 49 4.37 6.33 36.89
CA THR C 49 4.50 6.44 38.34
C THR C 49 5.62 5.56 38.88
N MET C 50 5.70 4.31 38.41
CA MET C 50 6.74 3.40 38.87
C MET C 50 8.14 3.91 38.58
N ALA C 51 8.34 4.61 37.47
CA ALA C 51 9.67 5.13 37.14
C ALA C 51 10.18 6.11 38.19
N PHE C 52 9.31 6.98 38.71
CA PHE C 52 9.73 7.90 39.76
C PHE C 52 9.99 7.18 41.09
N VAL C 53 9.20 6.16 41.41
CA VAL C 53 9.43 5.40 42.64
C VAL C 53 10.83 4.79 42.65
N ILE C 54 11.24 4.19 41.53
CA ILE C 54 12.55 3.58 41.44
C ILE C 54 13.65 4.58 41.79
N ALA C 55 13.55 5.80 41.27
CA ALA C 55 14.57 6.80 41.57
C ALA C 55 14.61 7.15 43.06
N ASN C 56 13.44 7.23 43.71
CA ASN C 56 13.42 7.54 45.13
C ASN C 56 14.02 6.42 45.96
N GLU C 57 13.80 5.16 45.58
CA GLU C 57 14.37 4.06 46.33
C GLU C 57 15.88 3.97 46.13
N MET C 58 16.36 4.25 44.92
CA MET C 58 17.79 4.27 44.67
C MET C 58 18.48 5.47 45.30
N GLY C 59 17.75 6.55 45.57
CA GLY C 59 18.35 7.75 46.13
C GLY C 59 19.18 8.50 45.11
N VAL C 60 18.59 8.77 43.94
CA VAL C 60 19.28 9.42 42.84
C VAL C 60 18.37 10.51 42.26
N ASN C 61 18.96 11.40 41.48
CA ASN C 61 18.24 12.46 40.80
C ASN C 61 17.88 12.00 39.40
N LEU C 62 16.60 12.11 39.05
CA LEU C 62 16.09 11.61 37.78
C LEU C 62 16.12 12.68 36.69
N LYS C 63 16.78 12.35 35.57
CA LYS C 63 16.81 13.18 34.37
C LYS C 63 15.64 12.74 33.50
N GLN C 64 14.90 13.68 32.94
CA GLN C 64 13.70 13.34 32.18
C GLN C 64 13.64 14.03 30.84
N THR C 65 13.30 13.26 29.81
CA THR C 65 13.06 13.74 28.45
C THR C 65 11.96 12.89 27.84
N SER C 66 11.69 13.08 26.54
CA SER C 66 10.67 12.29 25.86
C SER C 66 11.11 12.05 24.42
N GLY C 67 10.59 10.98 23.84
CA GLY C 67 10.90 10.62 22.48
C GLY C 67 10.63 11.71 21.46
N PRO C 68 9.44 12.29 21.51
CA PRO C 68 9.13 13.37 20.57
C PRO C 68 10.05 14.59 20.69
N ALA C 69 10.60 14.86 21.87
CA ALA C 69 11.48 16.01 22.01
C ALA C 69 12.84 15.79 21.36
N ILE C 70 13.33 14.55 21.34
CA ILE C 70 14.62 14.25 20.72
C ILE C 70 14.38 14.11 19.22
N GLU C 71 14.92 15.04 18.45
CA GLU C 71 14.70 15.09 17.01
C GLU C 71 15.90 14.70 16.18
N LYS C 72 17.12 14.89 16.69
CA LYS C 72 18.32 14.52 15.94
C LYS C 72 19.39 14.02 16.90
N ALA C 73 20.34 13.27 16.34
CA ALA C 73 21.41 12.65 17.13
C ALA C 73 22.13 13.65 18.00
N GLY C 74 22.30 14.89 17.53
CA GLY C 74 22.97 15.90 18.35
C GLY C 74 22.29 16.17 19.66
N ASP C 75 20.96 16.03 19.71
CA ASP C 75 20.23 16.24 20.95
C ASP C 75 20.59 15.20 22.00
N LEU C 76 20.57 13.93 21.63
CA LEU C 76 20.90 12.86 22.56
C LEU C 76 22.36 12.95 23.02
N VAL C 77 23.29 13.20 22.10
CA VAL C 77 24.69 13.31 22.47
C VAL C 77 24.91 14.40 23.50
N ALA C 78 24.15 15.50 23.40
CA ALA C 78 24.26 16.56 24.39
C ALA C 78 23.73 16.11 25.76
N ILE C 79 22.59 15.42 25.78
CA ILE C 79 22.03 14.93 27.03
C ILE C 79 22.98 13.95 27.73
N LEU C 80 23.51 13.00 26.97
CA LEU C 80 24.41 12.00 27.55
C LEU C 80 25.63 12.64 28.19
N ASN C 81 26.16 13.71 27.59
CA ASN C 81 27.33 14.37 28.17
C ASN C 81 27.07 14.97 29.55
N ASP C 82 25.82 15.20 29.91
CA ASP C 82 25.49 15.80 31.20
C ASP C 82 25.32 14.76 32.31
N LEU C 83 25.40 13.47 32.00
CA LEU C 83 25.21 12.44 33.01
C LEU C 83 26.39 12.35 33.96
N GLU C 84 26.07 12.11 35.23
CA GLU C 84 27.05 11.87 36.29
C GLU C 84 26.94 10.42 36.76
N PRO C 85 27.96 9.90 37.44
CA PRO C 85 27.90 8.50 37.87
C PRO C 85 26.69 8.23 38.75
N GLY C 86 25.95 7.18 38.41
CA GLY C 86 24.76 6.78 39.13
C GLY C 86 23.49 7.47 38.71
N ASP C 87 23.55 8.46 37.83
CA ASP C 87 22.35 9.15 37.39
C ASP C 87 21.42 8.18 36.65
N ILE C 88 20.13 8.49 36.67
CA ILE C 88 19.11 7.71 35.99
C ILE C 88 18.48 8.59 34.92
N LEU C 89 18.44 8.07 33.69
CA LEU C 89 17.82 8.76 32.56
C LEU C 89 16.50 8.06 32.24
N PHE C 90 15.41 8.82 32.23
CA PHE C 90 14.09 8.30 31.92
C PHE C 90 13.60 8.88 30.61
N ILE C 91 13.28 8.02 29.65
CA ILE C 91 12.79 8.42 28.34
C ILE C 91 11.37 7.89 28.17
N ASP C 92 10.40 8.79 28.18
CA ASP C 92 8.99 8.44 28.00
C ASP C 92 8.66 8.41 26.51
N GLU C 93 7.70 7.56 26.13
CA GLU C 93 7.33 7.37 24.73
C GLU C 93 8.55 7.05 23.87
N ILE C 94 9.39 6.16 24.39
CA ILE C 94 10.64 5.79 23.73
C ILE C 94 10.46 5.24 22.32
N HIS C 95 9.26 4.76 21.96
CA HIS C 95 9.05 4.25 20.61
C HIS C 95 9.08 5.32 19.52
N ARG C 96 9.05 6.60 19.85
CA ARG C 96 9.07 7.64 18.83
C ARG C 96 10.47 8.09 18.38
N MET C 97 11.52 7.76 19.10
CA MET C 97 12.84 8.24 18.70
C MET C 97 13.15 7.81 17.26
N PRO C 98 13.74 8.70 16.45
CA PRO C 98 14.12 8.30 15.09
C PRO C 98 15.15 7.18 15.09
N MET C 99 15.14 6.37 14.05
CA MET C 99 16.08 5.25 13.96
C MET C 99 17.51 5.71 13.98
N ALA C 100 17.79 6.90 13.43
CA ALA C 100 19.14 7.44 13.46
C ALA C 100 19.64 7.62 14.89
N VAL C 101 18.73 7.79 15.84
CA VAL C 101 19.10 7.93 17.25
C VAL C 101 19.19 6.59 17.95
N GLU C 102 18.24 5.69 17.71
CA GLU C 102 18.29 4.38 18.34
C GLU C 102 19.59 3.64 18.02
N GLU C 103 20.14 3.82 16.82
CA GLU C 103 21.37 3.12 16.49
C GLU C 103 22.56 3.64 17.29
N VAL C 104 22.47 4.87 17.80
CA VAL C 104 23.51 5.38 18.68
C VAL C 104 23.42 4.72 20.05
N LEU C 105 22.20 4.44 20.49
CA LEU C 105 21.93 3.93 21.82
C LEU C 105 22.47 2.52 22.06
N TYR C 106 22.71 1.73 21.01
CA TYR C 106 23.26 0.40 21.21
C TYR C 106 24.55 0.42 22.00
N SER C 107 25.57 1.12 21.49
CA SER C 107 26.87 1.14 22.15
C SER C 107 26.83 1.87 23.49
N ALA C 108 26.07 2.95 23.57
CA ALA C 108 25.98 3.70 24.82
C ALA C 108 25.45 2.82 25.96
N MET C 109 24.54 1.91 25.64
CA MET C 109 23.99 1.00 26.65
C MET C 109 24.94 -0.14 26.98
N GLU C 110 25.48 -0.80 25.96
CA GLU C 110 26.27 -2.01 26.17
C GLU C 110 27.74 -1.76 26.48
N ASP C 111 28.36 -0.73 25.91
CA ASP C 111 29.79 -0.49 26.12
C ASP C 111 30.11 0.83 26.83
N TYR C 112 29.11 1.63 27.18
CA TYR C 112 29.31 2.89 27.87
C TYR C 112 30.22 3.85 27.13
N TYR C 113 30.32 3.74 25.81
CA TYR C 113 31.09 4.70 25.04
C TYR C 113 30.35 5.00 23.75
N ILE C 114 30.61 6.19 23.20
CA ILE C 114 30.08 6.61 21.92
C ILE C 114 31.22 7.10 21.05
N ASP C 115 31.11 6.89 19.74
CA ASP C 115 32.13 7.29 18.78
C ASP C 115 31.40 8.07 17.69
N ILE C 116 31.46 9.39 17.79
CA ILE C 116 30.65 10.30 16.98
C ILE C 116 31.57 11.10 16.08
N MET C 117 31.25 11.11 14.78
CA MET C 117 31.99 11.94 13.84
C MET C 117 31.63 13.41 14.06
N ILE C 118 32.64 14.27 14.09
CA ILE C 118 32.43 15.69 14.34
C ILE C 118 33.41 16.51 13.51
N THR C 123 38.08 19.08 8.33
CA THR C 123 37.89 19.40 9.75
C THR C 123 37.12 18.30 10.47
N SER C 124 36.61 17.32 9.70
CA SER C 124 35.86 16.22 10.29
C SER C 124 36.79 15.34 11.12
N ARG C 125 36.36 15.00 12.33
CA ARG C 125 37.15 14.16 13.22
C ARG C 125 36.21 13.37 14.11
N SER C 126 36.74 12.28 14.66
CA SER C 126 35.99 11.39 15.55
C SER C 126 36.47 11.58 16.98
N VAL C 127 35.53 11.84 17.88
CA VAL C 127 35.80 11.99 19.30
C VAL C 127 35.21 10.77 20.02
N HIS C 128 36.00 10.17 20.89
CA HIS C 128 35.57 9.02 21.68
C HIS C 128 35.22 9.50 23.08
N LEU C 129 33.97 9.28 23.49
CA LEU C 129 33.46 9.68 24.79
C LEU C 129 33.13 8.44 25.61
N ASP C 130 33.69 8.34 26.81
CA ASP C 130 33.46 7.22 27.70
C ASP C 130 32.51 7.68 28.81
N LEU C 131 31.32 7.08 28.85
CA LEU C 131 30.27 7.51 29.76
C LEU C 131 30.41 6.88 31.15
N PRO C 132 30.05 7.62 32.20
CA PRO C 132 30.03 7.05 33.54
C PRO C 132 28.90 6.04 33.70
N PRO C 133 28.93 5.22 34.74
CA PRO C 133 27.84 4.25 34.94
C PRO C 133 26.49 4.93 35.14
N PHE C 134 25.49 4.46 34.42
CA PHE C 134 24.15 5.05 34.47
C PHE C 134 23.12 3.98 34.15
N THR C 135 21.86 4.27 34.50
CA THR C 135 20.73 3.39 34.24
C THR C 135 19.73 4.10 33.34
N LEU C 136 19.31 3.43 32.26
CA LEU C 136 18.28 3.94 31.36
C LEU C 136 16.96 3.25 31.65
N VAL C 137 15.90 4.03 31.86
CA VAL C 137 14.56 3.51 32.09
C VAL C 137 13.65 3.97 30.95
N GLY C 138 12.96 3.03 30.32
CA GLY C 138 12.03 3.33 29.25
C GLY C 138 10.62 2.87 29.56
N ALA C 139 9.64 3.63 29.09
CA ALA C 139 8.23 3.30 29.25
C ALA C 139 7.54 3.46 27.90
N THR C 140 6.76 2.45 27.50
CA THR C 140 6.10 2.50 26.20
C THR C 140 4.85 1.62 26.20
N THR C 141 3.93 1.96 25.31
CA THR C 141 2.73 1.17 25.06
C THR C 141 2.81 0.32 23.80
N ARG C 142 3.86 0.49 22.99
CA ARG C 142 4.03 -0.19 21.72
C ARG C 142 5.40 -0.84 21.65
N ALA C 143 5.71 -1.67 22.63
CA ALA C 143 7.03 -2.29 22.72
C ALA C 143 7.41 -3.04 21.45
N GLY C 144 6.44 -3.55 20.70
CA GLY C 144 6.75 -4.22 19.46
C GLY C 144 7.40 -3.33 18.42
N MET C 145 7.21 -2.01 18.55
CA MET C 145 7.75 -1.06 17.60
C MET C 145 9.25 -0.81 17.81
N LEU C 146 9.79 -1.14 18.97
CA LEU C 146 11.22 -1.00 19.19
C LEU C 146 12.00 -2.03 18.37
N SER C 147 13.19 -1.63 17.93
CA SER C 147 14.05 -2.50 17.14
C SER C 147 14.50 -3.72 17.93
N ASN C 148 14.64 -4.83 17.23
CA ASN C 148 15.05 -6.08 17.88
C ASN C 148 16.39 -5.98 18.61
N PRO C 149 17.41 -5.30 18.09
CA PRO C 149 18.65 -5.16 18.86
C PRO C 149 18.53 -4.30 20.09
N LEU C 150 17.58 -3.38 20.14
CA LEU C 150 17.42 -2.55 21.34
C LEU C 150 16.75 -3.32 22.47
N ARG C 151 15.71 -4.11 22.15
CA ARG C 151 15.07 -4.91 23.18
C ARG C 151 16.03 -5.89 23.84
N ALA C 152 16.99 -6.41 23.10
CA ALA C 152 17.95 -7.36 23.65
C ALA C 152 18.89 -6.76 24.68
N ARG C 153 19.01 -5.44 24.76
CA ARG C 153 19.94 -4.82 25.70
C ARG C 153 19.30 -4.40 27.02
N PHE C 154 17.97 -4.41 27.14
CA PHE C 154 17.33 -4.16 28.43
C PHE C 154 17.43 -5.42 29.28
N GLY C 155 17.82 -5.26 30.54
CA GLY C 155 18.00 -6.38 31.44
C GLY C 155 16.80 -6.76 32.27
N ILE C 156 15.88 -5.82 32.49
CA ILE C 156 14.68 -6.07 33.29
C ILE C 156 13.47 -5.65 32.47
N ASN C 157 12.49 -6.55 32.36
CA ASN C 157 11.26 -6.29 31.62
C ASN C 157 10.08 -6.35 32.57
N GLY C 158 9.36 -5.24 32.71
CA GLY C 158 8.20 -5.16 33.56
C GLY C 158 6.90 -5.09 32.78
N HIS C 159 6.10 -6.15 32.78
CA HIS C 159 4.83 -6.18 32.07
C HIS C 159 3.71 -5.94 33.08
N MET C 160 2.96 -4.85 32.87
CA MET C 160 1.91 -4.43 33.79
C MET C 160 0.61 -5.22 33.60
N GLU C 161 -0.08 -5.46 34.72
CA GLU C 161 -1.35 -6.17 34.75
C GLU C 161 -2.47 -5.28 35.27
N TYR C 162 -3.71 -5.67 34.97
CA TYR C 162 -4.88 -5.01 35.51
C TYR C 162 -5.02 -5.29 37.01
N TYR C 163 -5.76 -4.42 37.69
CA TYR C 163 -5.97 -4.52 39.13
C TYR C 163 -7.23 -5.30 39.49
N GLU C 164 -7.30 -5.72 40.75
CA GLU C 164 -8.43 -6.45 41.32
C GLU C 164 -9.30 -5.53 42.18
N LEU C 165 -10.53 -5.98 42.41
CA LEU C 165 -11.48 -5.18 43.19
C LEU C 165 -10.97 -4.81 44.58
N PRO C 166 -10.33 -5.69 45.34
CA PRO C 166 -9.84 -5.28 46.67
C PRO C 166 -8.78 -4.20 46.61
N ASP C 167 -7.94 -4.20 45.58
CA ASP C 167 -6.91 -3.17 45.45
C ASP C 167 -7.51 -1.83 45.03
N LEU C 168 -8.39 -1.83 44.03
CA LEU C 168 -9.02 -0.60 43.60
C LEU C 168 -9.83 0.04 44.71
N THR C 169 -10.48 -0.77 45.53
CA THR C 169 -11.26 -0.22 46.64
C THR C 169 -10.38 0.60 47.56
N GLU C 170 -9.17 0.12 47.84
CA GLU C 170 -8.24 0.85 48.69
C GLU C 170 -7.74 2.13 48.01
N ILE C 171 -7.55 2.10 46.69
CA ILE C 171 -7.15 3.30 45.97
C ILE C 171 -8.24 4.37 46.05
N VAL C 172 -9.49 3.99 45.83
CA VAL C 172 -10.59 4.94 45.91
C VAL C 172 -10.65 5.58 47.29
N GLU C 173 -10.45 4.78 48.34
CA GLU C 173 -10.44 5.33 49.70
C GLU C 173 -9.28 6.30 49.92
N ARG C 174 -8.10 5.96 49.44
CA ARG C 174 -6.95 6.84 49.57
C ARG C 174 -7.20 8.19 48.91
N THR C 175 -7.63 8.19 47.65
CA THR C 175 -7.87 9.44 46.94
C THR C 175 -8.92 10.29 47.63
N SER C 176 -9.95 9.66 48.20
CA SER C 176 -10.98 10.42 48.90
C SER C 176 -10.43 11.22 50.07
N GLU C 177 -9.38 10.71 50.73
CA GLU C 177 -8.78 11.46 51.84
C GLU C 177 -8.04 12.70 51.35
N ILE C 178 -7.50 12.67 50.14
CA ILE C 178 -6.79 13.83 49.62
C ILE C 178 -7.79 14.94 49.25
N PHE C 179 -8.97 14.55 48.76
CA PHE C 179 -10.04 15.51 48.51
C PHE C 179 -10.79 15.88 49.78
N GLU C 180 -10.42 15.31 50.92
CA GLU C 180 -11.08 15.52 52.21
C GLU C 180 -12.59 15.28 52.12
N MET C 181 -12.96 14.30 51.32
CA MET C 181 -14.34 13.87 51.17
C MET C 181 -14.55 12.62 52.01
N THR C 182 -15.67 12.56 52.71
CA THR C 182 -16.01 11.36 53.47
C THR C 182 -16.75 10.39 52.55
N ILE C 183 -16.32 9.13 52.58
CA ILE C 183 -16.93 8.08 51.78
C ILE C 183 -17.02 6.81 52.61
N THR C 184 -18.12 6.08 52.47
CA THR C 184 -18.32 4.85 53.21
C THR C 184 -17.65 3.67 52.51
N PRO C 185 -17.32 2.62 53.25
CA PRO C 185 -16.65 1.46 52.62
C PRO C 185 -17.48 0.79 51.54
N GLU C 186 -18.78 0.65 51.72
CA GLU C 186 -19.62 0.02 50.70
C GLU C 186 -19.83 0.93 49.50
N ALA C 187 -19.81 2.25 49.70
CA ALA C 187 -19.91 3.16 48.56
C ALA C 187 -18.69 3.07 47.67
N ALA C 188 -17.51 2.89 48.27
CA ALA C 188 -16.29 2.75 47.49
C ALA C 188 -16.30 1.50 46.64
N LEU C 189 -16.80 0.39 47.19
CA LEU C 189 -16.89 -0.84 46.42
C LEU C 189 -17.76 -0.69 45.18
N GLU C 190 -18.83 0.11 45.27
CA GLU C 190 -19.68 0.32 44.11
C GLU C 190 -18.97 1.05 42.98
N LEU C 191 -18.00 1.91 43.29
CA LEU C 191 -17.23 2.55 42.23
C LEU C 191 -16.16 1.63 41.67
N ALA C 192 -15.54 0.81 42.52
CA ALA C 192 -14.50 -0.10 42.04
C ALA C 192 -15.04 -1.08 40.99
N ARG C 193 -16.24 -1.61 41.20
CA ARG C 193 -16.83 -2.53 40.23
C ARG C 193 -16.96 -1.88 38.85
N ARG C 194 -17.23 -0.59 38.80
CA ARG C 194 -17.41 0.14 37.55
C ARG C 194 -16.13 0.73 36.96
N SER C 195 -14.98 0.53 37.59
CA SER C 195 -13.75 1.16 37.12
C SER C 195 -12.99 0.36 36.07
N ARG C 196 -13.55 -0.74 35.57
CA ARG C 196 -12.93 -1.54 34.51
C ARG C 196 -11.51 -2.00 34.85
N GLY C 197 -11.10 -1.98 36.11
CA GLY C 197 -9.77 -2.43 36.45
C GLY C 197 -8.65 -1.42 36.32
N THR C 198 -8.96 -0.14 36.08
CA THR C 198 -7.94 0.87 35.81
C THR C 198 -7.94 1.93 36.89
N PRO C 199 -6.78 2.24 37.48
CA PRO C 199 -6.74 3.29 38.52
C PRO C 199 -7.24 4.65 38.05
N ARG C 200 -6.84 5.09 36.85
CA ARG C 200 -7.28 6.40 36.35
C ARG C 200 -8.79 6.49 36.20
N ILE C 201 -9.43 5.40 35.77
CA ILE C 201 -10.89 5.43 35.63
C ILE C 201 -11.56 5.51 37.00
N ALA C 202 -11.01 4.84 38.00
CA ALA C 202 -11.57 4.94 39.34
C ALA C 202 -11.51 6.36 39.88
N ASN C 203 -10.41 7.06 39.67
CA ASN C 203 -10.30 8.46 40.10
C ASN C 203 -11.26 9.36 39.34
N ARG C 204 -11.46 9.12 38.05
CA ARG C 204 -12.37 9.97 37.27
C ARG C 204 -13.80 9.87 37.77
N LEU C 205 -14.29 8.66 38.04
CA LEU C 205 -15.62 8.51 38.60
C LEU C 205 -15.76 9.23 39.94
N LEU C 206 -14.75 9.11 40.80
CA LEU C 206 -14.79 9.77 42.08
C LEU C 206 -14.95 11.29 41.93
N LYS C 207 -14.23 11.89 40.99
CA LYS C 207 -14.36 13.33 40.75
C LYS C 207 -15.77 13.71 40.33
N ARG C 208 -16.37 12.96 39.41
CA ARG C 208 -17.73 13.27 38.97
C ARG C 208 -18.74 13.10 40.09
N VAL C 209 -18.59 12.07 40.92
CA VAL C 209 -19.50 11.88 42.04
C VAL C 209 -19.33 12.97 43.08
N ARG C 210 -18.11 13.47 43.27
CA ARG C 210 -17.90 14.57 44.18
C ARG C 210 -18.65 15.82 43.74
N ASP C 211 -18.62 16.14 42.44
CA ASP C 211 -19.35 17.30 41.93
C ASP C 211 -20.85 17.17 42.20
N TYR C 212 -21.41 15.98 41.99
CA TYR C 212 -22.83 15.77 42.25
C TYR C 212 -23.16 15.94 43.73
N ALA C 213 -22.35 15.34 44.61
CA ALA C 213 -22.62 15.43 46.03
C ALA C 213 -22.52 16.86 46.57
N GLN C 214 -21.65 17.68 45.99
CA GLN C 214 -21.52 19.06 46.43
C GLN C 214 -22.66 19.97 45.97
N ILE C 215 -23.35 19.63 44.88
CA ILE C 215 -24.40 20.47 44.34
C ILE C 215 -25.79 19.92 44.70
N MET C 216 -25.99 18.61 44.60
CA MET C 216 -27.28 17.99 44.85
C MET C 216 -27.38 17.35 46.24
N GLY C 217 -26.39 17.57 47.10
CA GLY C 217 -26.44 16.97 48.43
C GLY C 217 -25.72 17.77 49.49
N ASP C 218 -25.39 17.13 50.61
CA ASP C 218 -24.72 17.79 51.72
C ASP C 218 -23.20 17.65 51.67
N GLY C 219 -22.65 17.28 50.52
CA GLY C 219 -21.21 17.14 50.40
C GLY C 219 -20.63 15.90 51.04
N VAL C 220 -21.42 14.84 51.15
CA VAL C 220 -20.98 13.57 51.72
C VAL C 220 -21.44 12.46 50.78
N ILE C 221 -20.55 11.49 50.54
CA ILE C 221 -20.86 10.36 49.67
C ILE C 221 -21.30 9.20 50.55
N ASP C 222 -22.52 8.73 50.33
CA ASP C 222 -23.11 7.63 51.06
C ASP C 222 -23.77 6.68 50.06
N ASP C 223 -24.17 5.50 50.55
CA ASP C 223 -24.75 4.50 49.67
C ASP C 223 -26.00 4.99 48.95
N LYS C 224 -26.60 6.09 49.38
CA LYS C 224 -27.77 6.62 48.69
C LYS C 224 -27.39 7.66 47.64
N ILE C 225 -26.53 8.62 47.99
CA ILE C 225 -26.08 9.61 47.03
C ILE C 225 -25.36 8.96 45.87
N ALA C 226 -24.51 7.96 46.16
CA ALA C 226 -23.76 7.29 45.11
C ALA C 226 -24.67 6.65 44.08
N ASP C 227 -25.75 5.99 44.51
CA ASP C 227 -26.66 5.37 43.56
C ASP C 227 -27.32 6.39 42.64
N GLN C 228 -27.69 7.55 43.16
CA GLN C 228 -28.29 8.57 42.31
C GLN C 228 -27.28 9.14 41.32
N ALA C 229 -26.07 9.45 41.79
CA ALA C 229 -25.05 10.00 40.91
C ALA C 229 -24.71 9.03 39.78
N LEU C 230 -24.55 7.75 40.13
CA LEU C 230 -24.25 6.74 39.12
C LEU C 230 -25.43 6.52 38.17
N THR C 231 -26.65 6.78 38.63
CA THR C 231 -27.79 6.67 37.73
C THR C 231 -27.81 7.81 36.72
N MET C 232 -27.42 9.01 37.15
CA MET C 232 -27.34 10.12 36.21
C MET C 232 -26.25 9.87 35.17
N LEU C 233 -25.09 9.40 35.61
CA LEU C 233 -24.02 9.06 34.67
C LEU C 233 -24.42 7.89 33.77
N ASP C 234 -25.41 7.11 34.17
CA ASP C 234 -25.90 5.97 33.39
C ASP C 234 -24.85 4.88 33.21
N VAL C 235 -24.14 4.54 34.27
CA VAL C 235 -23.12 3.49 34.22
C VAL C 235 -23.70 2.25 34.90
N ASP C 236 -23.83 1.16 34.14
CA ASP C 236 -24.38 -0.08 34.66
C ASP C 236 -23.48 -0.65 35.75
N HIS C 237 -24.04 -1.56 36.57
CA HIS C 237 -23.26 -2.12 37.67
C HIS C 237 -22.13 -3.01 37.18
N GLU C 238 -22.10 -3.34 35.89
CA GLU C 238 -21.00 -4.06 35.28
C GLU C 238 -20.03 -3.13 34.56
N GLY C 239 -20.27 -1.82 34.63
CA GLY C 239 -19.45 -0.84 33.95
C GLY C 239 -19.77 -0.60 32.50
N LEU C 240 -20.93 -1.06 32.02
CA LEU C 240 -21.34 -0.84 30.64
C LEU C 240 -22.02 0.52 30.50
N ASP C 241 -21.72 1.20 29.40
CA ASP C 241 -22.33 2.48 29.07
C ASP C 241 -23.65 2.30 28.32
N TYR C 242 -24.32 3.42 28.09
CA TYR C 242 -25.56 3.43 27.31
C TYR C 242 -25.38 2.77 25.94
N VAL C 243 -24.28 3.08 25.25
CA VAL C 243 -24.04 2.52 23.93
C VAL C 243 -23.68 1.04 24.02
N ASP C 244 -22.96 0.66 25.06
CA ASP C 244 -22.64 -0.75 25.26
C ASP C 244 -23.91 -1.58 25.43
N GLN C 245 -24.85 -1.09 26.25
CA GLN C 245 -26.11 -1.79 26.46
C GLN C 245 -26.93 -1.84 25.18
N LYS C 246 -26.91 -0.76 24.39
CA LYS C 246 -27.67 -0.72 23.15
C LYS C 246 -27.17 -1.76 22.15
N ILE C 247 -25.86 -2.01 22.12
CA ILE C 247 -25.32 -3.03 21.21
C ILE C 247 -25.85 -4.41 21.57
N LEU C 248 -25.70 -4.81 22.83
CA LEU C 248 -26.17 -6.13 23.24
C LEU C 248 -27.66 -6.28 23.03
N ARG C 249 -28.44 -5.26 23.40
CA ARG C 249 -29.88 -5.31 23.22
C ARG C 249 -30.26 -5.55 21.76
N THR C 250 -29.63 -4.82 20.84
CA THR C 250 -29.92 -4.98 19.42
C THR C 250 -29.59 -6.37 18.90
N MET C 251 -28.45 -6.92 19.30
CA MET C 251 -28.06 -8.26 18.87
C MET C 251 -29.04 -9.33 19.33
N ILE C 252 -29.49 -9.24 20.59
CA ILE C 252 -30.38 -10.26 21.13
C ILE C 252 -31.80 -10.16 20.58
N GLU C 253 -32.31 -8.96 20.36
CA GLU C 253 -33.69 -8.82 19.91
C GLU C 253 -33.89 -8.75 18.41
N MET C 254 -32.89 -8.36 17.61
CA MET C 254 -33.09 -8.26 16.18
C MET C 254 -32.44 -9.37 15.37
N TYR C 255 -31.39 -9.99 15.87
CA TYR C 255 -30.69 -11.04 15.14
C TYR C 255 -30.65 -12.36 15.90
N GLY C 256 -31.41 -12.49 16.98
CA GLY C 256 -31.42 -13.72 17.74
C GLY C 256 -30.07 -14.15 18.25
N GLY C 257 -29.21 -13.19 18.61
CA GLY C 257 -27.90 -13.49 19.12
C GLY C 257 -26.79 -13.58 18.09
N GLY C 258 -27.09 -13.42 16.81
CA GLY C 258 -26.07 -13.50 15.78
C GLY C 258 -26.05 -14.86 15.12
N PRO C 259 -25.07 -15.09 14.24
CA PRO C 259 -23.98 -14.20 13.84
C PRO C 259 -24.43 -12.99 13.05
N VAL C 260 -23.70 -11.89 13.20
CA VAL C 260 -23.99 -10.66 12.46
C VAL C 260 -22.67 -9.97 12.18
N GLY C 261 -22.60 -9.29 11.03
CA GLY C 261 -21.39 -8.59 10.67
C GLY C 261 -21.25 -7.23 11.32
N LEU C 262 -20.00 -6.75 11.36
CA LEU C 262 -19.71 -5.47 11.97
C LEU C 262 -20.41 -4.32 11.24
N GLY C 263 -20.40 -4.35 9.91
CA GLY C 263 -21.05 -3.28 9.17
C GLY C 263 -22.54 -3.20 9.42
N THR C 264 -23.21 -4.34 9.43
CA THR C 264 -24.65 -4.36 9.68
C THR C 264 -24.98 -3.83 11.07
N LEU C 265 -24.26 -4.30 12.08
CA LEU C 265 -24.52 -3.85 13.45
C LEU C 265 -24.23 -2.36 13.62
N SER C 266 -23.17 -1.86 13.00
CA SER C 266 -22.83 -0.43 13.11
C SER C 266 -23.91 0.44 12.48
N VAL C 267 -24.37 0.09 11.28
CA VAL C 267 -25.40 0.87 10.61
C VAL C 267 -26.71 0.85 11.38
N ASN C 268 -26.98 -0.22 12.11
CA ASN C 268 -28.23 -0.32 12.85
C ASN C 268 -28.25 0.56 14.09
N ILE C 269 -27.09 0.88 14.67
CA ILE C 269 -27.04 1.75 15.85
C ILE C 269 -26.61 3.16 15.50
N ALA C 270 -26.45 3.47 14.21
CA ALA C 270 -26.04 4.81 13.77
C ALA C 270 -24.67 5.21 14.32
N GLU C 271 -23.71 4.31 14.22
CA GLU C 271 -22.35 4.57 14.67
C GLU C 271 -21.37 4.36 13.52
N GLU C 272 -20.23 5.03 13.63
CA GLU C 272 -19.15 4.84 12.66
C GLU C 272 -18.52 3.47 12.87
N ARG C 273 -18.32 2.73 11.77
CA ARG C 273 -17.75 1.39 11.85
C ARG C 273 -16.46 1.35 12.66
N GLU C 274 -15.54 2.27 12.40
CA GLU C 274 -14.26 2.26 13.12
C GLU C 274 -14.43 2.56 14.61
N THR C 275 -15.47 3.28 15.00
CA THR C 275 -15.67 3.60 16.42
C THR C 275 -16.20 2.41 17.21
N VAL C 276 -17.07 1.61 16.61
CA VAL C 276 -17.58 0.41 17.28
C VAL C 276 -16.46 -0.61 17.50
N GLU C 277 -15.67 -0.88 16.46
CA GLU C 277 -14.60 -1.86 16.54
C GLU C 277 -13.46 -1.45 17.46
N ASP C 278 -13.12 -0.17 17.50
CA ASP C 278 -11.99 0.28 18.30
C ASP C 278 -12.33 0.87 19.66
N MET C 279 -13.57 1.26 19.92
CA MET C 279 -13.88 1.91 21.18
C MET C 279 -14.82 1.12 22.10
N TYR C 280 -15.69 0.27 21.57
CA TYR C 280 -16.62 -0.50 22.39
C TYR C 280 -16.35 -1.99 22.45
N GLU C 281 -16.08 -2.63 21.30
CA GLU C 281 -15.89 -4.08 21.29
C GLU C 281 -14.76 -4.60 22.19
N PRO C 282 -13.62 -3.93 22.34
CA PRO C 282 -12.55 -4.53 23.15
C PRO C 282 -12.94 -4.94 24.56
N TYR C 283 -13.63 -4.09 25.30
CA TYR C 283 -14.03 -4.46 26.66
C TYR C 283 -15.11 -5.54 26.68
N LEU C 284 -16.02 -5.52 25.70
CA LEU C 284 -17.05 -6.55 25.65
C LEU C 284 -16.48 -7.93 25.37
N ILE C 285 -15.40 -8.01 24.59
CA ILE C 285 -14.78 -9.30 24.31
C ILE C 285 -13.98 -9.80 25.50
N GLN C 286 -13.27 -8.92 26.19
CA GLN C 286 -12.46 -9.35 27.34
C GLN C 286 -13.32 -9.80 28.51
N LYS C 287 -14.48 -9.19 28.71
CA LYS C 287 -15.38 -9.61 29.79
C LYS C 287 -16.21 -10.83 29.42
N GLY C 288 -16.16 -11.28 28.17
CA GLY C 288 -16.90 -12.45 27.75
C GLY C 288 -18.34 -12.24 27.36
N PHE C 289 -18.71 -11.04 26.92
CA PHE C 289 -20.07 -10.78 26.49
C PHE C 289 -20.25 -11.06 25.00
N ILE C 290 -19.18 -10.97 24.21
CA ILE C 290 -19.22 -11.15 22.77
C ILE C 290 -18.08 -12.05 22.34
N MET C 291 -18.31 -12.82 21.28
CA MET C 291 -17.27 -13.65 20.67
C MET C 291 -17.22 -13.38 19.17
N ARG C 292 -16.01 -13.37 18.62
CA ARG C 292 -15.81 -13.22 17.18
C ARG C 292 -15.77 -14.59 16.55
N THR C 293 -16.45 -14.74 15.40
CA THR C 293 -16.54 -16.02 14.72
C THR C 293 -16.28 -15.81 13.23
N ARG C 294 -15.95 -16.92 12.55
CA ARG C 294 -15.69 -16.87 11.12
C ARG C 294 -16.84 -16.26 10.33
N THR C 295 -18.06 -16.35 10.84
CA THR C 295 -19.23 -15.84 10.14
C THR C 295 -19.81 -14.58 10.78
N GLY C 296 -19.19 -14.07 11.82
CA GLY C 296 -19.67 -12.88 12.50
C GLY C 296 -19.40 -13.01 13.98
N ARG C 297 -20.12 -12.23 14.78
CA ARG C 297 -20.00 -12.29 16.22
C ARG C 297 -21.36 -12.58 16.86
N VAL C 298 -21.31 -13.31 17.97
CA VAL C 298 -22.51 -13.79 18.65
C VAL C 298 -22.47 -13.40 20.13
N ALA C 299 -23.64 -13.20 20.70
CA ALA C 299 -23.78 -12.90 22.12
C ALA C 299 -23.76 -14.20 22.92
N THR C 300 -22.98 -14.22 24.00
CA THR C 300 -22.85 -15.42 24.82
C THR C 300 -23.96 -15.51 25.88
N ALA C 301 -24.05 -16.69 26.49
CA ALA C 301 -25.04 -16.92 27.55
C ALA C 301 -24.91 -15.92 28.69
N LYS C 302 -23.70 -15.43 28.95
CA LYS C 302 -23.52 -14.42 29.99
C LYS C 302 -24.23 -13.12 29.62
N ALA C 303 -24.27 -12.79 28.33
CA ALA C 303 -24.96 -11.58 27.89
C ALA C 303 -26.47 -11.70 28.09
N TYR C 304 -27.05 -12.86 27.81
CA TYR C 304 -28.48 -13.06 28.02
C TYR C 304 -28.85 -12.90 29.49
N GLU C 305 -28.08 -13.55 30.37
CA GLU C 305 -28.34 -13.47 31.80
C GLU C 305 -28.24 -12.04 32.32
N HIS C 306 -27.24 -11.29 31.86
CA HIS C 306 -27.08 -9.91 32.33
C HIS C 306 -28.19 -9.00 31.82
N MET C 307 -28.56 -9.10 30.55
CA MET C 307 -29.61 -8.23 30.03
C MET C 307 -31.00 -8.66 30.45
N GLY C 308 -31.18 -9.89 30.93
CA GLY C 308 -32.48 -10.33 31.41
C GLY C 308 -33.37 -10.98 30.37
N TYR C 309 -32.80 -11.88 29.57
CA TYR C 309 -33.53 -12.60 28.53
C TYR C 309 -33.33 -14.09 28.73
N ASP C 310 -34.30 -14.88 28.30
CA ASP C 310 -34.20 -16.33 28.44
C ASP C 310 -33.35 -16.88 27.31
N TYR C 311 -32.27 -17.58 27.67
CA TYR C 311 -31.35 -18.11 26.68
C TYR C 311 -31.95 -19.32 25.97
N THR C 312 -31.57 -19.47 24.70
CA THR C 312 -32.01 -20.60 23.89
C THR C 312 -30.83 -21.05 23.04
N ARG C 313 -30.35 -22.26 23.30
CA ARG C 313 -29.21 -22.81 22.57
C ARG C 313 -29.63 -23.26 21.18
N THR D 1 37.50 -11.52 31.18
CA THR D 1 36.45 -10.56 30.85
C THR D 1 35.26 -11.26 30.20
N LEU D 2 34.16 -10.52 30.04
CA LEU D 2 32.94 -11.12 29.49
C LEU D 2 33.11 -11.54 28.04
N ARG D 3 33.97 -10.85 27.26
CA ARG D 3 34.21 -11.24 25.88
C ARG D 3 35.47 -12.08 25.75
N PRO D 4 35.39 -13.27 25.13
CA PRO D 4 36.61 -14.04 24.87
C PRO D 4 37.63 -13.24 24.07
N GLN D 5 38.89 -13.65 24.16
CA GLN D 5 39.98 -12.95 23.49
C GLN D 5 40.78 -13.81 22.52
N TYR D 6 40.64 -15.14 22.56
CA TYR D 6 41.37 -16.03 21.68
C TYR D 6 40.50 -17.23 21.37
N PHE D 7 40.86 -17.96 20.31
CA PHE D 7 40.07 -19.13 19.94
C PHE D 7 40.00 -20.14 21.07
N LYS D 8 41.00 -20.16 21.95
CA LYS D 8 40.95 -21.05 23.11
C LYS D 8 39.75 -20.72 24.00
N GLU D 9 39.51 -19.44 24.23
CA GLU D 9 38.40 -19.00 25.08
C GLU D 9 37.06 -19.03 24.35
N TYR D 10 37.05 -18.83 23.03
CA TYR D 10 35.81 -18.80 22.26
C TYR D 10 35.21 -20.20 22.19
N ILE D 11 34.17 -20.42 22.99
CA ILE D 11 33.46 -21.69 23.02
C ILE D 11 32.53 -21.82 21.83
N GLY D 12 32.36 -23.05 21.33
CA GLY D 12 31.46 -23.35 20.22
C GLY D 12 31.90 -22.87 18.85
N GLN D 13 30.93 -22.87 17.93
CA GLN D 13 31.13 -22.45 16.55
C GLN D 13 32.30 -23.19 15.89
N ASP D 14 32.46 -24.46 16.24
CA ASP D 14 33.59 -25.25 15.77
C ASP D 14 33.75 -25.21 14.24
N LYS D 15 32.66 -25.36 13.49
CA LYS D 15 32.77 -25.37 12.04
C LYS D 15 33.41 -24.09 11.51
N VAL D 16 32.81 -22.93 11.82
CA VAL D 16 33.39 -21.67 11.35
C VAL D 16 34.72 -21.41 12.04
N LYS D 17 34.80 -21.73 13.33
CA LYS D 17 36.03 -21.54 14.09
C LYS D 17 37.19 -22.34 13.50
N ASP D 18 36.95 -23.60 13.14
CA ASP D 18 38.01 -24.42 12.57
C ASP D 18 38.45 -23.93 11.19
N GLN D 19 37.52 -23.51 10.34
CA GLN D 19 37.88 -22.97 9.03
C GLN D 19 38.80 -21.75 9.15
N LEU D 20 38.37 -20.73 9.88
CA LEU D 20 39.20 -19.53 10.06
C LEU D 20 40.57 -19.86 10.59
N LYS D 21 40.68 -20.82 11.51
CA LYS D 21 41.98 -21.17 12.07
C LYS D 21 42.97 -21.58 11.00
N ILE D 22 42.53 -22.41 10.04
CA ILE D 22 43.41 -22.85 8.96
C ILE D 22 43.78 -21.70 8.03
N PHE D 23 42.79 -20.92 7.60
CA PHE D 23 43.05 -19.83 6.67
C PHE D 23 43.99 -18.77 7.24
N ILE D 24 43.89 -18.49 8.54
CA ILE D 24 44.79 -17.50 9.14
C ILE D 24 46.24 -17.97 9.09
N GLU D 25 46.48 -19.23 9.41
CA GLU D 25 47.85 -19.75 9.37
C GLU D 25 48.44 -19.71 7.98
N ALA D 26 47.65 -20.05 6.96
CA ALA D 26 48.17 -20.02 5.59
C ALA D 26 48.59 -18.61 5.20
N ALA D 27 47.85 -17.60 5.64
CA ALA D 27 48.25 -16.22 5.37
C ALA D 27 49.52 -15.85 6.13
N LYS D 28 49.65 -16.30 7.38
CA LYS D 28 50.86 -16.01 8.14
C LYS D 28 52.08 -16.68 7.52
N LEU D 29 51.91 -17.81 6.86
CA LEU D 29 53.05 -18.46 6.23
C LEU D 29 53.54 -17.71 5.00
N ARG D 30 52.88 -16.61 4.63
CA ARG D 30 53.25 -15.79 3.49
C ARG D 30 53.14 -14.33 3.92
N ASP D 31 53.62 -13.44 3.05
CA ASP D 31 53.52 -12.00 3.30
C ASP D 31 52.21 -11.46 2.71
N GLU D 32 51.09 -12.03 3.17
CA GLU D 32 49.77 -11.69 2.65
C GLU D 32 48.78 -11.47 3.77
N ALA D 33 47.86 -10.54 3.55
CA ALA D 33 46.77 -10.27 4.47
C ALA D 33 45.63 -11.27 4.26
N LEU D 34 44.83 -11.47 5.30
CA LEU D 34 43.72 -12.40 5.22
C LEU D 34 42.67 -11.91 4.21
N ASP D 35 42.03 -12.88 3.55
CA ASP D 35 40.97 -12.57 2.61
C ASP D 35 39.78 -11.89 3.29
N HIS D 36 39.11 -11.03 2.53
CA HIS D 36 37.89 -10.38 3.01
C HIS D 36 36.87 -11.41 3.45
N THR D 37 36.36 -11.28 4.66
CA THR D 37 35.46 -12.26 5.25
C THR D 37 34.08 -11.66 5.52
N LEU D 38 33.04 -12.44 5.23
CA LEU D 38 31.65 -12.06 5.44
C LEU D 38 31.02 -13.02 6.44
N LEU D 39 30.48 -12.47 7.53
CA LEU D 39 29.85 -13.24 8.62
C LEU D 39 28.33 -13.10 8.58
N PHE D 40 27.63 -14.23 8.52
CA PHE D 40 26.17 -14.29 8.48
C PHE D 40 25.61 -14.94 9.74
N GLY D 41 24.40 -14.52 10.11
CA GLY D 41 23.69 -15.15 11.20
C GLY D 41 22.77 -14.24 11.98
N PRO D 42 21.87 -14.84 12.75
CA PRO D 42 20.95 -14.06 13.59
C PRO D 42 21.68 -13.23 14.62
N PRO D 43 21.00 -12.25 15.21
CA PRO D 43 21.65 -11.35 16.17
C PRO D 43 22.06 -12.03 17.48
N GLY D 44 23.20 -11.58 18.00
CA GLY D 44 23.73 -12.00 19.29
C GLY D 44 24.48 -13.31 19.34
N LEU D 45 24.84 -13.91 18.20
CA LEU D 45 25.56 -15.18 18.24
C LEU D 45 27.06 -15.02 18.45
N GLY D 46 27.59 -13.81 18.45
CA GLY D 46 29.00 -13.58 18.64
C GLY D 46 29.76 -13.00 17.46
N LYS D 47 29.08 -12.44 16.46
CA LYS D 47 29.76 -11.87 15.30
C LYS D 47 30.75 -10.79 15.72
N THR D 48 30.29 -9.80 16.49
CA THR D 48 31.19 -8.75 16.97
C THR D 48 32.37 -9.33 17.76
N THR D 49 32.10 -10.31 18.62
CA THR D 49 33.18 -10.91 19.39
C THR D 49 34.21 -11.59 18.49
N MET D 50 33.75 -12.32 17.48
CA MET D 50 34.66 -12.99 16.57
C MET D 50 35.63 -12.04 15.89
N ALA D 51 35.16 -10.85 15.51
CA ALA D 51 36.06 -9.89 14.86
C ALA D 51 37.28 -9.57 15.72
N PHE D 52 37.09 -9.37 17.03
CA PHE D 52 38.25 -9.10 17.89
C PHE D 52 39.18 -10.30 17.98
N VAL D 53 38.63 -11.52 18.03
CA VAL D 53 39.48 -12.70 18.07
C VAL D 53 40.33 -12.82 16.81
N ILE D 54 39.75 -12.52 15.65
CA ILE D 54 40.52 -12.56 14.41
C ILE D 54 41.67 -11.56 14.47
N ALA D 55 41.39 -10.33 14.90
CA ALA D 55 42.43 -9.32 14.98
C ALA D 55 43.54 -9.72 15.95
N ASN D 56 43.19 -10.27 17.11
CA ASN D 56 44.21 -10.71 18.05
C ASN D 56 45.02 -11.89 17.52
N GLU D 57 44.35 -12.87 16.91
CA GLU D 57 45.10 -14.03 16.42
C GLU D 57 45.95 -13.68 15.21
N MET D 58 45.56 -12.65 14.46
CA MET D 58 46.40 -12.16 13.37
C MET D 58 47.58 -11.36 13.90
N GLY D 59 47.47 -10.80 15.11
CA GLY D 59 48.51 -9.96 15.66
C GLY D 59 48.59 -8.64 14.93
N VAL D 60 47.44 -8.03 14.70
CA VAL D 60 47.31 -6.82 13.90
C VAL D 60 46.43 -5.82 14.64
N ASN D 61 46.62 -4.53 14.33
CA ASN D 61 45.82 -3.47 14.91
C ASN D 61 44.45 -3.41 14.24
N LEU D 62 43.43 -3.06 15.02
CA LEU D 62 42.05 -3.00 14.54
C LEU D 62 41.50 -1.57 14.57
N LYS D 63 40.94 -1.15 13.45
CA LYS D 63 40.19 0.10 13.34
C LYS D 63 38.73 -0.29 13.24
N GLN D 64 37.87 0.37 14.01
CA GLN D 64 36.46 0.00 14.09
C GLN D 64 35.56 1.17 13.75
N THR D 65 34.51 0.88 12.98
CA THR D 65 33.50 1.85 12.59
C THR D 65 32.21 1.08 12.35
N SER D 66 31.18 1.77 11.86
CA SER D 66 29.89 1.13 11.61
C SER D 66 29.21 1.79 10.42
N GLY D 67 28.33 1.00 9.77
CA GLY D 67 27.60 1.48 8.61
C GLY D 67 26.82 2.76 8.82
N PRO D 68 26.16 2.94 9.96
CA PRO D 68 25.39 4.19 10.17
C PRO D 68 26.26 5.42 10.22
N ALA D 69 27.51 5.31 10.68
CA ALA D 69 28.37 6.48 10.84
C ALA D 69 28.96 6.96 9.52
N ILE D 70 28.86 6.18 8.45
CA ILE D 70 29.38 6.58 7.15
C ILE D 70 28.22 7.09 6.32
N GLU D 71 28.37 8.30 5.79
CA GLU D 71 27.31 8.99 5.06
C GLU D 71 27.69 9.38 3.64
N LYS D 72 28.98 9.64 3.38
CA LYS D 72 29.42 10.05 2.05
C LYS D 72 30.79 9.47 1.77
N ALA D 73 31.14 9.47 0.47
CA ALA D 73 32.43 8.94 0.04
C ALA D 73 33.61 9.61 0.74
N GLY D 74 33.46 10.87 1.15
CA GLY D 74 34.54 11.53 1.85
C GLY D 74 34.86 10.91 3.20
N ASP D 75 33.87 10.30 3.84
CA ASP D 75 34.09 9.66 5.13
C ASP D 75 35.05 8.48 5.01
N LEU D 76 34.84 7.63 4.01
CA LEU D 76 35.72 6.48 3.81
C LEU D 76 37.15 6.91 3.49
N VAL D 77 37.31 7.95 2.68
CA VAL D 77 38.65 8.44 2.36
C VAL D 77 39.40 8.82 3.64
N ALA D 78 38.76 9.56 4.54
CA ALA D 78 39.43 9.95 5.77
C ALA D 78 39.81 8.75 6.62
N ILE D 79 38.98 7.72 6.63
CA ILE D 79 39.33 6.49 7.34
C ILE D 79 40.47 5.76 6.64
N LEU D 80 40.35 5.60 5.31
CA LEU D 80 41.39 4.91 4.55
C LEU D 80 42.74 5.58 4.69
N ASN D 81 42.76 6.90 4.88
CA ASN D 81 44.03 7.59 5.09
C ASN D 81 44.64 7.24 6.44
N ASP D 82 43.82 6.85 7.42
CA ASP D 82 44.31 6.50 8.74
C ASP D 82 44.78 5.04 8.82
N LEU D 83 44.27 4.16 7.96
CA LEU D 83 44.68 2.77 7.97
C LEU D 83 46.16 2.62 7.64
N GLU D 84 46.74 1.51 8.08
CA GLU D 84 48.14 1.17 7.90
C GLU D 84 48.29 -0.22 7.31
N PRO D 85 49.45 -0.52 6.70
CA PRO D 85 49.66 -1.81 6.05
C PRO D 85 49.37 -3.03 6.92
N GLY D 86 48.48 -3.89 6.44
CA GLY D 86 48.09 -5.10 7.13
C GLY D 86 46.96 -4.95 8.12
N ASP D 87 46.50 -3.72 8.37
CA ASP D 87 45.43 -3.50 9.32
C ASP D 87 44.14 -4.17 8.86
N ILE D 88 43.28 -4.47 9.83
CA ILE D 88 41.96 -5.01 9.58
C ILE D 88 40.95 -3.89 9.81
N LEU D 89 40.04 -3.72 8.87
CA LEU D 89 38.94 -2.77 8.97
C LEU D 89 37.65 -3.53 9.17
N PHE D 90 36.94 -3.22 10.26
CA PHE D 90 35.67 -3.85 10.58
C PHE D 90 34.54 -2.85 10.39
N ILE D 91 33.47 -3.28 9.72
CA ILE D 91 32.30 -2.44 9.47
C ILE D 91 31.06 -3.26 9.80
N ASP D 92 30.44 -2.96 10.93
CA ASP D 92 29.19 -3.61 11.30
C ASP D 92 28.03 -3.05 10.48
N GLU D 93 27.06 -3.92 10.18
CA GLU D 93 25.88 -3.52 9.41
C GLU D 93 26.25 -3.07 7.99
N ILE D 94 27.21 -3.74 7.37
CA ILE D 94 27.64 -3.34 6.03
C ILE D 94 26.48 -3.24 5.07
N HIS D 95 25.40 -4.00 5.30
CA HIS D 95 24.20 -3.85 4.48
C HIS D 95 23.59 -2.46 4.62
N ARG D 96 23.88 -1.77 5.73
CA ARG D 96 23.38 -0.42 5.99
C ARG D 96 23.98 0.63 5.06
N MET D 97 25.15 0.35 4.48
CA MET D 97 25.88 1.34 3.70
C MET D 97 25.01 2.03 2.65
N PRO D 98 25.11 3.35 2.51
CA PRO D 98 24.43 4.04 1.40
C PRO D 98 25.10 3.69 0.09
N MET D 99 24.30 3.33 -0.91
CA MET D 99 24.81 2.78 -2.16
C MET D 99 25.87 3.66 -2.82
N ALA D 100 25.79 4.97 -2.67
CA ALA D 100 26.81 5.83 -3.27
C ALA D 100 28.21 5.46 -2.79
N VAL D 101 28.35 5.07 -1.52
CA VAL D 101 29.65 4.66 -0.99
C VAL D 101 30.00 3.24 -1.40
N GLU D 102 28.99 2.39 -1.56
CA GLU D 102 29.21 0.99 -1.93
C GLU D 102 29.99 0.87 -3.24
N GLU D 103 29.67 1.69 -4.24
CA GLU D 103 30.38 1.63 -5.52
C GLU D 103 31.86 1.97 -5.38
N VAL D 104 32.21 2.98 -4.59
CA VAL D 104 33.63 3.30 -4.43
C VAL D 104 34.36 2.24 -3.62
N LEU D 105 33.68 1.61 -2.66
CA LEU D 105 34.30 0.56 -1.85
C LEU D 105 34.87 -0.56 -2.72
N TYR D 106 34.21 -0.90 -3.82
CA TYR D 106 34.71 -1.95 -4.70
C TYR D 106 36.16 -1.72 -5.12
N SER D 107 36.49 -0.51 -5.56
CA SER D 107 37.85 -0.26 -6.03
C SER D 107 38.87 -0.43 -4.91
N ALA D 108 38.55 0.01 -3.70
CA ALA D 108 39.48 -0.20 -2.58
C ALA D 108 39.68 -1.69 -2.32
N MET D 109 38.58 -2.44 -2.24
CA MET D 109 38.67 -3.87 -1.97
C MET D 109 39.47 -4.61 -3.05
N GLU D 110 39.13 -4.37 -4.31
CA GLU D 110 39.74 -5.10 -5.42
C GLU D 110 41.03 -4.46 -5.93
N ASP D 111 41.13 -3.13 -5.95
CA ASP D 111 42.27 -2.47 -6.57
C ASP D 111 43.14 -1.67 -5.60
N TYR D 112 42.69 -1.46 -4.38
CA TYR D 112 43.44 -0.69 -3.38
C TYR D 112 43.71 0.76 -3.81
N TYR D 113 42.83 1.34 -4.62
CA TYR D 113 42.97 2.75 -4.96
C TYR D 113 41.58 3.32 -5.22
N ILE D 114 41.49 4.66 -5.12
CA ILE D 114 40.23 5.36 -5.30
C ILE D 114 40.50 6.70 -5.96
N ASP D 115 39.50 7.20 -6.68
CA ASP D 115 39.60 8.49 -7.35
C ASP D 115 39.37 9.63 -6.36
N ILE D 116 40.09 10.72 -6.57
CA ILE D 116 40.01 11.90 -5.71
C ILE D 116 39.88 13.13 -6.60
N MET D 117 39.00 14.04 -6.20
CA MET D 117 38.79 15.29 -6.94
C MET D 117 39.59 16.41 -6.30
N ILE D 118 40.23 17.21 -7.15
CA ILE D 118 41.04 18.35 -6.72
C ILE D 118 40.68 19.55 -7.58
N GLY D 119 40.85 20.74 -7.00
CA GLY D 119 40.52 21.97 -7.69
C GLY D 119 39.03 22.27 -7.69
N ALA D 120 38.67 23.27 -8.47
CA ALA D 120 37.28 23.70 -8.59
C ALA D 120 37.05 24.34 -9.95
N GLY D 121 35.81 24.28 -10.41
CA GLY D 121 35.46 24.83 -11.71
C GLY D 121 36.35 24.29 -12.81
N GLU D 122 36.89 25.20 -13.63
CA GLU D 122 37.77 24.81 -14.72
C GLU D 122 39.04 24.13 -14.23
N THR D 123 39.39 24.28 -12.95
CA THR D 123 40.56 23.65 -12.38
C THR D 123 40.27 22.27 -11.80
N SER D 124 39.02 21.82 -11.85
CA SER D 124 38.66 20.52 -11.29
C SER D 124 39.41 19.40 -12.00
N ARG D 125 40.05 18.53 -11.22
CA ARG D 125 40.80 17.41 -11.76
C ARG D 125 40.56 16.19 -10.90
N SER D 126 40.79 15.01 -11.49
CA SER D 126 40.65 13.74 -10.81
C SER D 126 42.00 13.03 -10.73
N VAL D 127 42.30 12.46 -9.56
CA VAL D 127 43.55 11.76 -9.31
C VAL D 127 43.25 10.51 -8.50
N HIS D 128 44.16 9.55 -8.56
CA HIS D 128 44.04 8.32 -7.79
C HIS D 128 44.75 8.42 -6.44
N LEU D 129 44.13 7.83 -5.42
CA LEU D 129 44.74 7.64 -4.11
C LEU D 129 45.02 6.16 -3.94
N ASP D 130 46.29 5.80 -3.81
CA ASP D 130 46.66 4.41 -3.59
C ASP D 130 46.55 4.05 -2.11
N LEU D 131 46.19 2.79 -1.85
CA LEU D 131 45.97 2.31 -0.49
C LEU D 131 46.86 1.11 -0.16
N PRO D 132 47.38 1.03 1.06
CA PRO D 132 48.18 -0.14 1.45
C PRO D 132 47.31 -1.38 1.64
N PRO D 133 47.88 -2.57 1.57
CA PRO D 133 47.09 -3.79 1.73
C PRO D 133 46.37 -3.82 3.08
N PHE D 134 45.10 -4.20 3.04
CA PHE D 134 44.26 -4.24 4.24
C PHE D 134 43.19 -5.30 4.05
N THR D 135 42.56 -5.70 5.15
CA THR D 135 41.52 -6.72 5.15
C THR D 135 40.22 -6.15 5.71
N LEU D 136 39.17 -6.18 4.89
CA LEU D 136 37.84 -5.75 5.30
C LEU D 136 37.07 -6.94 5.86
N VAL D 137 36.48 -6.76 7.04
CA VAL D 137 35.62 -7.77 7.67
C VAL D 137 34.23 -7.17 7.81
N GLY D 138 33.25 -7.76 7.13
CA GLY D 138 31.88 -7.27 7.17
C GLY D 138 30.92 -8.16 7.93
N ALA D 139 30.28 -7.61 8.96
CA ALA D 139 29.27 -8.33 9.73
C ALA D 139 27.89 -7.88 9.27
N THR D 140 27.06 -8.82 8.84
CA THR D 140 25.72 -8.50 8.38
C THR D 140 24.72 -9.52 8.87
N THR D 141 23.58 -9.03 9.36
CA THR D 141 22.50 -9.90 9.80
C THR D 141 21.63 -10.37 8.64
N ARG D 142 21.70 -9.69 7.49
CA ARG D 142 20.97 -10.07 6.29
C ARG D 142 21.97 -10.25 5.16
N ALA D 143 21.84 -11.34 4.42
CA ALA D 143 22.76 -11.70 3.34
C ALA D 143 22.22 -11.41 1.94
N GLY D 144 20.98 -11.80 1.65
CA GLY D 144 20.45 -11.67 0.31
C GLY D 144 20.20 -10.26 -0.17
N MET D 145 20.30 -9.25 0.70
CA MET D 145 20.12 -7.88 0.26
C MET D 145 21.42 -7.21 -0.18
N LEU D 146 22.58 -7.77 0.17
CA LEU D 146 23.83 -7.23 -0.32
C LEU D 146 23.89 -7.33 -1.83
N SER D 147 24.30 -6.24 -2.48
CA SER D 147 24.41 -6.22 -3.92
C SER D 147 25.29 -7.35 -4.41
N ASN D 148 24.87 -7.98 -5.51
CA ASN D 148 25.63 -9.09 -6.08
C ASN D 148 27.10 -8.76 -6.34
N PRO D 149 27.46 -7.58 -6.84
CA PRO D 149 28.90 -7.30 -7.05
C PRO D 149 29.71 -7.32 -5.78
N LEU D 150 29.17 -6.74 -4.71
CA LEU D 150 29.86 -6.74 -3.42
C LEU D 150 30.09 -8.17 -2.92
N ARG D 151 29.03 -8.98 -2.95
CA ARG D 151 29.14 -10.37 -2.53
C ARG D 151 30.21 -11.12 -3.31
N ALA D 152 30.33 -10.84 -4.60
CA ALA D 152 31.35 -11.50 -5.41
C ALA D 152 32.77 -11.20 -4.93
N ARG D 153 32.98 -10.06 -4.28
CA ARG D 153 34.32 -9.74 -3.78
C ARG D 153 34.68 -10.54 -2.52
N PHE D 154 33.73 -10.72 -1.61
CA PHE D 154 34.01 -11.44 -0.36
C PHE D 154 34.37 -12.90 -0.62
N GLY D 155 35.56 -13.30 -0.17
CA GLY D 155 36.10 -14.62 -0.36
C GLY D 155 35.65 -15.73 0.58
N ILE D 156 35.64 -15.47 1.89
CA ILE D 156 35.27 -16.45 2.89
C ILE D 156 33.89 -16.14 3.44
N ASN D 157 33.05 -17.18 3.53
CA ASN D 157 31.69 -17.11 4.06
C ASN D 157 31.60 -17.96 5.32
N GLY D 158 31.09 -17.37 6.40
CA GLY D 158 30.91 -18.09 7.66
C GLY D 158 29.52 -17.93 8.24
N HIS D 159 28.85 -19.05 8.51
CA HIS D 159 27.51 -19.06 9.09
C HIS D 159 27.58 -19.33 10.59
N MET D 160 27.02 -18.43 11.39
CA MET D 160 26.91 -18.62 12.83
C MET D 160 25.63 -19.39 13.14
N GLU D 161 25.71 -20.35 14.06
CA GLU D 161 24.57 -21.18 14.41
C GLU D 161 24.31 -21.19 15.91
N TYR D 162 23.06 -21.41 16.27
CA TYR D 162 22.64 -21.50 17.68
C TYR D 162 23.42 -22.56 18.45
N TYR D 163 23.98 -22.15 19.58
CA TYR D 163 24.73 -23.05 20.44
C TYR D 163 23.82 -24.09 21.06
N GLU D 164 24.32 -25.31 21.17
CA GLU D 164 23.55 -26.41 21.75
C GLU D 164 23.85 -26.57 23.24
N LEU D 165 22.96 -27.26 23.93
CA LEU D 165 23.04 -27.46 25.38
C LEU D 165 24.44 -27.81 25.89
N PRO D 166 25.19 -28.72 25.29
CA PRO D 166 26.51 -29.04 25.84
C PRO D 166 27.47 -27.86 25.84
N ASP D 167 27.34 -26.95 24.88
CA ASP D 167 28.22 -25.79 24.80
C ASP D 167 27.68 -24.61 25.59
N LEU D 168 26.37 -24.37 25.49
CA LEU D 168 25.76 -23.27 26.22
C LEU D 168 25.89 -23.47 27.71
N THR D 169 25.93 -24.73 28.17
CA THR D 169 26.13 -25.02 29.58
C THR D 169 27.50 -24.55 30.06
N GLU D 170 28.53 -24.74 29.23
CA GLU D 170 29.87 -24.31 29.62
C GLU D 170 29.99 -22.79 29.67
N ILE D 171 29.27 -22.07 28.81
CA ILE D 171 29.30 -20.61 28.86
C ILE D 171 28.73 -20.09 30.16
N VAL D 172 27.66 -20.73 30.66
CA VAL D 172 27.11 -20.34 31.95
C VAL D 172 28.14 -20.56 33.06
N GLU D 173 28.76 -21.75 33.07
CA GLU D 173 29.79 -22.04 34.06
C GLU D 173 30.90 -20.99 34.03
N ARG D 174 31.39 -20.66 32.85
CA ARG D 174 32.45 -19.66 32.73
C ARG D 174 32.02 -18.32 33.31
N THR D 175 30.83 -17.85 32.96
CA THR D 175 30.37 -16.56 33.46
C THR D 175 30.21 -16.60 34.97
N SER D 176 29.79 -17.73 35.52
CA SER D 176 29.63 -17.88 36.95
C SER D 176 30.94 -17.75 37.71
N GLU D 177 32.09 -17.80 37.04
CA GLU D 177 33.37 -17.63 37.71
C GLU D 177 33.90 -16.20 37.62
N ILE D 178 33.32 -15.36 36.77
CA ILE D 178 33.71 -13.96 36.76
C ILE D 178 33.16 -13.30 38.00
N PHE D 179 31.90 -13.58 38.32
CA PHE D 179 31.33 -13.23 39.60
C PHE D 179 31.81 -14.25 40.61
N GLU D 180 31.68 -13.93 41.90
CA GLU D 180 32.09 -14.88 42.93
C GLU D 180 30.89 -15.70 43.39
N MET D 181 30.46 -16.59 42.50
CA MET D 181 29.29 -17.41 42.72
C MET D 181 29.57 -18.86 42.36
N THR D 182 29.15 -19.76 43.23
CA THR D 182 29.23 -21.20 42.99
C THR D 182 27.94 -21.66 42.35
N ILE D 183 28.03 -22.47 41.29
CA ILE D 183 26.85 -22.99 40.63
C ILE D 183 27.02 -24.49 40.42
N THR D 184 26.00 -25.24 40.81
CA THR D 184 25.99 -26.68 40.64
C THR D 184 25.77 -27.04 39.16
N PRO D 185 26.49 -28.04 38.64
CA PRO D 185 26.29 -28.38 37.22
C PRO D 185 24.85 -28.69 36.85
N GLU D 186 24.08 -29.29 37.76
CA GLU D 186 22.68 -29.56 37.49
C GLU D 186 21.88 -28.27 37.32
N ALA D 187 22.23 -27.23 38.09
CA ALA D 187 21.56 -25.95 37.95
C ALA D 187 21.96 -25.24 36.67
N ALA D 188 23.24 -25.30 36.30
CA ALA D 188 23.69 -24.66 35.07
C ALA D 188 22.96 -25.23 33.85
N LEU D 189 22.67 -26.53 33.84
CA LEU D 189 21.91 -27.10 32.74
C LEU D 189 20.48 -26.55 32.69
N GLU D 190 19.87 -26.33 33.83
CA GLU D 190 18.51 -25.79 33.85
C GLU D 190 18.42 -24.41 33.23
N LEU D 191 19.43 -23.56 33.46
CA LEU D 191 19.44 -22.25 32.83
C LEU D 191 19.68 -22.35 31.33
N ALA D 192 20.61 -23.21 30.90
CA ALA D 192 20.89 -23.34 29.48
C ALA D 192 19.65 -23.78 28.70
N ARG D 193 18.87 -24.69 29.27
CA ARG D 193 17.66 -25.15 28.59
C ARG D 193 16.72 -24.00 28.22
N ARG D 194 16.62 -23.01 29.09
CA ARG D 194 15.72 -21.87 28.91
C ARG D 194 16.34 -20.68 28.20
N SER D 195 17.58 -20.75 27.73
CA SER D 195 18.25 -19.59 27.13
C SER D 195 17.99 -19.45 25.63
N ARG D 196 17.11 -20.24 25.04
CA ARG D 196 16.78 -20.16 23.62
C ARG D 196 18.00 -20.23 22.71
N GLY D 197 19.10 -20.84 23.19
CA GLY D 197 20.29 -20.96 22.37
C GLY D 197 21.11 -19.71 22.18
N THR D 198 20.84 -18.62 22.91
CA THR D 198 21.54 -17.37 22.71
C THR D 198 22.43 -17.04 23.90
N PRO D 199 23.74 -16.85 23.72
CA PRO D 199 24.60 -16.50 24.87
C PRO D 199 24.16 -15.29 25.65
N ARG D 200 23.74 -14.21 24.97
CA ARG D 200 23.29 -13.02 25.68
C ARG D 200 22.11 -13.30 26.60
N ILE D 201 21.22 -14.21 26.21
CA ILE D 201 20.08 -14.53 27.06
C ILE D 201 20.53 -15.33 28.28
N ALA D 202 21.47 -16.26 28.10
CA ALA D 202 21.97 -17.04 29.21
C ALA D 202 22.59 -16.14 30.29
N ASN D 203 23.35 -15.13 29.88
CA ASN D 203 23.94 -14.21 30.84
C ASN D 203 22.89 -13.40 31.60
N ARG D 204 21.84 -12.98 30.90
CA ARG D 204 20.78 -12.22 31.55
C ARG D 204 20.05 -13.05 32.60
N LEU D 205 19.72 -14.30 32.27
CA LEU D 205 19.10 -15.18 33.26
C LEU D 205 20.00 -15.38 34.47
N LEU D 206 21.29 -15.58 34.24
CA LEU D 206 22.22 -15.79 35.36
C LEU D 206 22.26 -14.58 36.28
N LYS D 207 22.30 -13.37 35.71
CA LYS D 207 22.30 -12.17 36.54
C LYS D 207 21.08 -12.08 37.43
N ARG D 208 19.90 -12.44 36.91
CA ARG D 208 18.68 -12.38 37.70
C ARG D 208 18.68 -13.44 38.80
N VAL D 209 19.11 -14.66 38.49
CA VAL D 209 19.17 -15.71 39.51
C VAL D 209 20.20 -15.37 40.58
N ARG D 210 21.34 -14.80 40.17
CA ARG D 210 22.35 -14.38 41.13
C ARG D 210 21.79 -13.37 42.14
N ASP D 211 21.03 -12.38 41.66
CA ASP D 211 20.46 -11.40 42.58
C ASP D 211 19.52 -12.06 43.60
N TYR D 212 18.70 -13.00 43.15
CA TYR D 212 17.81 -13.71 44.05
C TYR D 212 18.59 -14.59 45.03
N ALA D 213 19.59 -15.31 44.54
CA ALA D 213 20.37 -16.22 45.38
C ALA D 213 21.10 -15.52 46.51
N GLN D 214 21.36 -14.22 46.42
CA GLN D 214 22.07 -13.50 47.47
C GLN D 214 21.16 -12.60 48.30
N ILE D 215 19.84 -12.66 48.08
CA ILE D 215 18.87 -11.90 48.84
C ILE D 215 17.87 -12.81 49.53
N MET D 216 17.48 -13.90 48.86
CA MET D 216 16.51 -14.87 49.37
C MET D 216 17.18 -16.20 49.69
N GLY D 217 18.49 -16.21 49.85
CA GLY D 217 19.20 -17.44 50.12
C GLY D 217 20.53 -17.20 50.79
N ASP D 218 21.38 -18.23 50.78
CA ASP D 218 22.69 -18.19 51.41
C ASP D 218 23.81 -17.80 50.45
N GLY D 219 23.49 -17.18 49.31
CA GLY D 219 24.52 -16.77 48.38
C GLY D 219 25.14 -17.87 47.55
N VAL D 220 24.42 -18.98 47.35
CA VAL D 220 24.90 -20.10 46.57
C VAL D 220 23.77 -20.55 45.66
N ILE D 221 24.10 -20.91 44.43
CA ILE D 221 23.12 -21.34 43.44
C ILE D 221 23.08 -22.87 43.45
N ASP D 222 22.17 -23.42 44.25
CA ASP D 222 21.95 -24.85 44.30
C ASP D 222 20.69 -25.18 43.50
N ASP D 223 20.47 -26.47 43.28
CA ASP D 223 19.30 -26.89 42.50
C ASP D 223 18.00 -26.46 43.15
N LYS D 224 17.97 -26.35 44.48
CA LYS D 224 16.76 -25.91 45.17
C LYS D 224 16.48 -24.43 44.95
N ILE D 225 17.50 -23.58 45.03
CA ILE D 225 17.31 -22.15 44.80
C ILE D 225 17.03 -21.86 43.34
N ALA D 226 17.71 -22.55 42.42
CA ALA D 226 17.47 -22.34 41.00
C ALA D 226 16.02 -22.59 40.64
N ASP D 227 15.41 -23.61 41.24
CA ASP D 227 14.00 -23.89 40.95
C ASP D 227 13.09 -22.80 41.48
N GLN D 228 13.37 -22.26 42.66
CA GLN D 228 12.54 -21.18 43.18
C GLN D 228 12.69 -19.91 42.37
N ALA D 229 13.92 -19.57 41.97
CA ALA D 229 14.14 -18.36 41.17
C ALA D 229 13.40 -18.46 39.84
N LEU D 230 13.51 -19.60 39.17
CA LEU D 230 12.79 -19.81 37.91
C LEU D 230 11.30 -19.99 38.10
N THR D 231 10.80 -19.80 39.32
CA THR D 231 9.37 -19.80 39.60
C THR D 231 8.87 -18.40 39.84
N MET D 232 9.72 -17.52 40.36
CA MET D 232 9.34 -16.12 40.47
C MET D 232 9.25 -15.54 39.08
N LEU D 233 10.31 -15.70 38.30
CA LEU D 233 10.25 -15.44 36.87
C LEU D 233 9.40 -16.56 36.28
N ASP D 234 8.45 -16.23 35.42
CA ASP D 234 7.51 -17.22 34.92
C ASP D 234 8.01 -17.97 33.68
N VAL D 235 9.32 -18.05 33.47
CA VAL D 235 9.84 -18.70 32.26
C VAL D 235 9.62 -20.20 32.34
N ASP D 236 8.86 -20.74 31.38
CA ASP D 236 8.61 -22.16 31.24
C ASP D 236 9.91 -22.90 30.93
N HIS D 237 9.90 -24.22 31.15
CA HIS D 237 11.10 -25.01 30.84
C HIS D 237 11.41 -24.99 29.34
N GLU D 238 10.44 -24.72 28.49
CA GLU D 238 10.70 -24.51 27.07
C GLU D 238 11.15 -23.09 26.78
N GLY D 239 11.17 -22.23 27.80
CA GLY D 239 11.51 -20.84 27.65
C GLY D 239 10.36 -19.96 27.19
N LEU D 240 9.13 -20.44 27.35
CA LEU D 240 7.95 -19.65 27.02
C LEU D 240 7.66 -18.66 28.14
N ASP D 241 7.51 -17.39 27.79
CA ASP D 241 7.14 -16.39 28.78
C ASP D 241 5.69 -16.60 29.22
N TYR D 242 5.29 -15.84 30.24
CA TYR D 242 3.91 -15.88 30.69
C TYR D 242 2.92 -15.57 29.58
N VAL D 243 3.22 -14.57 28.75
CA VAL D 243 2.32 -14.21 27.65
C VAL D 243 2.34 -15.27 26.56
N ASP D 244 3.50 -15.86 26.28
CA ASP D 244 3.57 -16.94 25.30
C ASP D 244 2.63 -18.08 25.67
N GLN D 245 2.62 -18.46 26.94
CA GLN D 245 1.73 -19.52 27.38
C GLN D 245 0.27 -19.14 27.22
N LYS D 246 -0.06 -17.88 27.49
CA LYS D 246 -1.44 -17.42 27.35
C LYS D 246 -1.92 -17.44 25.90
N ILE D 247 -1.04 -17.12 24.96
CA ILE D 247 -1.42 -17.19 23.54
C ILE D 247 -1.86 -18.60 23.16
N LEU D 248 -0.99 -19.58 23.36
CA LEU D 248 -1.31 -20.96 23.00
C LEU D 248 -2.59 -21.44 23.66
N ARG D 249 -2.74 -21.23 24.96
CA ARG D 249 -3.95 -21.65 25.65
C ARG D 249 -5.21 -21.08 25.02
N THR D 250 -5.21 -19.78 24.71
CA THR D 250 -6.39 -19.15 24.13
C THR D 250 -6.76 -19.76 22.78
N MET D 251 -5.78 -19.98 21.91
CA MET D 251 -6.07 -20.60 20.62
C MET D 251 -6.73 -21.96 20.77
N ILE D 252 -6.20 -22.79 21.67
CA ILE D 252 -6.75 -24.12 21.88
C ILE D 252 -8.10 -24.07 22.59
N GLU D 253 -8.20 -23.30 23.67
CA GLU D 253 -9.44 -23.28 24.44
C GLU D 253 -10.60 -22.58 23.74
N MET D 254 -10.35 -21.47 23.04
CA MET D 254 -11.46 -20.71 22.48
C MET D 254 -11.73 -20.93 21.00
N TYR D 255 -10.74 -21.31 20.20
CA TYR D 255 -10.93 -21.46 18.76
C TYR D 255 -10.67 -22.86 18.24
N GLY D 256 -10.47 -23.84 19.12
CA GLY D 256 -10.20 -25.18 18.64
C GLY D 256 -8.99 -25.27 17.74
N GLY D 257 -7.94 -24.51 18.07
CA GLY D 257 -6.71 -24.49 17.29
C GLY D 257 -6.68 -23.53 16.13
N GLY D 258 -7.78 -22.84 15.83
CA GLY D 258 -7.82 -21.93 14.72
C GLY D 258 -8.36 -22.60 13.47
N PRO D 259 -8.18 -21.96 12.30
CA PRO D 259 -7.53 -20.68 12.02
C PRO D 259 -8.12 -19.50 12.76
N VAL D 260 -7.29 -18.53 13.14
CA VAL D 260 -7.74 -17.30 13.80
C VAL D 260 -6.91 -16.14 13.26
N GLY D 261 -7.58 -15.01 13.02
CA GLY D 261 -6.89 -13.84 12.52
C GLY D 261 -6.08 -13.12 13.59
N LEU D 262 -5.03 -12.45 13.14
CA LEU D 262 -4.14 -11.73 14.04
C LEU D 262 -4.88 -10.70 14.88
N GLY D 263 -5.77 -9.93 14.25
CA GLY D 263 -6.49 -8.91 14.99
C GLY D 263 -7.41 -9.48 16.05
N THR D 264 -8.05 -10.61 15.76
CA THR D 264 -8.94 -11.23 16.74
C THR D 264 -8.17 -11.75 17.95
N LEU D 265 -7.01 -12.37 17.70
CA LEU D 265 -6.18 -12.86 18.78
C LEU D 265 -5.65 -11.74 19.67
N SER D 266 -5.19 -10.65 19.07
CA SER D 266 -4.64 -9.53 19.81
C SER D 266 -5.61 -8.99 20.86
N VAL D 267 -6.87 -8.77 20.47
CA VAL D 267 -7.85 -8.23 21.42
C VAL D 267 -8.21 -9.21 22.53
N ASN D 268 -8.01 -10.51 22.34
CA ASN D 268 -8.31 -11.45 23.41
C ASN D 268 -7.27 -11.38 24.53
N ILE D 269 -5.99 -11.24 24.18
CA ILE D 269 -4.95 -11.13 25.20
C ILE D 269 -4.73 -9.69 25.64
N ALA D 270 -5.42 -8.73 25.04
CA ALA D 270 -5.27 -7.31 25.37
C ALA D 270 -3.89 -6.77 25.01
N GLU D 271 -3.41 -7.09 23.81
CA GLU D 271 -2.11 -6.66 23.34
C GLU D 271 -2.26 -5.99 21.97
N GLU D 272 -1.24 -5.23 21.59
CA GLU D 272 -1.20 -4.60 20.29
C GLU D 272 -0.82 -5.60 19.19
N ARG D 273 -1.36 -5.36 17.99
CA ARG D 273 -1.03 -6.20 16.83
C ARG D 273 0.47 -6.32 16.62
N GLU D 274 1.17 -5.19 16.62
CA GLU D 274 2.61 -5.18 16.37
C GLU D 274 3.39 -5.91 17.46
N THR D 275 2.92 -5.88 18.70
CA THR D 275 3.63 -6.57 19.77
C THR D 275 3.60 -8.09 19.59
N VAL D 276 2.44 -8.66 19.29
CA VAL D 276 2.36 -10.10 19.08
C VAL D 276 3.15 -10.52 17.85
N GLU D 277 3.00 -9.80 16.74
CA GLU D 277 3.70 -10.18 15.51
C GLU D 277 5.21 -10.09 15.60
N ASP D 278 5.76 -9.19 16.42
CA ASP D 278 7.20 -9.02 16.50
C ASP D 278 7.87 -9.55 17.75
N MET D 279 7.23 -9.53 18.91
CA MET D 279 7.89 -10.04 20.11
C MET D 279 7.66 -11.51 20.41
N TYR D 280 6.41 -11.98 20.32
CA TYR D 280 6.08 -13.34 20.73
C TYR D 280 5.96 -14.33 19.59
N GLU D 281 5.25 -13.99 18.53
CA GLU D 281 5.04 -14.94 17.44
C GLU D 281 6.31 -15.50 16.80
N PRO D 282 7.36 -14.73 16.55
CA PRO D 282 8.54 -15.30 15.86
C PRO D 282 9.15 -16.55 16.49
N TYR D 283 9.39 -16.57 17.80
CA TYR D 283 9.96 -17.75 18.42
C TYR D 283 9.01 -18.95 18.37
N LEU D 284 7.71 -18.71 18.59
CA LEU D 284 6.75 -19.81 18.53
C LEU D 284 6.77 -20.50 17.16
N ILE D 285 6.98 -19.75 16.09
CA ILE D 285 7.08 -20.36 14.77
C ILE D 285 8.33 -21.24 14.67
N GLN D 286 9.48 -20.72 15.10
CA GLN D 286 10.71 -21.51 15.03
C GLN D 286 10.57 -22.84 15.76
N LYS D 287 10.01 -22.83 16.96
CA LYS D 287 9.81 -24.09 17.68
C LYS D 287 8.73 -24.97 17.05
N GLY D 288 8.03 -24.48 16.04
CA GLY D 288 7.00 -25.26 15.39
C GLY D 288 5.69 -25.37 16.12
N PHE D 289 5.39 -24.44 17.03
CA PHE D 289 4.12 -24.47 17.74
C PHE D 289 2.97 -23.92 16.92
N ILE D 290 3.21 -23.02 15.97
CA ILE D 290 2.14 -22.44 15.16
C ILE D 290 2.60 -22.28 13.73
N MET D 291 1.62 -22.26 12.82
CA MET D 291 1.84 -22.07 11.39
C MET D 291 0.95 -20.94 10.89
N ARG D 292 1.45 -20.22 9.88
CA ARG D 292 0.73 -19.14 9.24
C ARG D 292 0.08 -19.63 7.95
N THR D 293 -1.21 -19.31 7.78
CA THR D 293 -1.96 -19.75 6.62
C THR D 293 -2.79 -18.59 6.09
N ARG D 294 -3.27 -18.74 4.85
CA ARG D 294 -4.10 -17.71 4.23
C ARG D 294 -5.26 -17.28 5.14
N THR D 295 -5.75 -18.19 5.98
CA THR D 295 -6.87 -17.87 6.86
C THR D 295 -6.45 -17.47 8.27
N GLY D 296 -5.18 -17.58 8.62
CA GLY D 296 -4.72 -17.22 9.95
C GLY D 296 -3.82 -18.28 10.56
N ARG D 297 -3.42 -18.01 11.80
CA ARG D 297 -2.56 -18.92 12.54
C ARG D 297 -3.31 -20.16 13.00
N VAL D 298 -2.62 -21.30 12.99
CA VAL D 298 -3.19 -22.57 13.42
C VAL D 298 -2.17 -23.28 14.31
N ALA D 299 -2.65 -23.86 15.42
CA ALA D 299 -1.80 -24.58 16.34
C ALA D 299 -1.52 -26.00 15.87
N THR D 300 -0.27 -26.44 16.00
CA THR D 300 0.14 -27.78 15.60
C THR D 300 0.02 -28.77 16.74
N ALA D 301 0.06 -30.06 16.38
CA ALA D 301 -0.01 -31.15 17.35
C ALA D 301 1.06 -31.02 18.44
N LYS D 302 2.24 -30.51 18.07
CA LYS D 302 3.30 -30.29 19.04
C LYS D 302 2.85 -29.35 20.16
N ALA D 303 2.03 -28.35 19.82
CA ALA D 303 1.53 -27.42 20.82
C ALA D 303 0.59 -28.11 21.81
N TYR D 304 -0.33 -28.94 21.29
CA TYR D 304 -1.25 -29.66 22.16
C TYR D 304 -0.52 -30.50 23.20
N GLU D 305 0.41 -31.34 22.75
CA GLU D 305 1.11 -32.22 23.69
C GLU D 305 2.01 -31.48 24.68
N HIS D 306 2.45 -30.26 24.36
CA HIS D 306 3.25 -29.51 25.34
C HIS D 306 2.37 -28.93 26.44
N MET D 307 1.25 -28.32 26.07
CA MET D 307 0.36 -27.72 27.05
C MET D 307 -0.40 -28.77 27.86
N GLY D 308 -0.44 -30.02 27.40
CA GLY D 308 -1.11 -31.06 28.13
C GLY D 308 -2.57 -31.24 27.78
N TYR D 309 -2.97 -30.90 26.56
CA TYR D 309 -4.34 -31.02 26.10
C TYR D 309 -4.44 -32.11 25.05
N ASP D 310 -5.59 -32.78 25.02
CA ASP D 310 -5.80 -33.84 24.05
C ASP D 310 -5.83 -33.26 22.64
N TYR D 311 -5.43 -34.06 21.67
CA TYR D 311 -5.37 -33.61 20.29
C TYR D 311 -6.32 -34.43 19.43
N THR D 312 -6.89 -33.76 18.42
CA THR D 312 -7.83 -34.36 17.49
C THR D 312 -7.56 -33.80 16.11
N ARG D 313 -7.53 -34.68 15.11
CA ARG D 313 -7.26 -34.25 13.75
C ARG D 313 -8.37 -33.32 13.26
N THR E 1 44.00 -12.11 -17.56
CA THR E 1 43.05 -12.37 -16.49
C THR E 1 42.50 -13.79 -16.62
N LEU E 2 41.78 -14.24 -15.60
CA LEU E 2 41.23 -15.60 -15.63
C LEU E 2 40.23 -15.78 -16.77
N ARG E 3 39.37 -14.79 -16.98
CA ARG E 3 38.29 -14.97 -17.95
C ARG E 3 38.79 -14.89 -19.39
N PRO E 4 38.37 -15.82 -20.26
CA PRO E 4 38.83 -15.84 -21.65
C PRO E 4 38.44 -14.58 -22.41
N GLN E 5 39.21 -14.29 -23.47
CA GLN E 5 39.04 -13.09 -24.27
C GLN E 5 38.53 -13.36 -25.68
N TYR E 6 38.54 -14.60 -26.16
CA TYR E 6 38.10 -14.92 -27.50
C TYR E 6 37.34 -16.24 -27.52
N PHE E 7 36.60 -16.46 -28.61
CA PHE E 7 35.80 -17.67 -28.75
C PHE E 7 36.63 -18.94 -28.69
N LYS E 8 37.90 -18.87 -29.08
CA LYS E 8 38.75 -20.05 -28.99
C LYS E 8 38.99 -20.47 -27.55
N GLU E 9 39.00 -19.50 -26.63
CA GLU E 9 39.24 -19.75 -25.22
C GLU E 9 37.98 -20.01 -24.41
N TYR E 10 36.81 -19.57 -24.89
CA TYR E 10 35.56 -19.73 -24.17
C TYR E 10 35.06 -21.17 -24.31
N ILE E 11 35.06 -21.90 -23.19
CA ILE E 11 34.62 -23.30 -23.14
C ILE E 11 33.11 -23.38 -22.97
N GLY E 12 32.49 -24.38 -23.59
CA GLY E 12 31.06 -24.63 -23.48
C GLY E 12 30.13 -23.67 -24.20
N GLN E 13 28.86 -23.74 -23.80
CA GLN E 13 27.80 -22.92 -24.40
C GLN E 13 27.78 -23.05 -25.92
N ASP E 14 27.96 -24.28 -26.39
CA ASP E 14 28.06 -24.53 -27.82
C ASP E 14 26.92 -23.94 -28.62
N LYS E 15 25.68 -24.07 -28.12
CA LYS E 15 24.53 -23.52 -28.85
C LYS E 15 24.62 -22.01 -28.99
N VAL E 16 24.84 -21.31 -27.89
CA VAL E 16 24.97 -19.85 -27.93
C VAL E 16 26.22 -19.45 -28.72
N LYS E 17 27.34 -20.10 -28.43
CA LYS E 17 28.60 -19.76 -29.07
C LYS E 17 28.54 -19.93 -30.58
N ASP E 18 27.86 -20.97 -31.07
CA ASP E 18 27.74 -21.16 -32.51
C ASP E 18 26.87 -20.11 -33.18
N GLN E 19 25.75 -19.73 -32.56
CA GLN E 19 24.89 -18.70 -33.14
C GLN E 19 25.60 -17.36 -33.28
N LEU E 20 26.18 -16.87 -32.19
CA LEU E 20 26.81 -15.55 -32.23
C LEU E 20 27.90 -15.46 -33.29
N LYS E 21 28.67 -16.53 -33.48
CA LYS E 21 29.71 -16.52 -34.52
C LYS E 21 29.12 -16.17 -35.88
N ILE E 22 28.05 -16.85 -36.27
CA ILE E 22 27.44 -16.63 -37.57
C ILE E 22 26.98 -15.17 -37.70
N PHE E 23 26.28 -14.66 -36.70
CA PHE E 23 25.78 -13.29 -36.75
C PHE E 23 26.91 -12.27 -36.68
N ILE E 24 27.95 -12.54 -35.90
CA ILE E 24 29.07 -11.61 -35.79
C ILE E 24 29.81 -11.49 -37.12
N GLU E 25 30.15 -12.62 -37.74
CA GLU E 25 30.87 -12.55 -39.01
C GLU E 25 30.00 -11.99 -40.13
N ALA E 26 28.70 -12.28 -40.11
CA ALA E 26 27.81 -11.69 -41.11
C ALA E 26 27.75 -10.17 -40.97
N ALA E 27 27.67 -9.68 -39.73
CA ALA E 27 27.64 -8.25 -39.49
C ALA E 27 28.91 -7.56 -39.97
N LYS E 28 30.05 -8.24 -39.88
CA LYS E 28 31.29 -7.67 -40.38
C LYS E 28 31.28 -7.57 -41.91
N LEU E 29 30.84 -8.63 -42.58
CA LEU E 29 30.79 -8.61 -44.04
C LEU E 29 30.00 -7.42 -44.55
N ARG E 30 28.92 -7.06 -43.87
CA ARG E 30 28.11 -5.92 -44.26
C ARG E 30 28.64 -4.61 -43.70
N ASP E 31 29.62 -4.65 -42.80
CA ASP E 31 30.18 -3.45 -42.19
C ASP E 31 29.09 -2.62 -41.48
N GLU E 32 28.43 -3.26 -40.51
CA GLU E 32 27.38 -2.61 -39.76
C GLU E 32 27.37 -3.14 -38.34
N ALA E 33 26.71 -2.41 -37.45
CA ALA E 33 26.63 -2.79 -36.05
C ALA E 33 25.81 -4.06 -35.84
N LEU E 34 26.17 -4.81 -34.81
CA LEU E 34 25.43 -6.01 -34.42
C LEU E 34 24.11 -5.65 -33.77
N ASP E 35 23.08 -6.45 -34.04
CA ASP E 35 21.77 -6.23 -33.44
C ASP E 35 21.81 -6.39 -31.93
N HIS E 36 20.84 -5.79 -31.27
CA HIS E 36 20.73 -5.85 -29.81
C HIS E 36 20.59 -7.29 -29.35
N THR E 37 21.32 -7.67 -28.29
CA THR E 37 21.40 -9.03 -27.83
C THR E 37 21.04 -9.15 -26.35
N LEU E 38 20.21 -10.13 -26.02
CA LEU E 38 19.80 -10.39 -24.64
C LEU E 38 20.37 -11.72 -24.16
N LEU E 39 21.13 -11.68 -23.07
CA LEU E 39 21.71 -12.87 -22.47
C LEU E 39 21.01 -13.10 -21.13
N PHE E 40 20.43 -14.28 -20.95
CA PHE E 40 19.70 -14.57 -19.71
C PHE E 40 19.96 -15.99 -19.25
N GLY E 41 19.74 -16.20 -17.95
CA GLY E 41 19.93 -17.49 -17.30
C GLY E 41 20.51 -17.40 -15.90
N PRO E 42 20.75 -18.55 -15.28
CA PRO E 42 21.31 -18.59 -13.92
C PRO E 42 22.54 -17.72 -13.75
N PRO E 43 22.81 -17.26 -12.52
CA PRO E 43 23.98 -16.43 -12.27
C PRO E 43 25.28 -17.22 -12.29
N GLY E 44 26.35 -16.55 -12.73
CA GLY E 44 27.67 -17.15 -12.78
C GLY E 44 27.95 -18.08 -13.93
N LEU E 45 27.08 -18.12 -14.94
CA LEU E 45 27.35 -18.97 -16.10
C LEU E 45 28.33 -18.34 -17.08
N GLY E 46 28.57 -17.04 -16.97
CA GLY E 46 29.50 -16.38 -17.88
C GLY E 46 28.83 -15.34 -18.76
N LYS E 47 27.67 -14.85 -18.33
CA LYS E 47 26.95 -13.85 -19.10
C LYS E 47 27.80 -12.60 -19.31
N THR E 48 28.37 -12.06 -18.23
CA THR E 48 29.25 -10.90 -18.36
C THR E 48 30.49 -11.21 -19.18
N THR E 49 31.11 -12.37 -18.95
CA THR E 49 32.27 -12.77 -19.73
C THR E 49 31.98 -12.75 -21.23
N MET E 50 30.81 -13.26 -21.62
CA MET E 50 30.46 -13.28 -23.04
C MET E 50 30.37 -11.89 -23.64
N ALA E 51 29.96 -10.89 -22.87
CA ALA E 51 29.89 -9.53 -23.40
C ALA E 51 31.26 -9.02 -23.84
N PHE E 52 32.29 -9.27 -23.02
CA PHE E 52 33.64 -8.87 -23.39
C PHE E 52 34.13 -9.60 -24.65
N VAL E 53 33.78 -10.87 -24.80
CA VAL E 53 34.19 -11.62 -25.98
C VAL E 53 33.59 -11.00 -27.24
N ILE E 54 32.32 -10.62 -27.21
CA ILE E 54 31.71 -9.99 -28.37
C ILE E 54 32.43 -8.70 -28.72
N ALA E 55 32.75 -7.89 -27.71
CA ALA E 55 33.44 -6.63 -27.97
C ALA E 55 34.81 -6.85 -28.60
N ASN E 56 35.56 -7.84 -28.12
CA ASN E 56 36.87 -8.11 -28.71
C ASN E 56 36.75 -8.63 -30.13
N GLU E 57 35.78 -9.51 -30.39
CA GLU E 57 35.62 -10.03 -31.74
C GLU E 57 35.22 -8.91 -32.71
N MET E 58 34.40 -7.97 -32.26
CA MET E 58 34.01 -6.85 -33.10
C MET E 58 35.11 -5.80 -33.20
N GLY E 59 35.93 -5.66 -32.16
CA GLY E 59 37.01 -4.68 -32.15
C GLY E 59 36.50 -3.30 -31.79
N VAL E 60 35.89 -3.19 -30.60
CA VAL E 60 35.25 -1.96 -30.15
C VAL E 60 35.52 -1.80 -28.66
N ASN E 61 35.25 -0.59 -28.15
CA ASN E 61 35.41 -0.30 -26.72
C ASN E 61 34.11 -0.56 -26.00
N LEU E 62 34.18 -1.38 -24.94
CA LEU E 62 33.00 -1.70 -24.13
C LEU E 62 32.78 -0.68 -23.02
N LYS E 63 31.51 -0.36 -22.77
CA LYS E 63 31.08 0.51 -21.69
C LYS E 63 30.12 -0.29 -20.81
N GLN E 64 30.19 -0.06 -19.50
CA GLN E 64 29.46 -0.90 -18.55
C GLN E 64 28.76 -0.09 -17.48
N THR E 65 27.58 -0.55 -17.09
CA THR E 65 26.78 0.04 -16.02
C THR E 65 25.77 -1.01 -15.56
N SER E 66 24.93 -0.64 -14.60
CA SER E 66 23.89 -1.55 -14.14
C SER E 66 22.58 -0.81 -13.94
N GLY E 67 21.48 -1.57 -14.03
CA GLY E 67 20.15 -1.04 -13.88
C GLY E 67 19.95 -0.16 -12.67
N PRO E 68 20.25 -0.70 -11.49
CA PRO E 68 20.11 0.09 -10.26
C PRO E 68 21.04 1.28 -10.17
N ALA E 69 22.05 1.40 -11.02
CA ALA E 69 22.95 2.53 -10.96
C ALA E 69 22.36 3.78 -11.63
N ILE E 70 21.37 3.61 -12.50
CA ILE E 70 20.72 4.73 -13.18
C ILE E 70 19.47 5.09 -12.38
N GLU E 71 19.36 6.36 -11.99
CA GLU E 71 18.25 6.81 -11.16
C GLU E 71 17.33 7.82 -11.81
N LYS E 72 17.78 8.51 -12.87
CA LYS E 72 16.93 9.47 -13.54
C LYS E 72 17.32 9.54 -15.01
N ALA E 73 16.34 9.94 -15.83
CA ALA E 73 16.56 10.00 -17.28
C ALA E 73 17.80 10.81 -17.65
N GLY E 74 18.08 11.88 -16.90
CA GLY E 74 19.25 12.69 -17.22
C GLY E 74 20.56 11.92 -17.14
N ASP E 75 20.61 10.87 -16.33
CA ASP E 75 21.82 10.05 -16.26
C ASP E 75 22.01 9.23 -17.52
N LEU E 76 20.97 8.49 -17.93
CA LEU E 76 21.03 7.68 -19.14
C LEU E 76 21.27 8.54 -20.38
N VAL E 77 20.73 9.75 -20.42
CA VAL E 77 20.98 10.63 -21.56
C VAL E 77 22.46 10.95 -21.68
N ALA E 78 23.13 11.18 -20.55
CA ALA E 78 24.57 11.44 -20.59
C ALA E 78 25.33 10.23 -21.12
N ILE E 79 25.01 9.04 -20.58
CA ILE E 79 25.66 7.82 -21.02
C ILE E 79 25.47 7.62 -22.52
N LEU E 80 24.23 7.73 -23.00
CA LEU E 80 23.98 7.55 -24.42
C LEU E 80 24.69 8.60 -25.26
N ASN E 81 24.97 9.77 -24.69
CA ASN E 81 25.71 10.78 -25.44
C ASN E 81 27.19 10.41 -25.54
N ASP E 82 27.72 9.77 -24.50
CA ASP E 82 29.12 9.36 -24.45
C ASP E 82 29.36 8.06 -25.22
N LEU E 83 28.90 7.99 -26.46
CA LEU E 83 29.10 6.82 -27.31
C LEU E 83 29.77 7.19 -28.62
N GLU E 84 30.67 6.31 -29.08
CA GLU E 84 31.40 6.35 -30.34
C GLU E 84 30.77 5.33 -31.30
N PRO E 85 30.81 5.56 -32.61
CA PRO E 85 30.20 4.60 -33.53
C PRO E 85 30.63 3.16 -33.30
N GLY E 86 29.64 2.29 -33.14
CA GLY E 86 29.86 0.87 -32.89
C GLY E 86 30.00 0.48 -31.44
N ASP E 87 30.11 1.45 -30.53
CA ASP E 87 30.29 1.15 -29.12
C ASP E 87 29.21 0.21 -28.62
N ILE E 88 29.58 -0.63 -27.65
CA ILE E 88 28.67 -1.59 -27.04
C ILE E 88 28.38 -1.14 -25.61
N LEU E 89 27.11 -1.00 -25.28
CA LEU E 89 26.68 -0.64 -23.93
C LEU E 89 26.11 -1.87 -23.25
N PHE E 90 26.74 -2.27 -22.15
CA PHE E 90 26.32 -3.44 -21.37
C PHE E 90 25.62 -2.98 -20.11
N ILE E 91 24.39 -3.45 -19.89
CA ILE E 91 23.62 -3.11 -18.70
C ILE E 91 23.28 -4.39 -17.96
N ASP E 92 23.80 -4.53 -16.74
CA ASP E 92 23.49 -5.68 -15.91
C ASP E 92 22.21 -5.43 -15.11
N GLU E 93 21.49 -6.51 -14.83
CA GLU E 93 20.24 -6.45 -14.08
C GLU E 93 19.25 -5.48 -14.72
N ILE E 94 19.23 -5.44 -16.06
CA ILE E 94 18.37 -4.51 -16.78
C ILE E 94 16.93 -4.59 -16.31
N HIS E 95 16.49 -5.76 -15.84
CA HIS E 95 15.11 -5.90 -15.37
C HIS E 95 14.78 -5.05 -14.14
N ARG E 96 15.77 -4.47 -13.47
CA ARG E 96 15.54 -3.69 -12.26
C ARG E 96 15.50 -2.18 -12.47
N MET E 97 15.87 -1.65 -13.63
CA MET E 97 15.83 -0.19 -13.80
C MET E 97 14.39 0.33 -13.83
N PRO E 98 14.17 1.56 -13.34
CA PRO E 98 12.82 2.10 -13.24
C PRO E 98 12.11 2.35 -14.56
N MET E 99 10.78 2.22 -14.51
CA MET E 99 9.94 2.46 -15.69
C MET E 99 10.19 3.82 -16.32
N ALA E 100 10.55 4.82 -15.51
CA ALA E 100 10.83 6.15 -16.04
C ALA E 100 12.10 6.18 -16.89
N VAL E 101 13.04 5.27 -16.64
CA VAL E 101 14.27 5.24 -17.43
C VAL E 101 14.02 4.52 -18.75
N GLU E 102 13.25 3.44 -18.73
CA GLU E 102 12.96 2.68 -19.95
C GLU E 102 12.28 3.51 -21.02
N GLU E 103 11.63 4.62 -20.65
CA GLU E 103 11.01 5.49 -21.64
C GLU E 103 11.98 5.86 -22.76
N VAL E 104 13.19 6.26 -22.40
CA VAL E 104 14.17 6.72 -23.39
C VAL E 104 14.75 5.56 -24.18
N LEU E 105 14.89 4.40 -23.56
CA LEU E 105 15.55 3.28 -24.23
C LEU E 105 14.77 2.77 -25.44
N TYR E 106 13.43 2.85 -25.42
CA TYR E 106 12.66 2.39 -26.58
C TYR E 106 13.02 3.18 -27.84
N SER E 107 12.95 4.51 -27.76
CA SER E 107 13.24 5.34 -28.92
C SER E 107 14.66 5.19 -29.40
N ALA E 108 15.61 5.02 -28.47
CA ALA E 108 17.01 4.84 -28.85
C ALA E 108 17.22 3.55 -29.64
N MET E 109 16.75 2.43 -29.10
CA MET E 109 16.95 1.14 -29.75
C MET E 109 16.22 1.06 -31.09
N GLU E 110 15.03 1.66 -31.19
CA GLU E 110 14.25 1.56 -32.41
C GLU E 110 14.76 2.48 -33.52
N ASP E 111 15.12 3.74 -33.21
CA ASP E 111 15.52 4.65 -34.28
C ASP E 111 16.77 5.47 -33.98
N TYR E 112 17.50 5.16 -32.92
CA TYR E 112 18.77 5.84 -32.61
C TYR E 112 18.60 7.35 -32.40
N TYR E 113 17.44 7.80 -31.94
CA TYR E 113 17.26 9.21 -31.64
C TYR E 113 16.46 9.34 -30.35
N ILE E 114 16.60 10.49 -29.70
CA ILE E 114 15.88 10.78 -28.47
C ILE E 114 15.35 12.21 -28.48
N ASP E 115 14.21 12.41 -27.82
CA ASP E 115 13.57 13.72 -27.67
C ASP E 115 13.50 14.02 -26.18
N ILE E 116 14.19 15.07 -25.74
CA ILE E 116 14.32 15.39 -24.33
C ILE E 116 13.57 16.66 -24.02
N MET E 117 12.57 16.56 -23.13
CA MET E 117 11.85 17.74 -22.67
C MET E 117 12.76 18.54 -21.74
N ILE E 118 12.75 19.87 -21.90
CA ILE E 118 13.58 20.74 -21.08
C ILE E 118 12.82 22.01 -20.73
N GLY E 119 13.08 22.51 -19.53
CA GLY E 119 12.47 23.69 -18.97
C GLY E 119 11.29 23.39 -18.08
N ALA E 120 10.90 24.38 -17.29
CA ALA E 120 9.75 24.31 -16.40
C ALA E 120 9.07 25.66 -16.34
N GLY E 121 7.78 25.63 -15.97
CA GLY E 121 7.02 26.86 -15.90
C GLY E 121 6.93 27.54 -17.25
N GLU E 122 7.34 28.81 -17.31
CA GLU E 122 7.35 29.52 -18.58
C GLU E 122 8.37 28.93 -19.55
N THR E 123 9.36 28.21 -19.04
CA THR E 123 10.35 27.55 -19.87
C THR E 123 9.85 26.15 -20.19
N SER E 124 9.75 25.82 -21.47
CA SER E 124 9.17 24.53 -21.87
C SER E 124 9.63 24.25 -23.31
N ARG E 125 10.73 23.52 -23.45
CA ARG E 125 11.31 23.22 -24.74
C ARG E 125 11.68 21.74 -24.78
N SER E 126 11.99 21.27 -25.98
CA SER E 126 12.53 19.92 -26.17
C SER E 126 13.61 19.97 -27.24
N VAL E 127 14.52 19.01 -27.19
CA VAL E 127 15.61 18.89 -28.15
C VAL E 127 15.63 17.48 -28.72
N HIS E 128 15.91 17.39 -30.02
CA HIS E 128 15.99 16.12 -30.73
C HIS E 128 17.45 15.81 -31.01
N LEU E 129 17.92 14.66 -30.54
CA LEU E 129 19.30 14.23 -30.71
C LEU E 129 19.37 12.94 -31.51
N ASP E 130 20.28 12.90 -32.49
CA ASP E 130 20.50 11.71 -33.30
C ASP E 130 21.75 11.01 -32.81
N LEU E 131 21.61 9.74 -32.38
CA LEU E 131 22.72 8.98 -31.83
C LEU E 131 23.48 8.22 -32.90
N PRO E 132 24.78 7.98 -32.69
CA PRO E 132 25.52 7.12 -33.60
C PRO E 132 25.12 5.66 -33.43
N PRO E 133 25.29 4.83 -34.45
CA PRO E 133 24.90 3.42 -34.33
C PRO E 133 25.63 2.73 -33.20
N PHE E 134 24.88 1.98 -32.40
CA PHE E 134 25.41 1.29 -31.23
C PHE E 134 24.70 -0.05 -31.05
N THR E 135 25.31 -0.92 -30.24
CA THR E 135 24.73 -2.22 -29.90
C THR E 135 24.50 -2.30 -28.40
N LEU E 136 23.25 -2.53 -28.01
CA LEU E 136 22.88 -2.75 -26.61
C LEU E 136 22.97 -4.22 -26.26
N VAL E 137 23.60 -4.52 -25.13
CA VAL E 137 23.67 -5.88 -24.59
C VAL E 137 23.12 -5.86 -23.17
N GLY E 138 22.09 -6.68 -22.92
CA GLY E 138 21.48 -6.77 -21.62
C GLY E 138 21.68 -8.14 -21.00
N ALA E 139 21.69 -8.19 -19.67
CA ALA E 139 21.80 -9.45 -18.95
C ALA E 139 20.82 -9.47 -17.80
N THR E 140 20.10 -10.58 -17.64
CA THR E 140 19.16 -10.73 -16.54
C THR E 140 19.15 -12.16 -16.04
N THR E 141 18.80 -12.31 -14.77
CA THR E 141 18.55 -13.61 -14.17
C THR E 141 17.09 -14.02 -14.35
N ARG E 142 16.19 -13.05 -14.38
CA ARG E 142 14.76 -13.26 -14.54
C ARG E 142 14.34 -12.71 -15.90
N ALA E 143 13.85 -13.59 -16.77
CA ALA E 143 13.38 -13.19 -18.09
C ALA E 143 11.90 -12.84 -18.10
N GLY E 144 11.07 -13.68 -17.49
CA GLY E 144 9.64 -13.46 -17.47
C GLY E 144 9.22 -12.17 -16.79
N MET E 145 10.09 -11.59 -15.97
CA MET E 145 9.82 -10.31 -15.34
C MET E 145 10.16 -9.12 -16.22
N LEU E 146 10.89 -9.32 -17.30
CA LEU E 146 11.24 -8.22 -18.20
C LEU E 146 10.00 -7.69 -18.93
N SER E 147 9.85 -6.36 -18.92
CA SER E 147 8.73 -5.70 -19.57
C SER E 147 8.60 -6.13 -21.03
N ASN E 148 7.40 -6.56 -21.40
CA ASN E 148 7.12 -7.05 -22.75
C ASN E 148 7.52 -6.10 -23.87
N PRO E 149 7.17 -4.81 -23.83
CA PRO E 149 7.61 -3.92 -24.92
C PRO E 149 9.12 -3.82 -25.05
N LEU E 150 9.86 -3.97 -23.96
CA LEU E 150 11.32 -3.95 -24.03
C LEU E 150 11.86 -5.25 -24.61
N ARG E 151 11.39 -6.38 -24.09
CA ARG E 151 11.81 -7.69 -24.58
C ARG E 151 11.59 -7.84 -26.09
N ALA E 152 10.59 -7.17 -26.65
CA ALA E 152 10.36 -7.22 -28.09
C ALA E 152 11.40 -6.47 -28.90
N ARG E 153 12.14 -5.54 -28.30
CA ARG E 153 13.14 -4.80 -29.06
C ARG E 153 14.42 -5.59 -29.31
N PHE E 154 14.75 -6.55 -28.45
CA PHE E 154 15.95 -7.34 -28.64
C PHE E 154 15.82 -8.31 -29.81
N GLY E 155 16.80 -8.26 -30.71
CA GLY E 155 16.82 -9.08 -31.91
C GLY E 155 17.48 -10.45 -31.76
N ILE E 156 18.36 -10.61 -30.78
CA ILE E 156 19.08 -11.87 -30.57
C ILE E 156 18.92 -12.27 -29.11
N ASN E 157 18.67 -13.55 -28.88
CA ASN E 157 18.46 -14.09 -27.54
C ASN E 157 19.31 -15.34 -27.32
N GLY E 158 19.93 -15.42 -26.15
CA GLY E 158 20.74 -16.56 -25.77
C GLY E 158 20.38 -17.08 -24.39
N HIS E 159 20.09 -18.39 -24.30
CA HIS E 159 19.76 -19.04 -23.03
C HIS E 159 20.97 -19.83 -22.53
N MET E 160 21.65 -19.30 -21.51
CA MET E 160 22.82 -19.96 -20.96
C MET E 160 22.41 -21.21 -20.17
N GLU E 161 23.27 -22.21 -20.16
CA GLU E 161 23.00 -23.48 -19.50
C GLU E 161 24.20 -23.98 -18.70
N TYR E 162 23.93 -24.88 -17.76
CA TYR E 162 24.96 -25.49 -16.93
C TYR E 162 25.98 -26.28 -17.74
N TYR E 163 27.24 -26.16 -17.33
CA TYR E 163 28.34 -26.87 -17.96
C TYR E 163 28.38 -28.32 -17.48
N GLU E 164 28.96 -29.20 -18.30
CA GLU E 164 29.10 -30.61 -17.96
C GLU E 164 30.53 -30.92 -17.50
N LEU E 165 30.68 -32.09 -16.88
CA LEU E 165 31.95 -32.46 -16.26
C LEU E 165 33.16 -32.39 -17.17
N PRO E 166 33.08 -32.74 -18.46
CA PRO E 166 34.26 -32.58 -19.31
C PRO E 166 34.74 -31.15 -19.40
N ASP E 167 33.79 -30.21 -19.52
CA ASP E 167 34.13 -28.79 -19.61
C ASP E 167 34.64 -28.26 -18.28
N LEU E 168 33.96 -28.61 -17.19
CA LEU E 168 34.34 -28.13 -15.87
C LEU E 168 35.73 -28.63 -15.47
N THR E 169 36.06 -29.87 -15.83
CA THR E 169 37.40 -30.36 -15.52
C THR E 169 38.46 -29.58 -16.29
N GLU E 170 38.19 -29.24 -17.55
CA GLU E 170 39.12 -28.44 -18.32
C GLU E 170 39.27 -27.04 -17.72
N ILE E 171 38.17 -26.48 -17.21
CA ILE E 171 38.24 -25.18 -16.55
C ILE E 171 39.07 -25.26 -15.27
N VAL E 172 38.82 -26.29 -14.45
CA VAL E 172 39.59 -26.46 -13.21
C VAL E 172 41.09 -26.51 -13.51
N GLU E 173 41.48 -27.25 -14.55
CA GLU E 173 42.88 -27.32 -14.93
C GLU E 173 43.41 -25.96 -15.36
N ARG E 174 42.76 -25.33 -16.33
CA ARG E 174 43.17 -24.01 -16.81
C ARG E 174 43.34 -23.02 -15.66
N THR E 175 42.38 -22.98 -14.74
CA THR E 175 42.46 -22.04 -13.62
C THR E 175 43.67 -22.34 -12.73
N SER E 176 43.96 -23.61 -12.50
CA SER E 176 45.09 -23.99 -11.65
C SER E 176 46.41 -23.50 -12.21
N GLU E 177 46.55 -23.44 -13.53
CA GLU E 177 47.81 -22.97 -14.13
C GLU E 177 48.08 -21.51 -13.79
N ILE E 178 47.05 -20.67 -13.76
CA ILE E 178 47.29 -19.27 -13.44
C ILE E 178 47.71 -19.12 -11.98
N PHE E 179 47.23 -19.99 -11.09
CA PHE E 179 47.69 -20.00 -9.72
C PHE E 179 49.02 -20.73 -9.56
N GLU E 180 49.54 -21.31 -10.63
CA GLU E 180 50.77 -22.10 -10.60
C GLU E 180 50.71 -23.23 -9.57
N MET E 181 49.51 -23.72 -9.30
CA MET E 181 49.33 -24.82 -8.35
C MET E 181 49.39 -26.14 -9.09
N THR E 182 49.92 -27.15 -8.42
CA THR E 182 50.06 -28.48 -8.97
C THR E 182 48.87 -29.31 -8.52
N ILE E 183 48.08 -29.79 -9.48
CA ILE E 183 46.93 -30.63 -9.21
C ILE E 183 46.95 -31.81 -10.18
N THR E 184 46.69 -33.00 -9.66
CA THR E 184 46.67 -34.18 -10.49
C THR E 184 45.36 -34.27 -11.26
N PRO E 185 45.35 -34.97 -12.40
CA PRO E 185 44.10 -35.09 -13.17
C PRO E 185 42.98 -35.77 -12.40
N GLU E 186 43.29 -36.51 -11.34
CA GLU E 186 42.25 -37.13 -10.53
C GLU E 186 41.60 -36.13 -9.58
N ALA E 187 42.41 -35.33 -8.88
CA ALA E 187 41.88 -34.34 -7.96
C ALA E 187 41.06 -33.28 -8.68
N ALA E 188 41.49 -32.88 -9.88
CA ALA E 188 40.73 -31.91 -10.65
C ALA E 188 39.33 -32.41 -10.99
N LEU E 189 39.19 -33.71 -11.20
CA LEU E 189 37.87 -34.29 -11.48
C LEU E 189 36.96 -34.26 -10.26
N GLU E 190 37.54 -34.40 -9.06
CA GLU E 190 36.75 -34.34 -7.83
C GLU E 190 36.05 -33.00 -7.67
N LEU E 191 36.78 -31.89 -7.81
CA LEU E 191 36.18 -30.58 -7.66
C LEU E 191 35.06 -30.36 -8.68
N ALA E 192 35.27 -30.80 -9.91
CA ALA E 192 34.24 -30.62 -10.94
C ALA E 192 32.93 -31.27 -10.53
N ARG E 193 33.00 -32.51 -10.04
CA ARG E 193 31.79 -33.21 -9.62
C ARG E 193 30.96 -32.41 -8.61
N ARG E 194 31.62 -31.73 -7.68
CA ARG E 194 30.93 -31.02 -6.60
C ARG E 194 30.79 -29.52 -6.84
N SER E 195 31.18 -29.00 -8.00
CA SER E 195 31.04 -27.58 -8.30
C SER E 195 29.61 -27.14 -8.61
N ARG E 196 28.63 -28.05 -8.58
CA ARG E 196 27.24 -27.76 -8.95
C ARG E 196 27.08 -27.27 -10.39
N GLY E 197 28.11 -27.39 -11.22
CA GLY E 197 28.01 -26.95 -12.59
C GLY E 197 28.24 -25.48 -12.85
N THR E 198 28.69 -24.71 -11.87
CA THR E 198 28.88 -23.27 -12.03
C THR E 198 30.35 -22.93 -11.93
N PRO E 199 30.97 -22.36 -12.98
CA PRO E 199 32.41 -22.07 -12.91
C PRO E 199 32.82 -21.18 -11.75
N ARG E 200 32.02 -20.17 -11.40
CA ARG E 200 32.35 -19.32 -10.26
C ARG E 200 32.53 -20.13 -8.98
N ILE E 201 31.66 -21.12 -8.76
CA ILE E 201 31.79 -21.96 -7.58
C ILE E 201 33.06 -22.80 -7.65
N ALA E 202 33.33 -23.39 -8.80
CA ALA E 202 34.56 -24.16 -8.98
C ALA E 202 35.79 -23.34 -8.62
N ASN E 203 35.85 -22.08 -9.07
CA ASN E 203 36.99 -21.23 -8.72
C ASN E 203 37.05 -20.95 -7.22
N ARG E 204 35.91 -20.71 -6.58
CA ARG E 204 35.89 -20.49 -5.14
C ARG E 204 36.51 -21.65 -4.37
N LEU E 205 36.08 -22.88 -4.67
CA LEU E 205 36.61 -24.04 -3.97
C LEU E 205 38.11 -24.21 -4.19
N LEU E 206 38.55 -24.11 -5.44
CA LEU E 206 39.97 -24.30 -5.73
C LEU E 206 40.85 -23.30 -4.96
N LYS E 207 40.43 -22.04 -4.89
CA LYS E 207 41.19 -21.05 -4.14
C LYS E 207 41.32 -21.42 -2.67
N ARG E 208 40.31 -22.06 -2.09
CA ARG E 208 40.34 -22.44 -0.69
C ARG E 208 41.14 -23.72 -0.45
N VAL E 209 40.97 -24.72 -1.31
CA VAL E 209 41.71 -25.97 -1.19
C VAL E 209 43.21 -25.74 -1.20
N ARG E 210 43.69 -24.74 -1.94
CA ARG E 210 45.12 -24.41 -1.93
C ARG E 210 45.64 -24.17 -0.52
N ASP E 211 44.94 -23.35 0.26
CA ASP E 211 45.39 -23.07 1.62
C ASP E 211 45.40 -24.31 2.51
N TYR E 212 44.51 -25.25 2.26
CA TYR E 212 44.51 -26.49 3.04
C TYR E 212 45.72 -27.34 2.72
N ALA E 213 45.98 -27.60 1.44
CA ALA E 213 47.11 -28.42 1.04
C ALA E 213 48.46 -27.81 1.42
N GLN E 214 48.54 -26.50 1.59
CA GLN E 214 49.78 -25.87 2.03
C GLN E 214 50.05 -26.02 3.53
N ILE E 215 49.14 -26.64 4.27
CA ILE E 215 49.33 -26.82 5.71
C ILE E 215 49.09 -28.29 6.05
N MET E 216 47.96 -28.83 5.60
CA MET E 216 47.62 -30.23 5.83
C MET E 216 48.24 -31.16 4.81
N GLY E 217 49.16 -30.68 3.98
CA GLY E 217 49.80 -31.52 2.99
C GLY E 217 51.13 -30.96 2.56
N ASP E 218 51.68 -31.57 1.51
CA ASP E 218 52.98 -31.19 0.97
C ASP E 218 52.84 -30.27 -0.26
N GLY E 219 51.83 -29.42 -0.28
CA GLY E 219 51.61 -28.50 -1.37
C GLY E 219 51.07 -29.14 -2.64
N VAL E 220 50.80 -30.44 -2.64
CA VAL E 220 50.27 -31.14 -3.80
C VAL E 220 48.82 -31.50 -3.50
N ILE E 221 47.92 -31.14 -4.42
CA ILE E 221 46.50 -31.41 -4.22
C ILE E 221 46.19 -32.83 -4.65
N ASP E 222 46.22 -33.76 -3.70
CA ASP E 222 45.87 -35.15 -3.94
C ASP E 222 44.36 -35.36 -3.75
N ASP E 223 43.85 -36.44 -4.33
CA ASP E 223 42.43 -36.74 -4.19
C ASP E 223 42.02 -36.90 -2.74
N LYS E 224 42.86 -37.57 -1.93
CA LYS E 224 42.53 -37.72 -0.52
C LYS E 224 42.56 -36.38 0.20
N ILE E 225 43.54 -35.54 -0.12
CA ILE E 225 43.64 -34.24 0.54
C ILE E 225 42.51 -33.34 0.07
N ALA E 226 42.21 -33.37 -1.22
CA ALA E 226 41.09 -32.59 -1.75
C ALA E 226 39.78 -33.04 -1.14
N ASP E 227 39.56 -34.36 -1.05
CA ASP E 227 38.32 -34.86 -0.48
C ASP E 227 38.21 -34.52 1.01
N GLN E 228 39.32 -34.59 1.74
CA GLN E 228 39.31 -34.20 3.15
C GLN E 228 39.06 -32.70 3.31
N ALA E 229 39.59 -31.90 2.40
CA ALA E 229 39.36 -30.45 2.43
C ALA E 229 37.92 -30.09 2.12
N LEU E 230 37.30 -30.74 1.14
CA LEU E 230 35.92 -30.43 0.80
C LEU E 230 34.97 -30.81 1.93
N THR E 231 35.22 -31.93 2.62
CA THR E 231 34.37 -32.27 3.76
C THR E 231 34.53 -31.24 4.87
N MET E 232 35.73 -30.69 5.04
CA MET E 232 35.93 -29.64 6.02
C MET E 232 35.11 -28.40 5.68
N LEU E 233 35.00 -28.08 4.39
CA LEU E 233 34.15 -26.97 3.95
C LEU E 233 32.66 -27.28 4.08
N ASP E 234 32.28 -28.48 4.48
CA ASP E 234 30.87 -28.88 4.57
C ASP E 234 30.22 -28.97 3.19
N VAL E 235 31.01 -29.24 2.16
CA VAL E 235 30.49 -29.37 0.81
C VAL E 235 30.15 -30.83 0.55
N ASP E 236 28.88 -31.10 0.29
CA ASP E 236 28.42 -32.45 0.02
C ASP E 236 29.18 -33.06 -1.14
N HIS E 237 29.29 -34.40 -1.13
CA HIS E 237 29.89 -35.11 -2.24
C HIS E 237 29.03 -35.00 -3.50
N GLU E 238 27.78 -34.58 -3.35
CA GLU E 238 26.89 -34.26 -4.45
C GLU E 238 26.87 -32.77 -4.76
N GLY E 239 27.65 -31.98 -4.03
CA GLY E 239 27.73 -30.55 -4.18
C GLY E 239 26.64 -29.75 -3.50
N LEU E 240 25.69 -30.41 -2.82
CA LEU E 240 24.72 -29.68 -2.02
C LEU E 240 25.47 -28.80 -1.01
N ASP E 241 24.94 -27.62 -0.72
CA ASP E 241 25.58 -26.69 0.18
C ASP E 241 24.83 -26.58 1.50
N TYR E 242 25.39 -25.76 2.39
CA TYR E 242 24.80 -25.54 3.72
C TYR E 242 23.32 -25.16 3.62
N VAL E 243 22.99 -24.23 2.74
CA VAL E 243 21.61 -23.82 2.55
C VAL E 243 20.76 -24.96 1.99
N ASP E 244 21.30 -25.70 1.02
CA ASP E 244 20.55 -26.81 0.44
C ASP E 244 20.20 -27.87 1.49
N GLN E 245 21.19 -28.33 2.25
CA GLN E 245 20.91 -29.31 3.30
C GLN E 245 19.92 -28.78 4.33
N LYS E 246 20.05 -27.52 4.71
CA LYS E 246 19.14 -26.94 5.70
C LYS E 246 17.70 -26.94 5.21
N ILE E 247 17.49 -26.73 3.90
CA ILE E 247 16.14 -26.76 3.35
C ILE E 247 15.54 -28.16 3.47
N LEU E 248 16.17 -29.14 2.83
CA LEU E 248 15.64 -30.50 2.82
C LEU E 248 15.46 -31.06 4.22
N ARG E 249 16.42 -30.83 5.10
CA ARG E 249 16.32 -31.34 6.46
C ARG E 249 15.09 -30.81 7.18
N THR E 250 14.79 -29.53 7.05
CA THR E 250 13.62 -28.97 7.73
C THR E 250 12.32 -29.49 7.12
N MET E 251 12.26 -29.61 5.79
CA MET E 251 11.06 -30.15 5.15
C MET E 251 10.74 -31.56 5.64
N ILE E 252 11.75 -32.43 5.67
CA ILE E 252 11.55 -33.80 6.10
C ILE E 252 11.16 -33.87 7.58
N GLU E 253 11.94 -33.22 8.44
CA GLU E 253 11.69 -33.30 9.89
C GLU E 253 10.43 -32.54 10.31
N MET E 254 10.20 -31.35 9.79
CA MET E 254 9.03 -30.59 10.21
C MET E 254 7.79 -30.79 9.35
N TYR E 255 7.93 -31.19 8.08
CA TYR E 255 6.77 -31.28 7.20
C TYR E 255 6.69 -32.59 6.45
N GLY E 256 7.40 -33.62 6.92
CA GLY E 256 7.34 -34.93 6.27
C GLY E 256 7.66 -34.89 4.80
N GLY E 257 8.59 -34.02 4.40
CA GLY E 257 8.99 -33.90 3.02
C GLY E 257 8.14 -32.96 2.18
N GLY E 258 7.20 -32.25 2.80
CA GLY E 258 6.30 -31.38 2.06
C GLY E 258 4.98 -32.07 1.78
N PRO E 259 4.23 -31.59 0.79
CA PRO E 259 4.50 -30.43 -0.08
C PRO E 259 4.47 -29.11 0.69
N VAL E 260 5.29 -28.14 0.29
CA VAL E 260 5.27 -26.83 0.92
C VAL E 260 5.66 -25.78 -0.12
N GLY E 261 5.10 -24.58 0.05
CA GLY E 261 5.43 -23.50 -0.85
C GLY E 261 6.84 -23.00 -0.65
N LEU E 262 7.32 -22.27 -1.66
CA LEU E 262 8.70 -21.78 -1.62
C LEU E 262 8.91 -20.72 -0.55
N GLY E 263 7.87 -19.97 -0.21
CA GLY E 263 7.96 -18.95 0.82
C GLY E 263 7.08 -19.20 2.02
N THR E 264 6.34 -20.31 2.01
CA THR E 264 5.36 -20.58 3.06
C THR E 264 5.99 -20.43 4.44
N LEU E 265 7.05 -21.18 4.72
CA LEU E 265 7.78 -21.02 5.96
C LEU E 265 9.29 -21.00 5.73
N SER E 266 9.73 -20.48 4.59
CA SER E 266 11.15 -20.26 4.39
C SER E 266 11.65 -19.15 5.30
N VAL E 267 10.73 -18.46 5.97
CA VAL E 267 11.09 -17.52 7.01
C VAL E 267 11.72 -18.27 8.18
N ASN E 268 11.52 -19.59 8.24
CA ASN E 268 12.17 -20.41 9.26
C ASN E 268 13.63 -20.67 8.91
N ILE E 269 14.10 -20.10 7.81
CA ILE E 269 15.50 -20.05 7.44
C ILE E 269 15.83 -18.59 7.12
N ALA E 270 17.12 -18.28 7.05
CA ALA E 270 17.55 -16.92 6.76
C ALA E 270 17.42 -16.53 5.30
N GLU E 271 17.58 -17.46 4.37
CA GLU E 271 17.75 -17.11 2.97
C GLU E 271 16.51 -16.46 2.36
N GLU E 272 16.73 -15.34 1.66
CA GLU E 272 15.69 -14.65 0.91
C GLU E 272 15.14 -15.52 -0.21
N ARG E 273 13.81 -15.63 -0.28
CA ARG E 273 13.18 -16.53 -1.23
C ARG E 273 13.61 -16.26 -2.68
N GLU E 274 14.03 -15.02 -2.98
CA GLU E 274 14.45 -14.72 -4.34
C GLU E 274 15.70 -15.49 -4.72
N THR E 275 16.64 -15.66 -3.79
CA THR E 275 17.83 -16.44 -4.10
C THR E 275 17.52 -17.92 -4.17
N VAL E 276 16.61 -18.40 -3.32
CA VAL E 276 16.19 -19.80 -3.38
C VAL E 276 15.55 -20.11 -4.74
N GLU E 277 14.68 -19.21 -5.20
CA GLU E 277 14.01 -19.39 -6.47
C GLU E 277 14.96 -19.26 -7.65
N ASP E 278 15.95 -18.38 -7.55
CA ASP E 278 16.85 -18.11 -8.68
C ASP E 278 18.15 -18.90 -8.69
N MET E 279 18.69 -19.30 -7.54
CA MET E 279 20.00 -19.96 -7.55
C MET E 279 20.00 -21.38 -7.01
N TYR E 280 19.14 -21.72 -6.05
CA TYR E 280 19.12 -23.06 -5.48
C TYR E 280 18.08 -23.98 -6.11
N GLU E 281 16.85 -23.50 -6.25
CA GLU E 281 15.78 -24.35 -6.78
C GLU E 281 16.10 -24.96 -8.14
N PRO E 282 16.58 -24.21 -9.14
CA PRO E 282 16.79 -24.84 -10.46
C PRO E 282 17.78 -26.00 -10.47
N TYR E 283 18.85 -25.89 -9.69
CA TYR E 283 19.81 -27.00 -9.60
C TYR E 283 19.16 -28.28 -9.08
N LEU E 284 18.48 -28.18 -7.93
CA LEU E 284 17.80 -29.33 -7.35
C LEU E 284 16.79 -29.97 -8.30
N ILE E 285 16.12 -29.15 -9.11
CA ILE E 285 15.16 -29.71 -10.07
C ILE E 285 15.88 -30.55 -11.12
N GLN E 286 16.92 -30.00 -11.75
CA GLN E 286 17.65 -30.78 -12.75
C GLN E 286 18.23 -32.05 -12.15
N LYS E 287 18.77 -31.97 -10.93
CA LYS E 287 19.35 -33.14 -10.29
C LYS E 287 18.33 -34.09 -9.69
N GLY E 288 17.03 -33.81 -9.83
CA GLY E 288 16.01 -34.69 -9.30
C GLY E 288 15.90 -34.77 -7.80
N PHE E 289 16.44 -33.79 -7.08
CA PHE E 289 16.29 -33.78 -5.62
C PHE E 289 14.88 -33.35 -5.22
N ILE E 290 14.29 -32.42 -5.95
CA ILE E 290 12.97 -31.90 -5.67
C ILE E 290 12.12 -31.91 -6.93
N MET E 291 10.82 -32.12 -6.75
CA MET E 291 9.86 -32.04 -7.84
C MET E 291 8.75 -31.06 -7.46
N ARG E 292 8.28 -30.31 -8.45
CA ARG E 292 7.17 -29.38 -8.26
C ARG E 292 5.84 -30.10 -8.38
N THR E 293 4.92 -29.76 -7.47
CA THR E 293 3.59 -30.35 -7.47
C THR E 293 2.56 -29.24 -7.27
N ARG E 294 1.30 -29.58 -7.56
CA ARG E 294 0.19 -28.65 -7.38
C ARG E 294 0.21 -27.98 -6.01
N THR E 295 0.74 -28.64 -4.99
CA THR E 295 0.74 -28.10 -3.64
C THR E 295 2.12 -27.66 -3.15
N GLY E 296 3.15 -27.73 -3.98
CA GLY E 296 4.47 -27.29 -3.58
C GLY E 296 5.54 -28.32 -3.92
N ARG E 297 6.72 -28.12 -3.32
CA ARG E 297 7.85 -29.01 -3.53
C ARG E 297 7.80 -30.21 -2.60
N VAL E 298 8.18 -31.37 -3.13
CA VAL E 298 8.19 -32.61 -2.38
C VAL E 298 9.56 -33.26 -2.56
N ALA E 299 10.15 -33.75 -1.47
CA ALA E 299 11.45 -34.40 -1.52
C ALA E 299 11.31 -35.80 -2.10
N THR E 300 12.07 -36.07 -3.16
CA THR E 300 12.04 -37.38 -3.80
C THR E 300 12.81 -38.40 -2.97
N ALA E 301 12.57 -39.68 -3.28
CA ALA E 301 13.25 -40.78 -2.61
C ALA E 301 14.76 -40.58 -2.60
N LYS E 302 15.31 -40.04 -3.68
CA LYS E 302 16.74 -39.77 -3.73
C LYS E 302 17.20 -38.93 -2.54
N ALA E 303 16.50 -37.83 -2.28
CA ALA E 303 16.82 -37.00 -1.11
C ALA E 303 16.80 -37.82 0.17
N TYR E 304 15.76 -38.62 0.37
CA TYR E 304 15.65 -39.44 1.57
C TYR E 304 16.86 -40.35 1.72
N GLU E 305 17.19 -41.12 0.68
CA GLU E 305 18.35 -42.00 0.78
C GLU E 305 19.65 -41.20 0.83
N HIS E 306 19.70 -40.04 0.19
CA HIS E 306 20.89 -39.21 0.25
C HIS E 306 21.08 -38.63 1.65
N MET E 307 20.05 -37.97 2.16
CA MET E 307 20.09 -37.41 3.51
C MET E 307 20.14 -38.50 4.58
N GLY E 308 19.74 -39.71 4.23
CA GLY E 308 19.75 -40.82 5.17
C GLY E 308 18.54 -40.91 6.07
N TYR E 309 17.37 -40.77 5.46
CA TYR E 309 16.08 -40.88 6.15
C TYR E 309 15.27 -41.97 5.48
N ASP E 310 14.60 -42.77 6.29
CA ASP E 310 13.78 -43.85 5.75
C ASP E 310 12.60 -43.26 4.98
N TYR E 311 12.50 -43.61 3.70
CA TYR E 311 11.42 -43.10 2.87
C TYR E 311 10.08 -43.67 3.31
N THR E 312 9.03 -42.86 3.13
CA THR E 312 7.68 -43.23 3.49
C THR E 312 7.18 -44.37 2.59
N THR F 1 13.72 3.27 -45.05
CA THR F 1 13.15 2.66 -43.84
C THR F 1 12.03 1.69 -44.22
N LEU F 2 11.82 0.70 -43.35
CA LEU F 2 10.83 -0.32 -43.59
C LEU F 2 9.41 0.13 -43.33
N ARG F 3 9.21 1.08 -42.44
CA ARG F 3 7.87 1.52 -42.06
C ARG F 3 7.12 2.19 -43.21
N PRO F 4 5.93 1.71 -43.57
CA PRO F 4 5.15 2.37 -44.63
C PRO F 4 4.79 3.81 -44.27
N GLN F 5 4.64 4.64 -45.31
CA GLN F 5 4.30 6.04 -45.13
C GLN F 5 2.89 6.42 -45.57
N TYR F 6 2.25 5.66 -46.44
CA TYR F 6 0.95 6.03 -46.96
C TYR F 6 0.03 4.81 -47.07
N PHE F 7 -1.27 5.08 -47.11
CA PHE F 7 -2.25 4.01 -47.16
C PHE F 7 -2.04 3.08 -48.34
N LYS F 8 -1.52 3.59 -49.45
CA LYS F 8 -1.25 2.73 -50.58
C LYS F 8 -0.17 1.70 -50.26
N GLU F 9 0.72 2.01 -49.32
CA GLU F 9 1.76 1.09 -48.89
C GLU F 9 1.33 0.19 -47.74
N TYR F 10 0.29 0.56 -47.00
CA TYR F 10 -0.15 -0.18 -45.83
C TYR F 10 -1.00 -1.37 -46.26
N ILE F 11 -0.47 -2.58 -46.07
CA ILE F 11 -1.14 -3.82 -46.40
C ILE F 11 -2.04 -4.26 -45.25
N GLY F 12 -3.19 -4.86 -45.58
CA GLY F 12 -4.14 -5.37 -44.60
C GLY F 12 -4.92 -4.32 -43.83
N GLN F 13 -5.62 -4.81 -42.80
CA GLN F 13 -6.46 -3.95 -41.95
C GLN F 13 -7.48 -3.18 -42.79
N ASP F 14 -7.99 -3.85 -43.84
CA ASP F 14 -8.92 -3.22 -44.77
C ASP F 14 -10.10 -2.53 -44.08
N LYS F 15 -10.71 -3.19 -43.09
CA LYS F 15 -11.85 -2.59 -42.40
C LYS F 15 -11.48 -1.27 -41.71
N VAL F 16 -10.29 -1.19 -41.14
CA VAL F 16 -9.87 0.04 -40.50
C VAL F 16 -9.55 1.11 -41.53
N LYS F 17 -8.77 0.76 -42.55
CA LYS F 17 -8.41 1.72 -43.59
C LYS F 17 -9.65 2.30 -44.28
N ASP F 18 -10.66 1.47 -44.53
CA ASP F 18 -11.86 1.95 -45.21
C ASP F 18 -12.51 3.10 -44.44
N GLN F 19 -12.67 2.95 -43.13
CA GLN F 19 -13.28 4.01 -42.33
C GLN F 19 -12.38 5.23 -42.18
N LEU F 20 -11.09 5.00 -41.88
CA LEU F 20 -10.19 6.13 -41.69
C LEU F 20 -10.06 6.99 -42.94
N LYS F 21 -10.12 6.39 -44.13
CA LYS F 21 -10.09 7.18 -45.36
C LYS F 21 -11.25 8.16 -45.42
N ILE F 22 -12.46 7.70 -45.09
CA ILE F 22 -13.64 8.57 -45.17
C ILE F 22 -13.55 9.72 -44.18
N PHE F 23 -13.20 9.42 -42.92
CA PHE F 23 -13.10 10.48 -41.93
C PHE F 23 -11.95 11.45 -42.19
N ILE F 24 -10.84 10.96 -42.73
CA ILE F 24 -9.72 11.85 -43.03
C ILE F 24 -10.06 12.77 -44.20
N GLU F 25 -10.70 12.24 -45.24
CA GLU F 25 -11.05 13.08 -46.38
C GLU F 25 -12.07 14.15 -46.01
N ALA F 26 -13.10 13.78 -45.25
CA ALA F 26 -14.09 14.77 -44.82
C ALA F 26 -13.44 15.87 -43.99
N ALA F 27 -12.55 15.50 -43.06
CA ALA F 27 -11.87 16.48 -42.24
C ALA F 27 -10.90 17.35 -43.02
N LYS F 28 -10.62 17.03 -44.28
CA LYS F 28 -9.74 17.85 -45.09
C LYS F 28 -10.49 18.86 -45.95
N LEU F 29 -11.74 18.60 -46.30
CA LEU F 29 -12.51 19.63 -46.99
C LEU F 29 -12.67 20.81 -46.05
N ARG F 30 -13.16 20.53 -44.85
CA ARG F 30 -13.22 21.54 -43.80
C ARG F 30 -11.82 21.72 -43.25
N ASP F 31 -11.49 22.94 -42.85
CA ASP F 31 -10.15 23.24 -42.33
C ASP F 31 -10.09 23.04 -40.82
N GLU F 32 -10.19 21.78 -40.40
CA GLU F 32 -10.19 21.47 -38.98
C GLU F 32 -9.53 20.11 -38.76
N ALA F 33 -9.17 19.86 -37.50
CA ALA F 33 -8.52 18.62 -37.11
C ALA F 33 -9.49 17.43 -37.06
N LEU F 34 -8.91 16.24 -37.13
CA LEU F 34 -9.64 14.98 -37.04
C LEU F 34 -10.01 14.67 -35.59
N ASP F 35 -11.16 14.03 -35.41
CA ASP F 35 -11.60 13.61 -34.08
C ASP F 35 -10.64 12.60 -33.46
N HIS F 36 -10.59 12.60 -32.13
CA HIS F 36 -9.71 11.69 -31.40
C HIS F 36 -10.04 10.24 -31.73
N THR F 37 -9.01 9.43 -31.97
CA THR F 37 -9.16 8.05 -32.42
C THR F 37 -8.52 7.09 -31.42
N LEU F 38 -9.20 5.99 -31.14
CA LEU F 38 -8.71 4.96 -30.23
C LEU F 38 -8.51 3.65 -30.98
N LEU F 39 -7.29 3.12 -30.93
CA LEU F 39 -6.92 1.85 -31.56
C LEU F 39 -6.65 0.81 -30.48
N PHE F 40 -7.25 -0.37 -30.60
CA PHE F 40 -7.02 -1.42 -29.62
C PHE F 40 -6.89 -2.78 -30.30
N GLY F 41 -6.20 -3.68 -29.61
CA GLY F 41 -5.96 -5.02 -30.10
C GLY F 41 -4.63 -5.59 -29.62
N PRO F 42 -4.27 -6.77 -30.10
CA PRO F 42 -3.00 -7.41 -29.71
C PRO F 42 -1.79 -6.55 -30.04
N PRO F 43 -0.68 -6.76 -29.36
CA PRO F 43 0.54 -6.00 -29.62
C PRO F 43 1.28 -6.47 -30.86
N GLY F 44 2.04 -5.55 -31.45
CA GLY F 44 2.87 -5.87 -32.60
C GLY F 44 2.16 -5.94 -33.93
N LEU F 45 0.89 -5.57 -34.00
CA LEU F 45 0.15 -5.68 -35.25
C LEU F 45 0.28 -4.46 -36.14
N GLY F 46 0.89 -3.37 -35.67
CA GLY F 46 1.10 -2.20 -36.48
C GLY F 46 0.26 -0.97 -36.18
N LYS F 47 -0.25 -0.82 -34.95
CA LYS F 47 -1.07 0.33 -34.65
C LYS F 47 -0.24 1.60 -34.52
N THR F 48 1.01 1.50 -34.07
CA THR F 48 1.88 2.68 -34.07
C THR F 48 2.15 3.16 -35.49
N THR F 49 2.45 2.23 -36.41
CA THR F 49 2.64 2.59 -37.80
C THR F 49 1.42 3.31 -38.36
N MET F 50 0.22 2.91 -37.95
CA MET F 50 -0.99 3.58 -38.41
C MET F 50 -0.99 5.06 -38.01
N ALA F 51 -0.49 5.38 -36.82
CA ALA F 51 -0.45 6.78 -36.39
C ALA F 51 0.40 7.63 -37.31
N PHE F 52 1.55 7.11 -37.74
CA PHE F 52 2.40 7.85 -38.67
C PHE F 52 1.69 8.11 -39.99
N VAL F 53 1.02 7.09 -40.53
CA VAL F 53 0.29 7.25 -41.79
C VAL F 53 -0.76 8.37 -41.65
N ILE F 54 -1.50 8.37 -40.55
CA ILE F 54 -2.50 9.43 -40.34
C ILE F 54 -1.84 10.81 -40.38
N ALA F 55 -0.71 10.96 -39.69
CA ALA F 55 -0.04 12.25 -39.67
C ALA F 55 0.45 12.66 -41.06
N ASN F 56 0.96 11.72 -41.84
CA ASN F 56 1.42 12.05 -43.19
C ASN F 56 0.25 12.44 -44.10
N GLU F 57 -0.90 11.80 -43.93
CA GLU F 57 -2.05 12.18 -44.77
C GLU F 57 -2.60 13.53 -44.38
N MET F 58 -2.59 13.86 -43.08
CA MET F 58 -3.04 15.17 -42.64
C MET F 58 -1.98 16.25 -42.87
N GLY F 59 -0.71 15.87 -42.96
CA GLY F 59 0.35 16.82 -43.18
C GLY F 59 0.81 17.56 -41.95
N VAL F 60 1.00 16.85 -40.84
CA VAL F 60 1.36 17.44 -39.55
C VAL F 60 2.40 16.57 -38.88
N ASN F 61 2.98 17.08 -37.80
CA ASN F 61 3.99 16.36 -37.04
C ASN F 61 3.35 15.41 -36.03
N LEU F 62 4.07 14.35 -35.69
CA LEU F 62 3.62 13.34 -34.74
C LEU F 62 4.57 13.28 -33.55
N LYS F 63 4.01 13.36 -32.35
CA LYS F 63 4.76 13.22 -31.10
C LYS F 63 4.29 11.96 -30.38
N GLN F 64 5.22 11.31 -29.67
CA GLN F 64 4.97 10.01 -29.09
C GLN F 64 5.40 9.94 -27.63
N THR F 65 4.57 9.31 -26.80
CA THR F 65 4.84 9.12 -25.38
C THR F 65 4.03 7.92 -24.91
N SER F 66 4.10 7.61 -23.61
CA SER F 66 3.37 6.49 -23.07
C SER F 66 2.82 6.80 -21.68
N GLY F 67 1.76 6.08 -21.32
CA GLY F 67 1.10 6.23 -20.05
C GLY F 67 2.02 6.18 -18.84
N PRO F 68 2.84 5.13 -18.77
CA PRO F 68 3.78 5.03 -17.64
C PRO F 68 4.80 6.14 -17.60
N ALA F 69 5.01 6.85 -18.71
CA ALA F 69 5.95 7.96 -18.73
C ALA F 69 5.41 9.21 -18.05
N ILE F 70 4.11 9.26 -17.76
CA ILE F 70 3.48 10.42 -17.15
C ILE F 70 3.12 10.04 -15.72
N GLU F 71 3.68 10.76 -14.74
CA GLU F 71 3.49 10.46 -13.34
C GLU F 71 2.82 11.57 -12.54
N LYS F 72 2.92 12.82 -13.00
CA LYS F 72 2.32 13.95 -12.29
C LYS F 72 1.72 14.89 -13.32
N ALA F 73 0.77 15.72 -12.86
CA ALA F 73 0.10 16.65 -13.74
C ALA F 73 1.08 17.56 -14.46
N GLY F 74 2.20 17.90 -13.81
CA GLY F 74 3.19 18.76 -14.46
C GLY F 74 3.79 18.13 -15.71
N ASP F 75 3.82 16.80 -15.77
CA ASP F 75 4.34 16.14 -16.97
C ASP F 75 3.42 16.37 -18.16
N LEU F 76 2.13 16.08 -18.00
CA LEU F 76 1.17 16.22 -19.09
C LEU F 76 1.02 17.68 -19.52
N VAL F 77 1.05 18.61 -18.57
CA VAL F 77 0.94 20.03 -18.92
C VAL F 77 2.13 20.47 -19.76
N ALA F 78 3.34 20.09 -19.36
CA ALA F 78 4.52 20.46 -20.13
C ALA F 78 4.49 19.88 -21.54
N ILE F 79 3.96 18.67 -21.69
CA ILE F 79 3.85 18.06 -23.02
C ILE F 79 2.88 18.83 -23.90
N LEU F 80 1.67 19.11 -23.41
CA LEU F 80 0.66 19.79 -24.22
C LEU F 80 1.09 21.19 -24.64
N ASN F 81 1.91 21.87 -23.85
CA ASN F 81 2.40 23.18 -24.26
C ASN F 81 3.31 23.12 -25.48
N ASP F 82 3.87 21.96 -25.78
CA ASP F 82 4.81 21.79 -26.88
C ASP F 82 4.14 21.40 -28.20
N LEU F 83 2.81 21.49 -28.28
CA LEU F 83 2.08 21.08 -29.48
C LEU F 83 1.71 22.27 -30.36
N GLU F 84 1.92 22.11 -31.67
CA GLU F 84 1.52 23.07 -32.68
C GLU F 84 0.11 22.79 -33.17
N PRO F 85 -0.55 23.76 -33.78
CA PRO F 85 -1.92 23.54 -34.27
C PRO F 85 -2.00 22.36 -35.23
N GLY F 86 -2.92 21.44 -34.95
CA GLY F 86 -3.12 20.26 -35.76
C GLY F 86 -2.18 19.11 -35.48
N ASP F 87 -1.25 19.25 -34.55
CA ASP F 87 -0.34 18.17 -34.23
C ASP F 87 -1.11 16.94 -33.75
N ILE F 88 -0.46 15.78 -33.85
CA ILE F 88 -1.03 14.51 -33.40
C ILE F 88 -0.22 14.02 -32.21
N LEU F 89 -0.89 13.67 -31.13
CA LEU F 89 -0.27 13.13 -29.93
C LEU F 89 -0.65 11.66 -29.79
N PHE F 90 0.36 10.79 -29.75
CA PHE F 90 0.15 9.35 -29.60
C PHE F 90 0.56 8.94 -28.20
N ILE F 91 -0.34 8.27 -27.48
CA ILE F 91 -0.08 7.79 -26.12
C ILE F 91 -0.24 6.28 -26.12
N ASP F 92 0.85 5.56 -25.90
CA ASP F 92 0.80 4.10 -25.82
C ASP F 92 0.43 3.64 -24.42
N GLU F 93 -0.22 2.48 -24.35
CA GLU F 93 -0.72 1.91 -23.09
C GLU F 93 -1.45 2.94 -22.23
N ILE F 94 -2.36 3.68 -22.86
CA ILE F 94 -3.09 4.74 -22.18
C ILE F 94 -3.87 4.23 -20.97
N HIS F 95 -4.21 2.94 -20.95
CA HIS F 95 -4.93 2.37 -19.81
C HIS F 95 -4.11 2.33 -18.52
N ARG F 96 -2.79 2.45 -18.62
CA ARG F 96 -1.90 2.32 -17.47
C ARG F 96 -1.52 3.65 -16.85
N MET F 97 -2.04 4.75 -17.38
CA MET F 97 -1.76 6.08 -16.83
C MET F 97 -2.40 6.26 -15.45
N PRO F 98 -1.79 7.07 -14.58
CA PRO F 98 -2.37 7.30 -13.26
C PRO F 98 -3.71 8.03 -13.31
N MET F 99 -4.60 7.61 -12.40
CA MET F 99 -5.94 8.20 -12.33
C MET F 99 -5.93 9.70 -12.06
N ALA F 100 -4.97 10.18 -11.27
CA ALA F 100 -4.88 11.61 -11.00
C ALA F 100 -4.45 12.42 -12.22
N VAL F 101 -3.86 11.77 -13.22
CA VAL F 101 -3.47 12.44 -14.46
C VAL F 101 -4.58 12.31 -15.50
N GLU F 102 -5.24 11.16 -15.53
CA GLU F 102 -6.33 10.93 -16.48
C GLU F 102 -7.42 12.00 -16.37
N GLU F 103 -7.77 12.40 -15.16
CA GLU F 103 -8.82 13.42 -15.00
C GLU F 103 -8.39 14.80 -15.49
N VAL F 104 -7.15 14.97 -15.92
CA VAL F 104 -6.72 16.23 -16.52
C VAL F 104 -7.03 16.27 -18.02
N LEU F 105 -7.05 15.11 -18.67
CA LEU F 105 -7.37 15.04 -20.10
C LEU F 105 -8.83 15.38 -20.39
N TYR F 106 -9.73 15.10 -19.46
CA TYR F 106 -11.15 15.35 -19.70
C TYR F 106 -11.42 16.76 -20.22
N SER F 107 -10.89 17.77 -19.54
CA SER F 107 -11.10 19.14 -19.99
C SER F 107 -10.32 19.45 -21.26
N ALA F 108 -9.13 18.89 -21.40
CA ALA F 108 -8.32 19.14 -22.59
C ALA F 108 -8.97 18.58 -23.85
N MET F 109 -9.41 17.33 -23.80
CA MET F 109 -10.02 16.70 -24.96
C MET F 109 -11.36 17.33 -25.34
N GLU F 110 -12.19 17.65 -24.34
CA GLU F 110 -13.54 18.13 -24.64
C GLU F 110 -13.60 19.63 -24.94
N ASP F 111 -12.78 20.46 -24.29
CA ASP F 111 -12.89 21.90 -24.49
C ASP F 111 -11.58 22.63 -24.77
N TYR F 112 -10.45 21.94 -24.83
CA TYR F 112 -9.16 22.54 -25.14
C TYR F 112 -8.66 23.52 -24.08
N TYR F 113 -8.98 23.32 -22.81
CA TYR F 113 -8.43 24.19 -21.77
C TYR F 113 -8.06 23.33 -20.56
N ILE F 114 -7.17 23.89 -19.73
CA ILE F 114 -6.74 23.24 -18.50
C ILE F 114 -6.64 24.27 -17.38
N ASP F 115 -7.13 23.91 -16.20
CA ASP F 115 -7.00 24.75 -15.02
C ASP F 115 -5.85 24.20 -14.19
N ILE F 116 -4.92 25.08 -13.81
CA ILE F 116 -3.70 24.67 -13.13
C ILE F 116 -3.31 25.68 -12.07
N MET F 117 -2.60 25.20 -11.05
CA MET F 117 -2.01 26.03 -10.01
C MET F 117 -0.54 26.22 -10.33
N ILE F 118 -0.05 27.46 -10.19
CA ILE F 118 1.33 27.78 -10.47
C ILE F 118 1.87 28.72 -9.41
N GLY F 119 3.20 28.74 -9.29
CA GLY F 119 3.87 29.54 -8.28
C GLY F 119 4.02 28.82 -6.96
N ALA F 120 4.59 29.54 -5.99
CA ALA F 120 4.80 29.01 -4.65
C ALA F 120 4.62 30.12 -3.63
N GLY F 121 4.24 29.71 -2.42
CA GLY F 121 4.01 30.67 -1.36
C GLY F 121 3.00 31.73 -1.75
N GLU F 122 3.32 32.99 -1.44
CA GLU F 122 2.44 34.10 -1.77
C GLU F 122 2.22 34.26 -3.26
N THR F 123 3.04 33.63 -4.10
CA THR F 123 2.87 33.68 -5.54
C THR F 123 1.93 32.60 -6.08
N SER F 124 1.52 31.64 -5.26
CA SER F 124 0.67 30.57 -5.76
C SER F 124 -0.63 31.13 -6.31
N ARG F 125 -0.95 30.77 -7.54
CA ARG F 125 -2.15 31.28 -8.20
C ARG F 125 -2.63 30.27 -9.23
N SER F 126 -3.92 30.36 -9.53
CA SER F 126 -4.57 29.53 -10.55
C SER F 126 -4.47 30.21 -11.91
N VAL F 127 -4.32 29.40 -12.96
CA VAL F 127 -4.25 29.90 -14.32
C VAL F 127 -5.16 29.06 -15.21
N HIS F 128 -5.69 29.69 -16.25
CA HIS F 128 -6.57 29.04 -17.22
C HIS F 128 -5.89 29.00 -18.58
N LEU F 129 -5.27 27.86 -18.89
CA LEU F 129 -4.60 27.64 -20.17
C LEU F 129 -5.60 27.35 -21.28
N ASP F 130 -5.26 27.77 -22.50
CA ASP F 130 -6.12 27.59 -23.67
C ASP F 130 -5.27 26.97 -24.78
N LEU F 131 -5.46 25.65 -25.00
CA LEU F 131 -4.66 24.87 -25.94
C LEU F 131 -5.10 25.04 -27.39
N PRO F 132 -4.17 24.92 -28.33
CA PRO F 132 -4.54 24.91 -29.75
C PRO F 132 -5.19 23.59 -30.13
N PRO F 133 -5.89 23.53 -31.26
CA PRO F 133 -6.51 22.27 -31.68
C PRO F 133 -5.48 21.17 -31.90
N PHE F 134 -5.84 19.94 -31.51
CA PHE F 134 -4.96 18.79 -31.65
C PHE F 134 -5.79 17.52 -31.72
N THR F 135 -5.17 16.43 -32.18
CA THR F 135 -5.80 15.12 -32.26
C THR F 135 -5.05 14.12 -31.39
N LEU F 136 -5.77 13.46 -30.48
CA LEU F 136 -5.19 12.43 -29.62
C LEU F 136 -5.41 11.05 -30.23
N VAL F 137 -4.37 10.23 -30.22
CA VAL F 137 -4.45 8.83 -30.65
C VAL F 137 -4.04 7.95 -29.47
N GLY F 138 -4.97 7.13 -29.00
CA GLY F 138 -4.73 6.24 -27.89
C GLY F 138 -4.57 4.79 -28.31
N ALA F 139 -3.76 4.04 -27.54
CA ALA F 139 -3.54 2.63 -27.79
C ALA F 139 -3.70 1.83 -26.51
N THR F 140 -4.39 0.69 -26.61
CA THR F 140 -4.64 -0.17 -25.46
C THR F 140 -4.92 -1.58 -25.97
N THR F 141 -4.82 -2.55 -25.06
CA THR F 141 -5.06 -3.94 -25.45
C THR F 141 -6.54 -4.28 -25.51
N ARG F 142 -7.36 -3.73 -24.60
CA ARG F 142 -8.78 -4.05 -24.56
C ARG F 142 -9.57 -2.79 -24.21
N ALA F 143 -10.82 -2.75 -24.68
CA ALA F 143 -11.65 -1.59 -24.43
C ALA F 143 -12.16 -1.56 -22.99
N GLY F 144 -12.42 -2.73 -22.41
CA GLY F 144 -12.89 -2.80 -21.04
C GLY F 144 -11.85 -2.43 -20.00
N MET F 145 -10.64 -2.08 -20.43
CA MET F 145 -9.60 -1.65 -19.52
C MET F 145 -9.76 -0.20 -19.08
N LEU F 146 -10.31 0.64 -19.93
CA LEU F 146 -10.46 2.07 -19.65
C LEU F 146 -11.75 2.35 -18.89
N SER F 147 -11.74 3.48 -18.18
CA SER F 147 -12.91 3.93 -17.44
C SER F 147 -13.99 4.44 -18.39
N ASN F 148 -15.25 4.28 -17.97
CA ASN F 148 -16.36 4.73 -18.79
C ASN F 148 -16.34 6.21 -19.12
N PRO F 149 -15.94 7.12 -18.21
CA PRO F 149 -15.92 8.54 -18.56
C PRO F 149 -14.86 8.90 -19.58
N LEU F 150 -13.77 8.13 -19.71
CA LEU F 150 -12.76 8.40 -20.72
C LEU F 150 -13.17 7.83 -22.08
N ARG F 151 -13.58 6.57 -22.10
CA ARG F 151 -13.96 5.92 -23.34
C ARG F 151 -15.05 6.69 -24.08
N ALA F 152 -15.96 7.32 -23.35
CA ALA F 152 -17.04 8.09 -23.97
C ALA F 152 -16.55 9.35 -24.69
N ARG F 153 -15.33 9.81 -24.44
CA ARG F 153 -14.83 11.02 -25.09
C ARG F 153 -14.11 10.76 -26.41
N PHE F 154 -13.73 9.52 -26.71
CA PHE F 154 -13.12 9.21 -28.00
C PHE F 154 -14.19 9.11 -29.08
N GLY F 155 -13.92 9.73 -30.22
CA GLY F 155 -14.89 9.77 -31.31
C GLY F 155 -14.78 8.69 -32.36
N ILE F 156 -13.64 7.99 -32.44
CA ILE F 156 -13.43 6.95 -33.44
C ILE F 156 -12.80 5.75 -32.73
N ASN F 157 -13.24 4.55 -33.11
CA ASN F 157 -12.73 3.31 -32.54
C ASN F 157 -12.26 2.37 -33.63
N GLY F 158 -11.08 1.79 -33.46
CA GLY F 158 -10.57 0.84 -34.43
C GLY F 158 -10.10 -0.45 -33.78
N HIS F 159 -10.61 -1.58 -34.27
CA HIS F 159 -10.19 -2.89 -33.79
C HIS F 159 -9.30 -3.53 -34.85
N MET F 160 -8.13 -3.99 -34.44
CA MET F 160 -7.15 -4.57 -35.35
C MET F 160 -7.01 -6.07 -35.14
N GLU F 161 -6.78 -6.80 -36.23
CA GLU F 161 -6.80 -8.26 -36.24
C GLU F 161 -5.54 -8.83 -36.85
N TYR F 162 -5.31 -10.11 -36.57
CA TYR F 162 -4.16 -10.84 -37.10
C TYR F 162 -4.21 -10.93 -38.63
N TYR F 163 -3.03 -10.91 -39.24
CA TYR F 163 -2.90 -10.97 -40.69
C TYR F 163 -3.02 -12.42 -41.19
N GLU F 164 -3.54 -12.56 -42.41
CA GLU F 164 -3.69 -13.86 -43.07
C GLU F 164 -2.46 -14.19 -43.92
N LEU F 165 -2.35 -15.47 -44.29
CA LEU F 165 -1.19 -15.90 -45.06
C LEU F 165 -0.97 -15.14 -46.36
N PRO F 166 -2.00 -14.80 -47.14
CA PRO F 166 -1.75 -14.03 -48.36
C PRO F 166 -1.18 -12.64 -48.10
N ASP F 167 -1.53 -12.03 -46.96
CA ASP F 167 -1.01 -10.72 -46.61
C ASP F 167 0.44 -10.80 -46.13
N LEU F 168 0.71 -11.68 -45.16
CA LEU F 168 2.08 -11.81 -44.67
C LEU F 168 3.05 -12.18 -45.78
N THR F 169 2.60 -13.01 -46.72
CA THR F 169 3.49 -13.36 -47.84
C THR F 169 3.93 -12.12 -48.59
N GLU F 170 3.01 -11.20 -48.86
CA GLU F 170 3.38 -9.98 -49.57
C GLU F 170 4.25 -9.07 -48.71
N ILE F 171 4.00 -9.02 -47.41
CA ILE F 171 4.85 -8.23 -46.52
C ILE F 171 6.26 -8.78 -46.48
N VAL F 172 6.40 -10.11 -46.45
CA VAL F 172 7.73 -10.71 -46.46
C VAL F 172 8.42 -10.45 -47.79
N GLU F 173 7.70 -10.60 -48.90
CA GLU F 173 8.29 -10.31 -50.20
C GLU F 173 8.68 -8.84 -50.33
N ARG F 174 7.88 -7.94 -49.76
CA ARG F 174 8.23 -6.52 -49.77
C ARG F 174 9.50 -6.27 -48.98
N THR F 175 9.58 -6.80 -47.77
CA THR F 175 10.75 -6.57 -46.93
C THR F 175 12.01 -7.13 -47.58
N SER F 176 11.89 -8.29 -48.21
CA SER F 176 13.00 -8.93 -48.93
C SER F 176 13.33 -8.22 -50.22
N GLU F 177 12.72 -7.07 -50.48
CA GLU F 177 13.07 -6.23 -51.61
C GLU F 177 13.83 -4.99 -51.19
N ILE F 178 13.67 -4.56 -49.94
CA ILE F 178 14.45 -3.43 -49.44
C ILE F 178 15.87 -3.90 -49.21
N PHE F 179 16.02 -5.05 -48.57
CA PHE F 179 17.31 -5.72 -48.54
C PHE F 179 17.54 -6.26 -49.94
N GLU F 180 18.74 -6.07 -50.49
CA GLU F 180 19.00 -6.58 -51.83
C GLU F 180 19.22 -8.08 -51.69
N MET F 181 18.10 -8.81 -51.64
CA MET F 181 18.08 -10.23 -51.37
C MET F 181 17.07 -10.89 -52.31
N THR F 182 17.20 -12.21 -52.45
CA THR F 182 16.31 -12.98 -53.31
C THR F 182 15.68 -14.10 -52.50
N ILE F 183 14.36 -14.24 -52.60
CA ILE F 183 13.62 -15.29 -51.89
C ILE F 183 12.61 -15.91 -52.85
N THR F 184 12.55 -17.24 -52.88
CA THR F 184 11.60 -17.93 -53.73
C THR F 184 10.20 -17.93 -53.10
N PRO F 185 9.15 -17.97 -53.93
CA PRO F 185 7.78 -17.95 -53.38
C PRO F 185 7.51 -19.04 -52.36
N GLU F 186 8.05 -20.24 -52.58
CA GLU F 186 7.85 -21.33 -51.61
C GLU F 186 8.53 -21.01 -50.29
N ALA F 187 9.71 -20.38 -50.33
CA ALA F 187 10.37 -20.00 -49.10
C ALA F 187 9.60 -18.92 -48.35
N ALA F 188 9.12 -17.90 -49.07
CA ALA F 188 8.36 -16.84 -48.44
C ALA F 188 7.10 -17.38 -47.77
N LEU F 189 6.41 -18.32 -48.41
CA LEU F 189 5.23 -18.91 -47.80
C LEU F 189 5.58 -19.70 -46.54
N GLU F 190 6.66 -20.48 -46.60
CA GLU F 190 7.06 -21.25 -45.42
C GLU F 190 7.47 -20.33 -44.27
N LEU F 191 8.22 -19.28 -44.56
CA LEU F 191 8.64 -18.35 -43.52
C LEU F 191 7.44 -17.62 -42.89
N ALA F 192 6.45 -17.27 -43.70
CA ALA F 192 5.25 -16.62 -43.18
C ALA F 192 4.44 -17.54 -42.29
N ARG F 193 4.27 -18.80 -42.69
CA ARG F 193 3.50 -19.75 -41.90
C ARG F 193 4.03 -19.89 -40.49
N ARG F 194 5.33 -19.67 -40.30
CA ARG F 194 5.99 -19.74 -39.00
C ARG F 194 5.93 -18.46 -38.18
N SER F 195 5.39 -17.36 -38.72
CA SER F 195 5.50 -16.05 -38.08
C SER F 195 4.33 -15.68 -37.16
N ARG F 196 3.54 -16.64 -36.71
CA ARG F 196 2.43 -16.36 -35.78
C ARG F 196 1.53 -15.22 -36.24
N GLY F 197 1.38 -15.03 -37.55
CA GLY F 197 0.51 -13.97 -38.04
C GLY F 197 0.86 -12.54 -37.67
N THR F 198 2.06 -12.28 -37.15
CA THR F 198 2.40 -10.95 -36.63
C THR F 198 3.53 -10.35 -37.47
N PRO F 199 3.35 -9.18 -38.07
CA PRO F 199 4.41 -8.63 -38.94
C PRO F 199 5.74 -8.39 -38.26
N ARG F 200 5.74 -8.04 -36.97
CA ARG F 200 7.02 -7.78 -36.30
C ARG F 200 7.90 -9.03 -36.28
N ILE F 201 7.32 -10.19 -35.96
CA ILE F 201 8.10 -11.42 -35.94
C ILE F 201 8.63 -11.75 -37.32
N ALA F 202 7.82 -11.56 -38.36
CA ALA F 202 8.25 -11.85 -39.73
C ALA F 202 9.48 -11.05 -40.11
N ASN F 203 9.56 -9.78 -39.71
CA ASN F 203 10.74 -8.99 -40.01
C ASN F 203 11.97 -9.48 -39.26
N ARG F 204 11.81 -9.91 -38.02
CA ARG F 204 12.95 -10.40 -37.24
C ARG F 204 13.51 -11.71 -37.82
N LEU F 205 12.64 -12.66 -38.15
CA LEU F 205 13.10 -13.92 -38.72
C LEU F 205 13.80 -13.71 -40.06
N LEU F 206 13.23 -12.88 -40.93
CA LEU F 206 13.85 -12.65 -42.23
C LEU F 206 15.27 -12.13 -42.10
N LYS F 207 15.54 -11.29 -41.10
CA LYS F 207 16.90 -10.81 -40.87
C LYS F 207 17.86 -11.95 -40.51
N ARG F 208 17.46 -12.81 -39.58
CA ARG F 208 18.34 -13.90 -39.17
C ARG F 208 18.56 -14.91 -40.29
N VAL F 209 17.52 -15.24 -41.05
CA VAL F 209 17.69 -16.15 -42.17
C VAL F 209 18.61 -15.56 -43.24
N ARG F 210 18.51 -14.25 -43.45
CA ARG F 210 19.42 -13.59 -44.39
C ARG F 210 20.88 -13.76 -43.98
N ASP F 211 21.19 -13.60 -42.70
CA ASP F 211 22.55 -13.83 -42.22
C ASP F 211 23.00 -15.26 -42.49
N TYR F 212 22.15 -16.23 -42.18
CA TYR F 212 22.50 -17.63 -42.38
C TYR F 212 22.75 -17.95 -43.86
N ALA F 213 21.91 -17.42 -44.75
CA ALA F 213 22.10 -17.67 -46.17
C ALA F 213 23.40 -17.06 -46.70
N GLN F 214 23.89 -16.00 -46.06
CA GLN F 214 25.15 -15.39 -46.48
C GLN F 214 26.37 -16.20 -46.05
N ILE F 215 26.38 -16.65 -44.80
CA ILE F 215 27.55 -17.36 -44.26
C ILE F 215 27.48 -18.85 -44.53
N MET F 216 26.32 -19.47 -44.40
CA MET F 216 26.19 -20.90 -44.52
C MET F 216 25.63 -21.36 -45.86
N GLY F 217 25.42 -20.45 -46.81
CA GLY F 217 24.82 -20.84 -48.08
C GLY F 217 25.32 -20.04 -49.27
N ASP F 218 24.60 -20.13 -50.39
CA ASP F 218 24.97 -19.47 -51.63
C ASP F 218 24.46 -18.05 -51.76
N GLY F 219 23.98 -17.45 -50.67
CA GLY F 219 23.48 -16.08 -50.72
C GLY F 219 22.06 -15.94 -51.21
N VAL F 220 21.33 -17.04 -51.38
CA VAL F 220 19.95 -17.03 -51.84
C VAL F 220 19.13 -17.86 -50.86
N ILE F 221 17.93 -17.38 -50.53
CA ILE F 221 17.08 -18.05 -49.56
C ILE F 221 16.16 -19.01 -50.30
N ASP F 222 16.30 -20.30 -50.00
CA ASP F 222 15.49 -21.35 -50.62
C ASP F 222 14.90 -22.24 -49.53
N ASP F 223 13.86 -22.97 -49.92
CA ASP F 223 13.14 -23.83 -48.98
C ASP F 223 14.09 -24.71 -48.18
N LYS F 224 15.06 -25.33 -48.84
CA LYS F 224 16.00 -26.20 -48.12
C LYS F 224 16.86 -25.41 -47.14
N ILE F 225 17.20 -24.17 -47.47
CA ILE F 225 18.02 -23.35 -46.58
C ILE F 225 17.18 -22.79 -45.43
N ALA F 226 16.02 -22.23 -45.76
CA ALA F 226 15.15 -21.66 -44.72
C ALA F 226 14.74 -22.72 -43.70
N ASP F 227 14.46 -23.93 -44.15
CA ASP F 227 14.10 -25.01 -43.23
C ASP F 227 15.17 -25.20 -42.16
N GLN F 228 16.43 -25.29 -42.57
CA GLN F 228 17.53 -25.47 -41.62
C GLN F 228 17.69 -24.27 -40.70
N ALA F 229 17.70 -23.06 -41.26
CA ALA F 229 17.88 -21.86 -40.45
C ALA F 229 16.83 -21.78 -39.35
N LEU F 230 15.55 -21.96 -39.68
CA LEU F 230 14.51 -21.91 -38.66
C LEU F 230 14.61 -23.06 -37.69
N THR F 231 15.15 -24.20 -38.12
CA THR F 231 15.33 -25.33 -37.20
C THR F 231 16.43 -25.04 -36.20
N MET F 232 17.40 -24.20 -36.56
CA MET F 232 18.46 -23.86 -35.64
C MET F 232 17.97 -22.91 -34.56
N LEU F 233 17.05 -22.02 -34.92
CA LEU F 233 16.34 -21.22 -33.92
C LEU F 233 15.34 -22.12 -33.20
N ASP F 234 14.69 -21.57 -32.18
CA ASP F 234 13.72 -22.33 -31.40
C ASP F 234 12.32 -22.34 -32.01
N VAL F 235 12.13 -21.74 -33.19
CA VAL F 235 10.79 -21.66 -33.77
C VAL F 235 10.34 -23.04 -34.20
N ASP F 236 9.25 -23.51 -33.62
CA ASP F 236 8.69 -24.82 -33.92
C ASP F 236 8.21 -24.89 -35.37
N HIS F 237 7.91 -26.11 -35.82
CA HIS F 237 7.45 -26.31 -37.19
C HIS F 237 6.08 -25.72 -37.46
N GLU F 238 5.44 -25.08 -36.48
CA GLU F 238 4.22 -24.31 -36.73
C GLU F 238 4.21 -23.02 -35.93
N GLY F 239 5.40 -22.48 -35.67
CA GLY F 239 5.56 -21.18 -35.05
C GLY F 239 5.52 -21.11 -33.54
N LEU F 240 5.20 -22.18 -32.84
CA LEU F 240 5.13 -22.07 -31.39
C LEU F 240 6.51 -21.71 -30.83
N ASP F 241 6.51 -20.75 -29.91
CA ASP F 241 7.72 -20.33 -29.23
C ASP F 241 8.07 -21.30 -28.11
N TYR F 242 9.30 -21.20 -27.61
CA TYR F 242 9.68 -22.03 -26.48
C TYR F 242 8.83 -21.72 -25.27
N VAL F 243 8.42 -20.46 -25.10
CA VAL F 243 7.54 -20.10 -24.00
C VAL F 243 6.19 -20.77 -24.15
N ASP F 244 5.71 -20.89 -25.38
CA ASP F 244 4.46 -21.60 -25.64
C ASP F 244 4.56 -23.06 -25.23
N GLN F 245 5.66 -23.71 -25.61
CA GLN F 245 5.85 -25.12 -25.27
C GLN F 245 5.88 -25.32 -23.76
N LYS F 246 6.55 -24.41 -23.05
CA LYS F 246 6.58 -24.47 -21.59
C LYS F 246 5.17 -24.50 -21.00
N ILE F 247 4.30 -23.62 -21.47
CA ILE F 247 2.92 -23.58 -20.97
C ILE F 247 2.20 -24.90 -21.25
N LEU F 248 2.15 -25.31 -22.51
CA LEU F 248 1.43 -26.53 -22.86
C LEU F 248 1.95 -27.74 -22.08
N ARG F 249 3.27 -27.88 -22.01
CA ARG F 249 3.86 -29.00 -21.27
C ARG F 249 3.48 -28.96 -19.79
N THR F 250 3.49 -27.78 -19.18
CA THR F 250 3.14 -27.65 -17.77
C THR F 250 1.70 -28.08 -17.49
N MET F 251 0.76 -27.67 -18.34
CA MET F 251 -0.63 -28.04 -18.13
C MET F 251 -0.84 -29.55 -18.18
N ILE F 252 -0.21 -30.24 -19.13
CA ILE F 252 -0.41 -31.68 -19.26
C ILE F 252 0.33 -32.45 -18.18
N GLU F 253 1.59 -32.09 -17.91
CA GLU F 253 2.39 -32.86 -16.96
C GLU F 253 2.12 -32.50 -15.50
N MET F 254 2.13 -31.21 -15.15
CA MET F 254 1.94 -30.84 -13.75
C MET F 254 0.48 -30.69 -13.34
N TYR F 255 -0.41 -30.33 -14.27
CA TYR F 255 -1.82 -30.19 -13.96
C TYR F 255 -2.72 -31.26 -14.58
N GLY F 256 -2.19 -32.11 -15.45
CA GLY F 256 -3.02 -33.14 -16.04
C GLY F 256 -4.10 -32.62 -16.96
N GLY F 257 -3.82 -31.54 -17.70
CA GLY F 257 -4.76 -30.95 -18.61
C GLY F 257 -5.67 -29.89 -18.05
N GLY F 258 -5.67 -29.67 -16.73
CA GLY F 258 -6.52 -28.67 -16.14
C GLY F 258 -7.72 -29.28 -15.43
N PRO F 259 -8.68 -28.43 -15.03
CA PRO F 259 -8.69 -26.98 -15.22
C PRO F 259 -7.68 -26.26 -14.33
N VAL F 260 -7.15 -25.13 -14.80
CA VAL F 260 -6.21 -24.34 -14.02
C VAL F 260 -6.39 -22.87 -14.38
N GLY F 261 -6.25 -22.02 -13.37
CA GLY F 261 -6.37 -20.58 -13.59
C GLY F 261 -5.07 -19.98 -14.08
N LEU F 262 -5.18 -18.98 -14.95
CA LEU F 262 -4.00 -18.32 -15.48
C LEU F 262 -3.18 -17.64 -14.38
N GLY F 263 -3.82 -17.25 -13.28
CA GLY F 263 -3.08 -16.66 -12.18
C GLY F 263 -2.11 -17.64 -11.54
N THR F 264 -2.62 -18.80 -11.14
CA THR F 264 -1.78 -19.83 -10.53
C THR F 264 -0.74 -20.36 -11.51
N LEU F 265 -1.11 -20.51 -12.78
CA LEU F 265 -0.16 -20.99 -13.77
C LEU F 265 1.01 -20.03 -13.93
N SER F 266 0.72 -18.73 -14.03
CA SER F 266 1.77 -17.73 -14.18
C SER F 266 2.89 -17.87 -13.15
N VAL F 267 2.53 -17.96 -11.87
CA VAL F 267 3.54 -18.10 -10.82
C VAL F 267 4.28 -19.43 -10.90
N ASN F 268 3.66 -20.47 -11.47
CA ASN F 268 4.36 -21.74 -11.61
C ASN F 268 5.34 -21.73 -12.77
N ILE F 269 4.99 -21.07 -13.87
CA ILE F 269 5.90 -20.95 -15.01
C ILE F 269 6.87 -19.78 -14.88
N ALA F 270 6.70 -18.94 -13.86
CA ALA F 270 7.54 -17.76 -13.65
C ALA F 270 7.44 -16.77 -14.81
N GLU F 271 6.23 -16.51 -15.26
CA GLU F 271 5.94 -15.54 -16.30
C GLU F 271 4.99 -14.50 -15.72
N GLU F 272 5.18 -13.24 -16.11
CA GLU F 272 4.29 -12.20 -15.62
C GLU F 272 2.89 -12.39 -16.19
N ARG F 273 1.90 -12.38 -15.29
CA ARG F 273 0.51 -12.66 -15.67
C ARG F 273 0.03 -11.81 -16.85
N GLU F 274 0.40 -10.53 -16.88
CA GLU F 274 -0.03 -9.67 -17.98
C GLU F 274 0.54 -10.09 -19.33
N THR F 275 1.70 -10.74 -19.36
CA THR F 275 2.25 -11.18 -20.64
C THR F 275 1.51 -12.39 -21.18
N VAL F 276 1.22 -13.38 -20.33
CA VAL F 276 0.51 -14.57 -20.79
C VAL F 276 -0.91 -14.21 -21.18
N GLU F 277 -1.56 -13.31 -20.43
CA GLU F 277 -2.91 -12.89 -20.77
C GLU F 277 -2.96 -12.15 -22.11
N ASP F 278 -2.06 -11.18 -22.30
CA ASP F 278 -2.11 -10.32 -23.48
C ASP F 278 -1.34 -10.82 -24.69
N MET F 279 -0.28 -11.62 -24.51
CA MET F 279 0.54 -12.04 -25.64
C MET F 279 0.36 -13.51 -26.05
N TYR F 280 0.37 -14.43 -25.09
CA TYR F 280 0.39 -15.86 -25.44
C TYR F 280 -0.97 -16.52 -25.50
N GLU F 281 -1.81 -16.34 -24.49
CA GLU F 281 -3.14 -16.96 -24.53
C GLU F 281 -3.96 -16.57 -25.75
N PRO F 282 -3.98 -15.31 -26.21
CA PRO F 282 -4.85 -14.96 -27.34
C PRO F 282 -4.60 -15.80 -28.59
N TYR F 283 -3.33 -16.03 -28.95
CA TYR F 283 -3.03 -16.84 -30.12
C TYR F 283 -3.34 -18.31 -29.88
N LEU F 284 -2.99 -18.84 -28.71
CA LEU F 284 -3.26 -20.24 -28.41
C LEU F 284 -4.75 -20.57 -28.41
N ILE F 285 -5.59 -19.63 -28.00
CA ILE F 285 -7.04 -19.86 -28.02
C ILE F 285 -7.58 -19.81 -29.45
N GLN F 286 -7.27 -18.75 -30.18
CA GLN F 286 -7.76 -18.60 -31.54
C GLN F 286 -7.25 -19.66 -32.51
N LYS F 287 -6.41 -20.58 -32.04
CA LYS F 287 -5.90 -21.64 -32.91
C LYS F 287 -6.20 -23.04 -32.38
N GLY F 288 -7.01 -23.14 -31.33
CA GLY F 288 -7.46 -24.42 -30.83
C GLY F 288 -6.49 -25.22 -29.99
N PHE F 289 -5.38 -24.63 -29.56
CA PHE F 289 -4.46 -25.38 -28.72
C PHE F 289 -4.93 -25.42 -27.28
N ILE F 290 -5.63 -24.38 -26.84
CA ILE F 290 -6.16 -24.28 -25.49
C ILE F 290 -7.65 -23.99 -25.58
N MET F 291 -8.40 -24.51 -24.62
CA MET F 291 -9.83 -24.29 -24.52
C MET F 291 -10.15 -23.63 -23.19
N ARG F 292 -11.20 -22.83 -23.16
CA ARG F 292 -11.61 -22.11 -21.97
C ARG F 292 -12.92 -22.68 -21.43
N THR F 293 -12.98 -22.84 -20.11
CA THR F 293 -14.15 -23.38 -19.44
C THR F 293 -14.41 -22.58 -18.19
N ARG F 294 -15.60 -22.79 -17.61
CA ARG F 294 -16.00 -22.08 -16.40
C ARG F 294 -14.94 -22.17 -15.31
N THR F 295 -14.31 -23.34 -15.17
CA THR F 295 -13.32 -23.52 -14.09
C THR F 295 -11.94 -23.00 -14.48
N GLY F 296 -11.62 -22.94 -15.76
CA GLY F 296 -10.30 -22.49 -16.18
C GLY F 296 -9.98 -23.02 -17.57
N ARG F 297 -8.70 -22.94 -17.92
CA ARG F 297 -8.24 -23.38 -19.21
C ARG F 297 -8.01 -24.89 -19.25
N VAL F 298 -8.23 -25.48 -20.42
CA VAL F 298 -8.04 -26.92 -20.63
C VAL F 298 -7.37 -27.11 -21.99
N ALA F 299 -6.39 -28.00 -22.04
CA ALA F 299 -5.68 -28.29 -23.28
C ALA F 299 -6.50 -29.23 -24.16
N THR F 300 -6.62 -28.89 -25.44
CA THR F 300 -7.38 -29.71 -26.36
C THR F 300 -6.57 -30.92 -26.82
N ALA F 301 -7.26 -31.88 -27.44
CA ALA F 301 -6.61 -33.07 -27.95
C ALA F 301 -5.51 -32.74 -28.96
N LYS F 302 -5.69 -31.66 -29.73
CA LYS F 302 -4.67 -31.25 -30.68
C LYS F 302 -3.33 -31.00 -30.00
N ALA F 303 -3.37 -30.46 -28.78
CA ALA F 303 -2.13 -30.21 -28.04
C ALA F 303 -1.45 -31.51 -27.64
N TYR F 304 -2.21 -32.50 -27.22
CA TYR F 304 -1.61 -33.79 -26.84
C TYR F 304 -0.87 -34.41 -28.02
N GLU F 305 -1.47 -34.41 -29.21
CA GLU F 305 -0.80 -34.99 -30.37
C GLU F 305 0.37 -34.14 -30.84
N HIS F 306 0.40 -32.85 -30.51
CA HIS F 306 1.51 -32.00 -30.91
C HIS F 306 2.69 -32.15 -29.96
N MET F 307 2.43 -32.13 -28.65
CA MET F 307 3.49 -32.26 -27.68
C MET F 307 3.97 -33.71 -27.51
N GLY F 308 3.29 -34.66 -28.12
CA GLY F 308 3.72 -36.05 -28.07
C GLY F 308 3.21 -36.85 -26.90
N TYR F 309 2.13 -36.41 -26.27
CA TYR F 309 1.53 -37.12 -25.15
C TYR F 309 0.33 -37.92 -25.65
N ASP F 310 -0.22 -38.73 -24.74
CA ASP F 310 -1.37 -39.57 -25.06
C ASP F 310 -2.64 -38.96 -24.46
N TYR F 311 -3.61 -38.65 -25.31
CA TYR F 311 -4.87 -38.04 -24.89
C TYR F 311 -5.78 -39.09 -24.26
N THR F 312 -5.34 -39.60 -23.12
CA THR F 312 -6.11 -40.60 -22.40
C THR F 312 -7.36 -39.97 -21.79
PG AGS I . -19.19 14.52 -17.13
S1G AGS I . -20.05 13.74 -15.57
O2G AGS I . -18.43 15.81 -16.73
O3G AGS I . -18.19 13.48 -17.70
PB AGS I . -21.13 16.16 -18.15
O1B AGS I . -22.15 16.03 -17.11
O2B AGS I . -20.15 17.32 -17.88
O3B AGS I . -20.23 14.86 -18.23
PA AGS I . -21.72 17.83 -20.29
O1A AGS I . -22.34 18.88 -19.50
O2A AGS I . -20.24 18.12 -20.59
O3A AGS I . -21.75 16.43 -19.58
O5' AGS I . -22.52 17.61 -21.62
C5' AGS I . -21.94 16.81 -22.67
C4' AGS I . -22.40 17.31 -24.02
O4' AGS I . -23.84 17.31 -24.08
C3' AGS I . -21.95 18.73 -24.37
O3' AGS I . -21.55 18.81 -25.74
C2' AGS I . -23.21 19.56 -24.10
O2' AGS I . -23.27 20.72 -24.93
C1' AGS I . -24.31 18.58 -24.48
N9 AGS I . -25.57 18.83 -23.79
C8 AGS I . -25.91 18.44 -22.53
N7 AGS I . -27.12 18.78 -22.17
C5 AGS I . -27.62 19.42 -23.29
C6 AGS I . -28.88 20.01 -23.55
N6 AGS I . -29.88 20.06 -22.68
N1 AGS I . -29.05 20.57 -24.77
C2 AGS I . -28.04 20.53 -25.65
N3 AGS I . -26.83 19.99 -25.52
C4 AGS I . -26.68 19.45 -24.30
HOG2 AGS I . -17.72 15.60 -16.25
H21 AGS I . -18.26 12.72 -17.26
H5'1 AGS I . -22.21 15.88 -22.56
H5'2 AGS I . -20.97 16.87 -22.62
H4' AGS I . -22.07 16.70 -24.70
H3' AGS I . -21.23 19.01 -23.79
HO3' AGS I . -20.70 18.58 -25.81
H2' AGS I . -23.25 19.80 -23.16
HO2' AGS I . -22.73 20.62 -25.62
H1' AGS I . -24.45 18.59 -25.44
H8 AGS I . -25.30 17.97 -21.94
HN61 AGS I . -29.75 19.76 -21.83
HN62 AGS I . -30.69 20.39 -22.93
H2 AGS I . -28.23 20.94 -26.52
MG MG J . -18.26 17.56 -17.34
PG AGS K . -20.55 19.19 12.20
S1G AGS K . -20.05 17.39 12.73
O2G AGS K . -19.53 20.22 12.73
O3G AGS K . -20.61 19.26 10.66
PB AGS K . -22.13 20.38 14.08
O1B AGS K . -21.99 19.48 15.24
O2B AGS K . -21.05 21.44 14.04
O3B AGS K . -21.96 19.59 12.72
PA AGS K . -23.67 22.67 14.39
O1A AGS K . -23.31 22.98 15.78
O2A AGS K . -22.84 23.46 13.39
O3A AGS K . -23.51 21.14 14.02
O5' AGS K . -25.21 22.94 14.17
C5' AGS K . -25.73 23.16 12.86
C4' AGS K . -26.85 24.16 12.95
O4' AGS K . -27.83 23.68 13.88
C3' AGS K . -26.43 25.55 13.44
O3' AGS K . -26.97 26.56 12.61
C2' AGS K . -26.97 25.62 14.87
O2' AGS K . -27.37 26.94 15.20
C1' AGS K . -28.18 24.69 14.78
N9 AGS K . -28.54 24.08 16.06
C8 AGS K . -28.05 22.90 16.56
N7 AGS K . -28.56 22.56 17.72
C5 AGS K . -29.45 23.58 18.00
C6 AGS K . -30.32 23.82 19.09
N6 AGS K . -30.42 23.01 20.13
N1 AGS K . -31.07 24.93 19.04
C2 AGS K . -30.98 25.74 17.99
N3 AGS K . -30.20 25.63 16.91
C4 AGS K . -29.45 24.51 16.97
HOG2 AGS K . -18.79 20.18 12.24
H21 AGS K . -20.87 18.47 10.34
H5'1 AGS K . -26.06 22.33 12.48
H5'2 AGS K . -25.02 23.52 12.28
H4' AGS K . -27.25 24.25 12.08
H3' AGS K . -25.46 25.62 13.45
HO3' AGS K . -27.25 27.24 13.11
H2' AGS K . -26.32 25.28 15.50
HO2' AGS K . -28.06 26.91 15.76
H1' AGS K . -28.95 25.19 14.44
H8 AGS K . -27.37 22.37 16.11
HN61 AGS K . -29.87 22.29 20.21
HN62 AGS K . -31.04 23.17 20.78
H2 AGS K . -31.55 26.53 18.01
MG MG L . -19.01 21.84 13.73
PG AGS M . 0.11 6.18 30.02
S1G AGS M . 0.45 4.73 28.79
O2G AGS M . 1.42 6.97 30.31
O3G AGS M . -0.93 7.14 29.39
PB AGS M . 0.45 5.54 32.65
O1B AGS M . 1.22 4.28 32.62
O2B AGS M . 1.37 6.75 32.63
O3B AGS M . -0.47 5.69 31.38
PA AGS M . 0.00 6.69 35.07
O1A AGS M . 1.27 6.33 35.67
O2A AGS M . 0.05 8.08 34.44
O3A AGS M . -0.43 5.70 33.93
O5' AGS M . -1.17 6.58 36.11
C5' AGS M . -2.40 7.28 35.88
C4' AGS M . -3.02 7.65 37.20
O4' AGS M . -3.18 6.44 37.99
C3' AGS M . -2.20 8.63 38.04
O3' AGS M . -3.05 9.61 38.64
C2' AGS M . -1.57 7.73 39.10
O2' AGS M . -1.35 8.43 40.32
C1' AGS M . -2.63 6.65 39.27
N9 AGS M . -2.12 5.37 39.76
C8 AGS M . -1.57 4.37 39.00
N7 AGS M . -1.20 3.31 39.71
C5 AGS M . -1.54 3.66 41.00
C6 AGS M . -1.42 2.97 42.23
N6 AGS M . -0.89 1.75 42.34
N1 AGS M . -1.86 3.59 43.34
C2 AGS M . -2.39 4.82 43.23
N3 AGS M . -2.56 5.55 42.13
C4 AGS M . -2.11 4.92 41.05
HOG2 AGS M . 1.56 7.55 29.65
H21 AGS M . -1.50 6.67 28.90
H5'1 AGS M . -3.02 6.71 35.38
H5'2 AGS M . -2.23 8.09 35.36
H4' AGS M . -3.89 8.03 37.04
H3' AGS M . -1.52 9.05 37.51
HO3' AGS M . -2.77 9.78 39.46
H2' AGS M . -0.74 7.34 38.77
HO2' AGS M . -1.42 7.85 41.01
H1' AGS M . -3.32 6.98 39.88
H8 AGS M . -1.46 4.42 38.05
HN61 AGS M . -0.53 1.34 41.61
HN62 AGS M . -0.89 1.33 43.14
H2 AGS M . -2.69 5.21 44.07
MG MG N . 2.75 7.99 31.27
PG AGS O . 24.40 -7.77 17.57
S1G AGS O . 23.61 -8.53 15.96
O2G AGS O . 25.64 -6.92 17.19
O3G AGS O . 23.34 -6.88 18.27
PB AGS O . 26.25 -9.58 18.42
O1B AGS O . 26.28 -10.47 17.23
O2B AGS O . 27.27 -8.45 18.31
O3B AGS O . 24.84 -8.88 18.56
PA AGS O . 27.96 -10.12 20.48
O1A AGS O . 29.09 -10.58 19.65
O2A AGS O . 28.07 -8.63 20.79
O3A AGS O . 26.58 -10.33 19.75
O5' AGS O . 27.88 -10.98 21.78
C5' AGS O . 26.94 -10.58 22.81
C4' AGS O . 27.38 -11.12 24.16
O4' AGS O . 27.53 -12.55 24.08
C3' AGS O . 28.69 -10.57 24.70
O3' AGS O . 28.59 -10.29 26.09
C2' AGS O . 29.68 -11.70 24.43
O2' AGS O . 30.73 -11.74 25.39
C1' AGS O . 28.80 -12.94 24.55
N9 AGS O . 29.26 -14.06 23.75
C8 AGS O . 28.97 -14.31 22.43
N7 AGS O . 29.51 -15.41 21.96
C5 AGS O . 30.17 -15.94 23.06
C6 AGS O . 30.92 -17.11 23.22
N6 AGS O . 31.15 -17.99 22.24
N1 AGS O . 31.44 -17.36 24.44
C2 AGS O . 31.21 -16.48 25.42
N3 AGS O . 30.51 -15.34 25.38
C4 AGS O . 30.01 -15.13 24.17
HOG2 AGS O . 25.38 -6.14 16.85
H21 AGS O . 22.52 -7.09 17.98
H5'1 AGS O . 26.06 -10.92 22.60
H5'2 AGS O . 26.91 -9.61 22.85
H4' AGS O . 26.67 -10.91 24.80
H3' AGS O . 28.95 -9.77 24.20
HO3' AGS O . 29.30 -10.60 26.50
H2' AGS O . 30.05 -11.63 23.52
HO2' AGS O . 30.89 -12.58 25.62
H1' AGS O . 28.74 -13.20 25.48
H8 AGS O . 28.45 -13.70 21.88
HN61 AGS O . 30.79 -17.87 21.42
HN62 AGS O . 31.68 -18.72 22.40
H2 AGS O . 31.61 -16.70 26.29
MG MG P . 27.42 -7.26 16.73
PB ADP Q . 27.76 -13.71 -14.53
O1B ADP Q . 28.12 -12.52 -15.37
O2B ADP Q . 26.88 -14.72 -15.20
O3B ADP Q . 27.35 -13.37 -13.11
PA ADP Q . 30.55 -13.72 -14.58
O1A ADP Q . 30.48 -12.35 -13.95
O2A ADP Q . 30.94 -13.89 -16.03
O3A ADP Q . 29.16 -14.47 -14.32
O5' ADP Q . 31.57 -14.58 -13.69
C5' ADP Q . 32.04 -15.85 -14.15
C4' ADP Q . 33.35 -16.15 -13.44
O4' ADP Q . 33.68 -17.51 -13.73
C3' ADP Q . 34.52 -15.35 -13.97
O3' ADP Q . 35.53 -15.27 -12.95
C2' ADP Q . 34.96 -16.13 -15.19
O2' ADP Q . 36.35 -16.01 -15.46
C1' ADP Q . 34.58 -17.55 -14.85
N9 ADP Q . 33.98 -18.26 -16.01
C8 ADP Q . 32.67 -18.43 -16.27
N7 ADP Q . 32.48 -19.10 -17.42
C5 ADP Q . 33.70 -19.37 -17.94
C6 ADP Q . 34.23 -20.05 -19.13
N6 ADP Q . 33.41 -20.61 -20.06
N1 ADP Q . 35.57 -20.12 -19.28
C2 ADP Q . 36.40 -19.57 -18.38
N3 ADP Q . 35.98 -18.94 -17.27
C4 ADP Q . 34.68 -18.80 -17.01
H5'1 ADP Q . 32.20 -15.82 -15.22
H5'2 ADP Q . 31.30 -16.62 -13.92
H4' ADP Q . 33.23 -16.00 -12.35
H3' ADP Q . 34.18 -14.35 -14.26
HO3' ADP Q . 36.41 -15.37 -13.33
H2' ADP Q . 34.37 -15.79 -16.05
HO2' ADP Q . 36.63 -16.71 -16.07
H1' ADP Q . 35.49 -18.09 -14.55
H8 ADP Q . 31.86 -18.08 -15.63
HN61 ADP Q . 32.41 -20.56 -19.94
HN62 ADP Q . 33.81 -21.07 -20.86
H2 ADP Q . 37.47 -19.65 -18.55
PB ADP R . 3.08 -1.90 -32.59
O1B ADP R . 2.80 -0.45 -32.84
O2B ADP R . 4.05 -2.17 -31.48
O3B ADP R . 1.84 -2.76 -32.57
PA ADP R . 4.80 -1.28 -34.66
O1A ADP R . 5.47 -0.44 -33.60
O2A ADP R . 4.02 -0.65 -35.77
O3A ADP R . 3.86 -2.35 -33.92
O5' ADP R . 5.91 -2.24 -35.31
C5' ADP R . 5.53 -3.03 -36.43
C4' ADP R . 6.77 -3.48 -37.19
O4' ADP R . 6.35 -4.29 -38.30
C3' ADP R . 7.51 -2.35 -37.86
O3' ADP R . 8.85 -2.73 -38.14
C2' ADP R . 6.69 -2.10 -39.10
O2' ADP R . 7.44 -1.52 -40.17
C1' ADP R . 6.21 -3.50 -39.48
N9 ADP R . 4.80 -3.49 -39.94
C8 ADP R . 3.68 -3.60 -39.20
N7 ADP R . 2.58 -3.56 -39.99
C5 ADP R . 2.98 -3.43 -41.25
C6 ADP R . 2.32 -3.33 -42.56
N6 ADP R . 0.97 -3.36 -42.66
N1 ADP R . 3.10 -3.20 -43.65
C2 ADP R . 4.44 -3.17 -43.57
N3 ADP R . 5.10 -3.26 -42.39
C4 ADP R . 4.44 -3.38 -41.22
H5'1 ADP R . 4.90 -2.43 -37.08
H5'2 ADP R . 4.96 -3.90 -36.10
H4' ADP R . 7.44 -4.04 -36.53
H3' ADP R . 7.49 -1.46 -37.21
HO3' ADP R . 9.42 -2.54 -37.38
H2' ADP R . 5.83 -1.47 -38.85
HO2' ADP R . 8.38 -1.70 -40.08
H1' ADP R . 6.86 -3.88 -40.27
H8 ADP R . 3.66 -3.71 -38.13
HN61 ADP R . 0.40 -3.46 -41.83
HN62 ADP R . 0.53 -3.29 -43.57
H2 ADP R . 5.01 -3.06 -44.48
#